data_2KBT
#
_entry.id   2KBT
#
_entity_poly.entity_id   1
_entity_poly.type   'polypeptide(L)'
_entity_poly.pdbx_seq_one_letter_code
;GPGTFGTAKARYDFCARDRSELSLKEGDIIKILNKKGQQGWWRGEIYGRIGWFPSNYVEEDYSEYLPETGGGSGSSMTYK
LILNGKTLKGETTTEAVDAATAEKVFKQYANDNGVDGEWTYDDATKTFTVTEHSLEHHHHHH
;
_entity_poly.pdbx_strand_id   A
#
# COMPACT_ATOMS: atom_id res chain seq x y z
N GLY A 1 -6.51 -17.52 0.41
CA GLY A 1 -6.37 -16.36 -0.47
C GLY A 1 -5.40 -15.35 0.13
N PRO A 2 -5.42 -14.12 -0.46
CA PRO A 2 -4.56 -13.05 0.00
C PRO A 2 -5.07 -12.46 1.32
N GLY A 3 -6.38 -12.57 1.51
CA GLY A 3 -7.01 -12.06 2.72
C GLY A 3 -6.62 -10.60 2.96
N THR A 4 -7.27 -10.00 3.94
CA THR A 4 -7.01 -8.61 4.28
C THR A 4 -5.86 -8.51 5.27
N PHE A 5 -4.79 -7.84 4.83
CA PHE A 5 -3.62 -7.68 5.67
C PHE A 5 -3.77 -6.45 6.58
N GLY A 6 -3.92 -5.29 5.94
CA GLY A 6 -4.08 -4.05 6.66
C GLY A 6 -3.78 -2.85 5.77
N THR A 7 -2.58 -2.31 5.91
CA THR A 7 -2.16 -1.17 5.12
C THR A 7 -0.64 -1.15 4.97
N ALA A 8 -0.17 -0.21 4.17
CA ALA A 8 1.26 -0.06 3.93
C ALA A 8 1.62 1.42 3.88
N LYS A 9 2.30 1.87 4.92
CA LYS A 9 2.72 3.26 5.00
C LYS A 9 3.89 3.50 4.06
N ALA A 10 3.67 4.38 3.09
CA ALA A 10 4.69 4.71 2.12
C ALA A 10 5.88 5.34 2.84
N ARG A 11 7.07 4.99 2.35
CA ARG A 11 8.29 5.50 2.93
C ARG A 11 9.05 6.37 1.92
N TYR A 12 8.49 6.43 0.72
CA TYR A 12 9.10 7.21 -0.34
C TYR A 12 8.02 7.85 -1.23
N ASP A 13 8.23 9.13 -1.52
CA ASP A 13 7.29 9.87 -2.34
C ASP A 13 7.35 9.32 -3.78
N PHE A 14 6.40 8.45 -4.08
CA PHE A 14 6.33 7.85 -5.41
C PHE A 14 5.58 8.77 -6.38
N CYS A 15 5.58 8.36 -7.65
CA CYS A 15 4.89 9.12 -8.68
C CYS A 15 4.48 8.16 -9.78
N ALA A 16 3.17 7.88 -9.81
CA ALA A 16 2.63 6.98 -10.81
C ALA A 16 2.73 7.63 -12.20
N ARG A 17 3.47 6.98 -13.08
CA ARG A 17 3.66 7.48 -14.42
C ARG A 17 2.53 6.98 -15.33
N ASP A 18 1.78 6.02 -14.81
CA ASP A 18 0.67 5.46 -15.57
C ASP A 18 -0.56 5.35 -14.66
N ARG A 19 -1.58 4.70 -15.19
CA ARG A 19 -2.82 4.53 -14.44
C ARG A 19 -2.83 3.15 -13.77
N SER A 20 -1.90 2.31 -14.20
CA SER A 20 -1.81 0.97 -13.65
C SER A 20 -0.90 0.97 -12.41
N GLU A 21 -0.30 2.13 -12.18
CA GLU A 21 0.59 2.29 -11.03
C GLU A 21 -0.13 2.99 -9.88
N LEU A 22 0.28 2.64 -8.67
CA LEU A 22 -0.32 3.23 -7.49
C LEU A 22 0.41 4.54 -7.14
N SER A 23 -0.38 5.55 -6.79
CA SER A 23 0.18 6.84 -6.45
C SER A 23 0.55 6.87 -4.95
N LEU A 24 1.81 6.60 -4.68
CA LEU A 24 2.30 6.59 -3.31
C LEU A 24 2.77 8.01 -2.93
N LYS A 25 2.83 8.24 -1.63
CA LYS A 25 3.27 9.53 -1.13
C LYS A 25 3.65 9.39 0.34
N GLU A 26 4.92 9.66 0.62
CA GLU A 26 5.43 9.56 1.98
C GLU A 26 4.43 10.17 2.97
N GLY A 27 4.26 9.48 4.09
CA GLY A 27 3.33 9.93 5.11
C GLY A 27 1.91 9.48 4.80
N ASP A 28 1.79 8.64 3.78
CA ASP A 28 0.50 8.13 3.37
C ASP A 28 0.44 6.63 3.63
N ILE A 29 -0.78 6.11 3.63
CA ILE A 29 -0.97 4.68 3.87
C ILE A 29 -1.53 4.04 2.60
N ILE A 30 -1.13 2.80 2.38
CA ILE A 30 -1.59 2.06 1.21
C ILE A 30 -2.46 0.89 1.66
N LYS A 31 -3.74 0.96 1.28
CA LYS A 31 -4.68 -0.08 1.64
C LYS A 31 -4.33 -1.36 0.87
N ILE A 32 -3.96 -2.38 1.63
CA ILE A 32 -3.59 -3.66 1.05
C ILE A 32 -4.86 -4.37 0.58
N LEU A 33 -4.82 -4.84 -0.67
CA LEU A 33 -5.95 -5.54 -1.24
C LEU A 33 -5.51 -6.95 -1.66
N ASN A 34 -4.35 -7.01 -2.28
CA ASN A 34 -3.81 -8.28 -2.73
C ASN A 34 -2.30 -8.30 -2.52
N LYS A 35 -1.77 -9.50 -2.33
CA LYS A 35 -0.35 -9.66 -2.11
C LYS A 35 0.18 -10.78 -3.03
N LYS A 36 0.62 -10.37 -4.21
CA LYS A 36 1.15 -11.32 -5.17
C LYS A 36 2.07 -12.31 -4.46
N GLY A 37 2.77 -11.80 -3.46
CA GLY A 37 3.68 -12.62 -2.69
C GLY A 37 4.56 -11.77 -1.79
N GLN A 38 5.62 -12.40 -1.27
CA GLN A 38 6.55 -11.71 -0.40
C GLN A 38 7.69 -11.09 -1.22
N GLN A 39 7.44 -10.96 -2.51
CA GLN A 39 8.42 -10.39 -3.41
C GLN A 39 7.75 -9.84 -4.67
N GLY A 40 8.18 -8.65 -5.06
CA GLY A 40 7.63 -8.01 -6.24
C GLY A 40 6.95 -6.68 -5.88
N TRP A 41 5.63 -6.68 -5.96
CA TRP A 41 4.87 -5.49 -5.64
C TRP A 41 3.58 -5.92 -4.92
N TRP A 42 2.85 -4.94 -4.44
CA TRP A 42 1.60 -5.20 -3.72
C TRP A 42 0.50 -4.35 -4.36
N ARG A 43 -0.70 -4.90 -4.35
CA ARG A 43 -1.84 -4.21 -4.93
C ARG A 43 -2.64 -3.50 -3.82
N GLY A 44 -2.67 -2.19 -3.90
CA GLY A 44 -3.39 -1.39 -2.93
C GLY A 44 -4.04 -0.17 -3.59
N GLU A 45 -4.58 0.71 -2.74
CA GLU A 45 -5.22 1.91 -3.22
C GLU A 45 -4.95 3.07 -2.27
N ILE A 46 -5.28 4.26 -2.74
CA ILE A 46 -5.08 5.47 -1.94
C ILE A 46 -6.02 6.57 -2.43
N TYR A 47 -6.83 7.07 -1.52
CA TYR A 47 -7.78 8.12 -1.85
C TYR A 47 -8.71 7.68 -2.98
N GLY A 48 -8.81 6.37 -3.15
CA GLY A 48 -9.67 5.81 -4.18
C GLY A 48 -8.88 5.58 -5.47
N ARG A 49 -7.57 5.64 -5.35
CA ARG A 49 -6.70 5.43 -6.49
C ARG A 49 -6.04 4.04 -6.42
N ILE A 50 -6.45 3.19 -7.35
CA ILE A 50 -5.91 1.84 -7.40
C ILE A 50 -4.65 1.83 -8.26
N GLY A 51 -3.80 0.84 -7.99
CA GLY A 51 -2.56 0.71 -8.73
C GLY A 51 -1.64 -0.31 -8.07
N TRP A 52 -0.40 -0.35 -8.55
CA TRP A 52 0.57 -1.29 -8.01
C TRP A 52 1.75 -0.47 -7.47
N PHE A 53 2.41 -1.05 -6.47
CA PHE A 53 3.55 -0.39 -5.85
C PHE A 53 4.50 -1.41 -5.23
N PRO A 54 5.80 -1.03 -5.15
CA PRO A 54 6.82 -1.90 -4.58
C PRO A 54 6.71 -1.93 -3.06
N SER A 55 7.05 -3.08 -2.50
CA SER A 55 7.00 -3.26 -1.05
C SER A 55 8.34 -2.86 -0.43
N ASN A 56 9.23 -2.37 -1.28
CA ASN A 56 10.55 -1.95 -0.83
C ASN A 56 10.52 -0.44 -0.54
N TYR A 57 9.45 0.20 -1.00
CA TYR A 57 9.30 1.63 -0.80
C TYR A 57 8.16 1.92 0.19
N VAL A 58 7.52 0.85 0.62
CA VAL A 58 6.41 0.98 1.56
C VAL A 58 6.67 0.10 2.78
N GLU A 59 5.84 0.28 3.80
CA GLU A 59 5.99 -0.49 5.03
C GLU A 59 4.60 -0.94 5.52
N GLU A 60 4.47 -2.24 5.70
CA GLU A 60 3.22 -2.81 6.18
C GLU A 60 3.41 -3.43 7.57
N ASP A 61 2.29 -3.88 8.13
CA ASP A 61 2.32 -4.49 9.44
C ASP A 61 3.27 -3.70 10.35
N TYR A 62 3.05 -2.40 10.39
CA TYR A 62 3.87 -1.52 11.21
C TYR A 62 3.12 -1.10 12.47
N SER A 63 1.82 -0.88 12.32
CA SER A 63 0.99 -0.47 13.43
C SER A 63 -0.45 -0.92 13.19
N GLU A 64 -1.23 -0.86 14.26
CA GLU A 64 -2.64 -1.25 14.18
C GLU A 64 -3.54 -0.03 14.35
N TYR A 65 -4.80 -0.21 13.99
CA TYR A 65 -5.78 0.86 14.11
C TYR A 65 -6.95 0.45 14.99
N LEU A 66 -6.62 0.10 16.23
CA LEU A 66 -7.62 -0.31 17.19
C LEU A 66 -8.79 0.68 17.15
N PRO A 67 -9.98 0.18 17.60
CA PRO A 67 -11.17 1.02 17.62
C PRO A 67 -11.11 2.02 18.77
N GLU A 68 -12.03 2.98 18.72
CA GLU A 68 -12.09 4.01 19.76
C GLU A 68 -12.52 3.38 21.09
N THR A 69 -12.20 4.09 22.17
CA THR A 69 -12.54 3.63 23.49
C THR A 69 -13.91 4.16 23.91
N GLY A 1 -4.57 -16.75 2.11
CA GLY A 1 -5.60 -17.35 2.94
C GLY A 1 -6.30 -16.28 3.79
N PRO A 2 -6.96 -16.76 4.88
CA PRO A 2 -7.68 -15.86 5.78
C PRO A 2 -6.70 -15.07 6.65
N GLY A 3 -6.06 -14.10 6.04
CA GLY A 3 -5.11 -13.25 6.75
C GLY A 3 -4.58 -12.13 5.86
N THR A 4 -5.52 -11.36 5.34
CA THR A 4 -5.17 -10.24 4.46
C THR A 4 -4.76 -9.03 5.29
N PHE A 5 -3.78 -8.30 4.77
CA PHE A 5 -3.29 -7.11 5.44
C PHE A 5 -4.41 -6.11 5.68
N GLY A 6 -4.82 -5.45 4.61
CA GLY A 6 -5.87 -4.46 4.69
C GLY A 6 -5.46 -3.14 4.03
N THR A 7 -4.30 -2.66 4.44
CA THR A 7 -3.77 -1.42 3.91
C THR A 7 -2.25 -1.37 4.06
N ALA A 8 -1.66 -0.37 3.43
CA ALA A 8 -0.21 -0.20 3.49
C ALA A 8 0.12 1.29 3.50
N LYS A 9 0.60 1.75 4.65
CA LYS A 9 0.97 3.15 4.80
C LYS A 9 2.26 3.43 4.04
N ALA A 10 2.15 4.28 3.04
CA ALA A 10 3.30 4.63 2.22
C ALA A 10 4.36 5.27 3.10
N ARG A 11 5.60 4.82 2.92
CA ARG A 11 6.71 5.35 3.70
C ARG A 11 7.59 6.23 2.82
N TYR A 12 7.26 6.27 1.53
CA TYR A 12 8.01 7.07 0.59
C TYR A 12 7.14 7.48 -0.60
N ASP A 13 7.14 8.78 -0.87
CA ASP A 13 6.36 9.31 -1.97
C ASP A 13 6.88 8.75 -3.29
N PHE A 14 6.09 7.86 -3.88
CA PHE A 14 6.46 7.23 -5.14
C PHE A 14 5.77 7.93 -6.31
N CYS A 15 6.58 8.52 -7.16
CA CYS A 15 6.06 9.22 -8.34
C CYS A 15 5.81 8.18 -9.43
N ALA A 16 4.53 8.02 -9.75
CA ALA A 16 4.13 7.06 -10.78
C ALA A 16 4.47 7.65 -12.15
N ARG A 17 5.52 7.11 -12.75
CA ARG A 17 5.95 7.56 -14.06
C ARG A 17 4.78 7.50 -15.05
N ASP A 18 3.82 6.65 -14.73
CA ASP A 18 2.65 6.48 -15.58
C ASP A 18 1.52 5.85 -14.76
N ARG A 19 0.39 5.65 -15.43
CA ARG A 19 -0.76 5.06 -14.79
C ARG A 19 -0.49 3.59 -14.46
N SER A 20 0.63 3.10 -14.99
CA SER A 20 1.01 1.72 -14.76
C SER A 20 1.54 1.55 -13.33
N GLU A 21 1.75 2.69 -12.68
CA GLU A 21 2.25 2.68 -11.31
C GLU A 21 1.26 3.38 -10.38
N LEU A 22 1.39 3.08 -9.09
CA LEU A 22 0.51 3.66 -8.10
C LEU A 22 1.18 4.90 -7.50
N SER A 23 0.38 5.95 -7.33
CA SER A 23 0.89 7.19 -6.77
C SER A 23 0.91 7.11 -5.25
N LEU A 24 2.11 6.97 -4.70
CA LEU A 24 2.27 6.88 -3.26
C LEU A 24 2.67 8.25 -2.71
N LYS A 25 2.39 8.45 -1.44
CA LYS A 25 2.72 9.71 -0.78
C LYS A 25 2.83 9.48 0.72
N GLU A 26 4.06 9.63 1.22
CA GLU A 26 4.32 9.44 2.63
C GLU A 26 3.17 10.01 3.47
N GLY A 27 2.75 9.22 4.44
CA GLY A 27 1.65 9.61 5.31
C GLY A 27 0.30 9.18 4.75
N ASP A 28 0.36 8.56 3.57
CA ASP A 28 -0.84 8.09 2.91
C ASP A 28 -0.97 6.58 3.12
N ILE A 29 -2.17 6.07 2.85
CA ILE A 29 -2.44 4.66 3.00
C ILE A 29 -2.71 4.05 1.62
N ILE A 30 -2.28 2.80 1.46
CA ILE A 30 -2.47 2.10 0.20
C ILE A 30 -3.39 0.90 0.43
N LYS A 31 -4.56 0.95 -0.20
CA LYS A 31 -5.53 -0.12 -0.07
C LYS A 31 -5.00 -1.37 -0.80
N ILE A 32 -4.73 -2.39 -0.02
CA ILE A 32 -4.23 -3.64 -0.57
C ILE A 32 -5.37 -4.37 -1.28
N LEU A 33 -5.20 -4.55 -2.59
CA LEU A 33 -6.20 -5.23 -3.39
C LEU A 33 -5.68 -6.62 -3.76
N ASN A 34 -4.49 -6.63 -4.35
CA ASN A 34 -3.88 -7.89 -4.75
C ASN A 34 -2.50 -8.01 -4.12
N LYS A 35 -1.97 -9.22 -4.15
CA LYS A 35 -0.65 -9.48 -3.57
C LYS A 35 0.17 -10.31 -4.56
N LYS A 36 0.78 -9.61 -5.52
CA LYS A 36 1.60 -10.27 -6.52
C LYS A 36 2.91 -10.71 -5.88
N GLY A 37 2.90 -11.94 -5.37
CA GLY A 37 4.09 -12.49 -4.74
C GLY A 37 4.52 -11.63 -3.56
N GLN A 38 5.10 -12.29 -2.56
CA GLN A 38 5.56 -11.60 -1.37
C GLN A 38 6.84 -10.82 -1.68
N GLN A 39 7.47 -11.18 -2.79
CA GLN A 39 8.69 -10.53 -3.21
C GLN A 39 8.50 -9.87 -4.59
N GLY A 40 7.78 -8.75 -4.58
CA GLY A 40 7.53 -8.02 -5.81
C GLY A 40 6.83 -6.69 -5.52
N TRP A 41 5.56 -6.63 -5.89
CA TRP A 41 4.78 -5.43 -5.68
C TRP A 41 3.36 -5.84 -5.28
N TRP A 42 2.57 -4.85 -4.90
CA TRP A 42 1.20 -5.10 -4.50
C TRP A 42 0.29 -4.17 -5.30
N ARG A 43 -0.89 -4.69 -5.63
CA ARG A 43 -1.85 -3.92 -6.41
C ARG A 43 -2.85 -3.23 -5.47
N GLY A 44 -2.63 -1.93 -5.29
CA GLY A 44 -3.50 -1.14 -4.44
C GLY A 44 -3.98 0.13 -5.14
N GLU A 45 -4.68 0.96 -4.39
CA GLU A 45 -5.20 2.20 -4.94
C GLU A 45 -5.13 3.31 -3.89
N ILE A 46 -5.36 4.53 -4.34
CA ILE A 46 -5.33 5.68 -3.46
C ILE A 46 -6.17 6.82 -4.06
N TYR A 47 -7.14 7.26 -3.28
CA TYR A 47 -8.02 8.33 -3.74
C TYR A 47 -8.75 7.94 -5.02
N GLY A 48 -8.81 6.64 -5.26
CA GLY A 48 -9.47 6.13 -6.45
C GLY A 48 -8.47 5.93 -7.59
N ARG A 49 -7.19 6.02 -7.25
CA ARG A 49 -6.14 5.86 -8.23
C ARG A 49 -5.49 4.48 -8.09
N ILE A 50 -5.69 3.66 -9.11
CA ILE A 50 -5.14 2.32 -9.11
C ILE A 50 -3.72 2.36 -9.69
N GLY A 51 -2.94 1.35 -9.33
CA GLY A 51 -1.57 1.26 -9.81
C GLY A 51 -0.82 0.14 -9.09
N TRP A 52 0.49 0.11 -9.31
CA TRP A 52 1.33 -0.90 -8.71
C TRP A 52 2.39 -0.19 -7.86
N PHE A 53 2.76 -0.83 -6.76
CA PHE A 53 3.76 -0.27 -5.86
C PHE A 53 4.49 -1.38 -5.10
N PRO A 54 5.76 -1.07 -4.71
CA PRO A 54 6.57 -2.02 -3.98
C PRO A 54 6.11 -2.12 -2.52
N SER A 55 6.27 -3.31 -1.96
CA SER A 55 5.89 -3.55 -0.58
C SER A 55 7.04 -3.19 0.35
N ASN A 56 8.11 -2.68 -0.23
CA ASN A 56 9.28 -2.28 0.53
C ASN A 56 9.26 -0.78 0.76
N TYR A 57 8.33 -0.12 0.07
CA TYR A 57 8.20 1.33 0.19
C TYR A 57 6.94 1.70 0.97
N VAL A 58 6.18 0.67 1.31
CA VAL A 58 4.95 0.87 2.06
C VAL A 58 5.03 0.12 3.39
N GLU A 59 3.97 0.25 4.17
CA GLU A 59 3.92 -0.41 5.46
C GLU A 59 2.86 -1.51 5.45
N GLU A 60 2.83 -2.27 6.54
CA GLU A 60 1.88 -3.36 6.67
C GLU A 60 1.50 -3.57 8.14
N ASP A 61 0.20 -3.66 8.38
CA ASP A 61 -0.29 -3.86 9.72
C ASP A 61 0.52 -3.00 10.70
N TYR A 62 1.00 -1.88 10.18
CA TYR A 62 1.80 -0.97 11.00
C TYR A 62 1.03 -0.55 12.26
N SER A 63 -0.27 -0.40 12.10
CA SER A 63 -1.13 -0.01 13.21
C SER A 63 -2.56 -0.46 12.95
N GLU A 64 -3.16 -1.03 13.99
CA GLU A 64 -4.53 -1.51 13.89
C GLU A 64 -5.12 -1.72 15.28
N TYR A 65 -6.32 -1.17 15.46
CA TYR A 65 -7.00 -1.28 16.75
C TYR A 65 -6.10 -0.84 17.90
N LEU A 66 -5.58 0.37 17.77
CA LEU A 66 -4.70 0.92 18.78
C LEU A 66 -5.45 1.01 20.11
N PRO A 67 -4.66 1.07 21.22
CA PRO A 67 -5.25 1.16 22.55
C PRO A 67 -5.78 2.57 22.81
N GLU A 68 -6.08 2.82 24.08
CA GLU A 68 -6.60 4.12 24.48
C GLU A 68 -5.45 5.12 24.64
N THR A 69 -5.03 5.68 23.51
CA THR A 69 -3.95 6.65 23.51
C THR A 69 -4.25 7.79 24.50
N GLY A 1 -14.17 -5.21 -1.29
CA GLY A 1 -13.03 -4.97 -0.43
C GLY A 1 -13.20 -5.66 0.94
N PRO A 2 -12.87 -6.97 0.95
CA PRO A 2 -12.99 -7.75 2.17
C PRO A 2 -11.86 -7.41 3.15
N GLY A 3 -10.64 -7.40 2.62
CA GLY A 3 -9.48 -7.10 3.43
C GLY A 3 -8.64 -8.35 3.68
N THR A 4 -7.79 -8.67 2.71
CA THR A 4 -6.94 -9.84 2.82
C THR A 4 -5.92 -9.65 3.94
N PHE A 5 -5.06 -8.66 3.75
CA PHE A 5 -4.03 -8.37 4.74
C PHE A 5 -4.42 -7.15 5.59
N GLY A 6 -4.41 -6.00 4.94
CA GLY A 6 -4.76 -4.76 5.63
C GLY A 6 -4.42 -3.54 4.77
N THR A 7 -3.35 -2.85 5.16
CA THR A 7 -2.92 -1.67 4.44
C THR A 7 -1.40 -1.52 4.53
N ALA A 8 -0.89 -0.52 3.83
CA ALA A 8 0.54 -0.25 3.83
C ALA A 8 0.77 1.26 3.78
N LYS A 9 1.26 1.78 4.89
CA LYS A 9 1.54 3.21 4.98
C LYS A 9 2.80 3.53 4.19
N ALA A 10 2.62 4.33 3.15
CA ALA A 10 3.73 4.72 2.30
C ALA A 10 4.84 5.33 3.17
N ARG A 11 6.06 4.93 2.88
CA ARG A 11 7.21 5.42 3.62
C ARG A 11 8.03 6.37 2.75
N TYR A 12 7.64 6.46 1.49
CA TYR A 12 8.34 7.32 0.55
C TYR A 12 7.35 7.95 -0.44
N ASP A 13 7.53 9.24 -0.67
CA ASP A 13 6.68 9.97 -1.60
C ASP A 13 6.94 9.48 -3.02
N PHE A 14 6.09 8.55 -3.46
CA PHE A 14 6.23 8.00 -4.80
C PHE A 14 5.55 8.90 -5.84
N CYS A 15 5.71 8.52 -7.09
CA CYS A 15 5.12 9.28 -8.18
C CYS A 15 4.86 8.32 -9.35
N ALA A 16 3.58 8.05 -9.58
CA ALA A 16 3.19 7.16 -10.65
C ALA A 16 3.34 7.88 -12.00
N ARG A 17 3.88 7.16 -12.97
CA ARG A 17 4.09 7.72 -14.29
C ARG A 17 3.25 6.95 -15.32
N ASP A 18 2.69 5.85 -14.89
CA ASP A 18 1.87 5.02 -15.74
C ASP A 18 0.70 4.43 -14.94
N ARG A 19 -0.26 3.88 -15.67
CA ARG A 19 -1.42 3.29 -15.04
C ARG A 19 -1.06 1.96 -14.40
N SER A 20 0.17 1.52 -14.67
CA SER A 20 0.65 0.26 -14.13
C SER A 20 1.38 0.51 -12.81
N GLU A 21 1.21 1.73 -12.29
CA GLU A 21 1.85 2.10 -11.04
C GLU A 21 0.82 2.72 -10.09
N LEU A 22 1.08 2.56 -8.81
CA LEU A 22 0.19 3.10 -7.79
C LEU A 22 0.78 4.40 -7.25
N SER A 23 -0.11 5.38 -7.07
CA SER A 23 0.30 6.68 -6.57
C SER A 23 0.50 6.61 -5.06
N LEU A 24 1.77 6.60 -4.65
CA LEU A 24 2.11 6.53 -3.25
C LEU A 24 2.54 7.92 -2.76
N LYS A 25 2.29 8.18 -1.49
CA LYS A 25 2.64 9.46 -0.90
C LYS A 25 2.81 9.29 0.62
N GLU A 26 4.03 9.55 1.07
CA GLU A 26 4.33 9.42 2.49
C GLU A 26 3.17 9.93 3.33
N GLY A 27 2.82 9.16 4.35
CA GLY A 27 1.73 9.52 5.23
C GLY A 27 0.39 8.99 4.70
N ASP A 28 0.47 8.31 3.57
CA ASP A 28 -0.72 7.74 2.95
C ASP A 28 -0.75 6.23 3.22
N ILE A 29 -1.95 5.68 3.11
CA ILE A 29 -2.13 4.25 3.33
C ILE A 29 -2.43 3.57 2.00
N ILE A 30 -1.87 2.38 1.84
CA ILE A 30 -2.05 1.62 0.63
C ILE A 30 -2.88 0.36 0.94
N LYS A 31 -4.06 0.32 0.35
CA LYS A 31 -4.96 -0.80 0.55
C LYS A 31 -4.41 -2.03 -0.17
N ILE A 32 -4.03 -3.03 0.61
CA ILE A 32 -3.48 -4.25 0.06
C ILE A 32 -4.62 -5.10 -0.51
N LEU A 33 -4.45 -5.51 -1.76
CA LEU A 33 -5.45 -6.33 -2.43
C LEU A 33 -4.83 -7.66 -2.82
N ASN A 34 -3.60 -7.60 -3.30
CA ASN A 34 -2.89 -8.80 -3.71
C ASN A 34 -1.44 -8.72 -3.23
N LYS A 35 -0.88 -9.89 -2.96
CA LYS A 35 0.49 -9.96 -2.48
C LYS A 35 1.27 -10.98 -3.33
N LYS A 36 1.88 -10.47 -4.38
CA LYS A 36 2.66 -11.31 -5.29
C LYS A 36 3.48 -12.30 -4.46
N GLY A 37 3.46 -13.55 -4.91
CA GLY A 37 4.21 -14.60 -4.23
C GLY A 37 5.59 -14.11 -3.83
N GLN A 38 6.10 -13.15 -4.58
CA GLN A 38 7.41 -12.59 -4.31
C GLN A 38 7.28 -11.22 -3.65
N GLN A 39 8.40 -10.74 -3.12
CA GLN A 39 8.41 -9.44 -2.46
C GLN A 39 8.50 -8.32 -3.49
N GLY A 40 8.50 -8.71 -4.75
CA GLY A 40 8.57 -7.76 -5.83
C GLY A 40 7.78 -6.49 -5.51
N TRP A 41 6.48 -6.57 -5.76
CA TRP A 41 5.60 -5.44 -5.51
C TRP A 41 4.27 -5.99 -4.99
N TRP A 42 3.41 -5.08 -4.56
CA TRP A 42 2.11 -5.46 -4.03
C TRP A 42 1.05 -4.61 -4.74
N ARG A 43 -0.05 -5.26 -5.09
CA ARG A 43 -1.14 -4.58 -5.77
C ARG A 43 -2.09 -3.96 -4.76
N GLY A 44 -2.19 -2.65 -4.81
CA GLY A 44 -3.06 -1.92 -3.90
C GLY A 44 -3.78 -0.77 -4.62
N GLU A 45 -4.38 0.10 -3.84
CA GLU A 45 -5.09 1.23 -4.38
C GLU A 45 -5.17 2.37 -3.35
N ILE A 46 -5.35 3.57 -3.86
CA ILE A 46 -5.44 4.74 -3.00
C ILE A 46 -6.40 5.76 -3.63
N TYR A 47 -7.38 6.17 -2.84
CA TYR A 47 -8.36 7.13 -3.30
C TYR A 47 -9.12 6.60 -4.52
N GLY A 48 -9.11 5.28 -4.66
CA GLY A 48 -9.79 4.64 -5.77
C GLY A 48 -8.85 4.47 -6.96
N ARG A 49 -7.57 4.77 -6.72
CA ARG A 49 -6.57 4.66 -7.77
C ARG A 49 -5.79 3.35 -7.63
N ILE A 50 -5.96 2.49 -8.62
CA ILE A 50 -5.28 1.21 -8.61
C ILE A 50 -3.90 1.37 -9.24
N GLY A 51 -3.01 0.46 -8.87
CA GLY A 51 -1.65 0.48 -9.39
C GLY A 51 -0.77 -0.56 -8.68
N TRP A 52 0.52 -0.41 -8.86
CA TRP A 52 1.48 -1.33 -8.25
C TRP A 52 2.53 -0.50 -7.51
N PHE A 53 3.08 -1.11 -6.48
CA PHE A 53 4.10 -0.44 -5.67
C PHE A 53 4.97 -1.46 -4.94
N PRO A 54 6.23 -1.02 -4.65
CA PRO A 54 7.18 -1.87 -3.96
C PRO A 54 6.83 -1.99 -2.46
N SER A 55 7.14 -3.15 -1.91
CA SER A 55 6.87 -3.40 -0.50
C SER A 55 8.06 -2.94 0.35
N ASN A 56 9.04 -2.36 -0.32
CA ASN A 56 10.23 -1.89 0.35
C ASN A 56 10.09 -0.38 0.62
N TYR A 57 9.09 0.21 -0.01
CA TYR A 57 8.83 1.63 0.15
C TYR A 57 7.55 1.87 0.95
N VAL A 58 6.88 0.78 1.28
CA VAL A 58 5.65 0.86 2.04
C VAL A 58 5.80 0.05 3.34
N GLU A 59 4.81 0.20 4.21
CA GLU A 59 4.82 -0.51 5.48
C GLU A 59 3.68 -1.53 5.52
N GLU A 60 3.61 -2.24 6.64
CA GLU A 60 2.59 -3.25 6.83
C GLU A 60 2.39 -3.54 8.32
N ASP A 61 1.14 -3.71 8.70
CA ASP A 61 0.80 -3.99 10.08
C ASP A 61 1.67 -3.13 10.99
N TYR A 62 2.04 -1.97 10.48
CA TYR A 62 2.87 -1.05 11.25
C TYR A 62 2.15 -0.58 12.51
N SER A 63 0.87 -0.34 12.37
CA SER A 63 0.06 0.12 13.50
C SER A 63 -1.36 -0.44 13.37
N GLU A 64 -2.12 -0.27 14.45
CA GLU A 64 -3.50 -0.73 14.47
C GLU A 64 -4.42 0.37 14.95
N TYR A 65 -5.69 0.01 15.12
CA TYR A 65 -6.69 0.96 15.59
C TYR A 65 -7.01 0.75 17.07
N LEU A 66 -5.94 0.68 17.86
CA LEU A 66 -6.09 0.48 19.29
C LEU A 66 -7.09 1.49 19.85
N PRO A 67 -7.66 1.15 21.03
CA PRO A 67 -8.64 2.02 21.67
C PRO A 67 -7.95 3.23 22.31
N GLU A 68 -8.71 3.91 23.16
CA GLU A 68 -8.18 5.09 23.84
C GLU A 68 -7.39 4.67 25.08
N THR A 69 -6.07 4.61 24.90
CA THR A 69 -5.20 4.23 26.00
C THR A 69 -5.07 5.37 27.00
N GLY A 1 -8.23 -10.24 7.76
CA GLY A 1 -8.53 -11.51 8.41
C GLY A 1 -8.29 -11.43 9.91
N PRO A 2 -7.98 -12.62 10.51
CA PRO A 2 -7.73 -12.69 11.95
C PRO A 2 -6.35 -12.14 12.28
N GLY A 3 -5.63 -11.73 11.25
CA GLY A 3 -4.30 -11.18 11.41
C GLY A 3 -3.68 -10.82 10.07
N THR A 4 -4.49 -10.26 9.20
CA THR A 4 -4.03 -9.86 7.88
C THR A 4 -3.35 -8.50 7.93
N PHE A 5 -2.65 -8.16 6.85
CA PHE A 5 -1.95 -6.91 6.76
C PHE A 5 -2.88 -5.74 7.10
N GLY A 6 -3.73 -5.40 6.16
CA GLY A 6 -4.68 -4.30 6.35
C GLY A 6 -4.35 -3.13 5.43
N THR A 7 -3.12 -2.65 5.56
CA THR A 7 -2.66 -1.52 4.75
C THR A 7 -1.14 -1.51 4.66
N ALA A 8 -0.64 -0.53 3.94
CA ALA A 8 0.81 -0.39 3.77
C ALA A 8 1.18 1.09 3.78
N LYS A 9 1.82 1.50 4.87
CA LYS A 9 2.24 2.89 5.01
C LYS A 9 3.43 3.15 4.11
N ALA A 10 3.23 4.03 3.13
CA ALA A 10 4.29 4.37 2.20
C ALA A 10 5.46 4.99 2.96
N ARG A 11 6.65 4.59 2.59
CA ARG A 11 7.86 5.09 3.24
C ARG A 11 8.66 5.96 2.26
N TYR A 12 8.18 6.00 1.03
CA TYR A 12 8.84 6.78 -0.01
C TYR A 12 7.83 7.27 -1.06
N ASP A 13 7.86 8.56 -1.30
CA ASP A 13 6.96 9.16 -2.28
C ASP A 13 7.29 8.64 -3.67
N PHE A 14 6.38 7.85 -4.22
CA PHE A 14 6.57 7.29 -5.55
C PHE A 14 5.75 8.04 -6.59
N CYS A 15 6.46 8.69 -7.50
CA CYS A 15 5.82 9.44 -8.56
C CYS A 15 5.42 8.47 -9.67
N ALA A 16 4.13 8.47 -9.99
CA ALA A 16 3.61 7.61 -11.03
C ALA A 16 3.75 8.30 -12.38
N ARG A 17 4.12 7.51 -13.38
CA ARG A 17 4.28 8.04 -14.73
C ARG A 17 3.31 7.37 -15.69
N ASP A 18 2.61 6.37 -15.17
CA ASP A 18 1.64 5.64 -15.96
C ASP A 18 0.49 5.17 -15.07
N ARG A 19 -0.59 4.77 -15.71
CA ARG A 19 -1.77 4.31 -14.98
C ARG A 19 -1.48 2.95 -14.33
N SER A 20 -0.35 2.37 -14.71
CA SER A 20 0.05 1.08 -14.17
C SER A 20 0.78 1.28 -12.85
N GLU A 21 1.22 2.51 -12.62
CA GLU A 21 1.93 2.83 -11.39
C GLU A 21 0.98 3.50 -10.38
N LEU A 22 1.27 3.28 -9.11
CA LEU A 22 0.46 3.85 -8.06
C LEU A 22 1.19 5.06 -7.45
N SER A 23 0.40 6.10 -7.17
CA SER A 23 0.96 7.31 -6.58
C SER A 23 1.10 7.15 -5.06
N LEU A 24 2.35 7.09 -4.63
CA LEU A 24 2.64 6.95 -3.21
C LEU A 24 3.09 8.28 -2.65
N LYS A 25 3.01 8.39 -1.33
CA LYS A 25 3.41 9.62 -0.66
C LYS A 25 3.71 9.30 0.82
N GLU A 26 4.99 9.42 1.16
CA GLU A 26 5.43 9.15 2.51
C GLU A 26 4.40 9.69 3.52
N GLY A 27 4.12 8.87 4.53
CA GLY A 27 3.16 9.26 5.55
C GLY A 27 1.73 8.90 5.13
N ASP A 28 1.64 8.23 3.99
CA ASP A 28 0.35 7.82 3.47
C ASP A 28 0.18 6.32 3.66
N ILE A 29 -1.06 5.86 3.52
CA ILE A 29 -1.37 4.45 3.68
C ILE A 29 -1.82 3.88 2.34
N ILE A 30 -1.43 2.63 2.11
CA ILE A 30 -1.78 1.96 0.87
C ILE A 30 -2.65 0.75 1.18
N LYS A 31 -3.88 0.79 0.69
CA LYS A 31 -4.83 -0.29 0.92
C LYS A 31 -4.45 -1.47 0.02
N ILE A 32 -4.05 -2.56 0.65
CA ILE A 32 -3.66 -3.75 -0.08
C ILE A 32 -4.91 -4.40 -0.69
N LEU A 33 -4.84 -4.66 -1.98
CA LEU A 33 -5.94 -5.26 -2.69
C LEU A 33 -5.48 -6.58 -3.32
N ASN A 34 -4.37 -6.50 -4.04
CA ASN A 34 -3.81 -7.66 -4.71
C ASN A 34 -2.33 -7.79 -4.35
N LYS A 35 -2.07 -8.47 -3.24
CA LYS A 35 -0.71 -8.67 -2.78
C LYS A 35 -0.11 -9.88 -3.51
N LYS A 36 0.33 -9.63 -4.73
CA LYS A 36 0.93 -10.67 -5.54
C LYS A 36 1.84 -11.53 -4.66
N GLY A 37 2.66 -10.85 -3.87
CA GLY A 37 3.58 -11.53 -2.98
C GLY A 37 4.73 -10.60 -2.56
N GLN A 38 5.25 -10.86 -1.37
CA GLN A 38 6.34 -10.05 -0.85
C GLN A 38 7.32 -9.71 -1.96
N GLN A 39 7.41 -10.61 -2.92
CA GLN A 39 8.31 -10.42 -4.05
C GLN A 39 7.54 -9.91 -5.27
N GLY A 40 7.79 -8.65 -5.60
CA GLY A 40 7.13 -8.03 -6.74
C GLY A 40 6.53 -6.68 -6.35
N TRP A 41 5.21 -6.58 -6.50
CA TRP A 41 4.51 -5.35 -6.17
C TRP A 41 3.17 -5.73 -5.54
N TRP A 42 2.48 -4.71 -5.03
CA TRP A 42 1.20 -4.92 -4.40
C TRP A 42 0.19 -3.98 -5.05
N ARG A 43 -0.97 -4.54 -5.38
CA ARG A 43 -2.02 -3.76 -6.00
C ARG A 43 -2.91 -3.10 -4.95
N GLY A 44 -2.68 -1.82 -4.75
CA GLY A 44 -3.46 -1.07 -3.77
C GLY A 44 -4.07 0.19 -4.40
N GLU A 45 -4.60 1.05 -3.54
CA GLU A 45 -5.23 2.28 -3.99
C GLU A 45 -5.12 3.35 -2.91
N ILE A 46 -5.06 4.59 -3.36
CA ILE A 46 -4.96 5.72 -2.44
C ILE A 46 -5.83 6.86 -2.96
N TYR A 47 -6.68 7.35 -2.06
CA TYR A 47 -7.59 8.44 -2.40
C TYR A 47 -8.48 8.06 -3.58
N GLY A 48 -8.72 6.76 -3.71
CA GLY A 48 -9.55 6.26 -4.79
C GLY A 48 -8.74 6.06 -6.08
N ARG A 49 -7.43 6.20 -5.93
CA ARG A 49 -6.53 6.04 -7.07
C ARG A 49 -5.89 4.65 -7.05
N ILE A 50 -6.20 3.88 -8.09
CA ILE A 50 -5.66 2.53 -8.20
C ILE A 50 -4.31 2.59 -8.91
N GLY A 51 -3.53 1.52 -8.73
CA GLY A 51 -2.21 1.44 -9.34
C GLY A 51 -1.39 0.32 -8.70
N TRP A 52 -0.15 0.22 -9.15
CA TRP A 52 0.75 -0.79 -8.63
C TRP A 52 1.93 -0.08 -7.96
N PHE A 53 2.47 -0.74 -6.93
CA PHE A 53 3.59 -0.18 -6.20
C PHE A 53 4.43 -1.30 -5.57
N PRO A 54 5.74 -1.00 -5.39
CA PRO A 54 6.66 -1.95 -4.81
C PRO A 54 6.45 -2.07 -3.30
N SER A 55 6.69 -3.27 -2.79
CA SER A 55 6.52 -3.53 -1.36
C SER A 55 7.83 -3.24 -0.62
N ASN A 56 8.80 -2.74 -1.39
CA ASN A 56 10.10 -2.41 -0.81
C ASN A 56 10.13 -0.93 -0.46
N TYR A 57 9.11 -0.21 -0.93
CA TYR A 57 9.02 1.22 -0.67
C TYR A 57 7.89 1.52 0.31
N VAL A 58 7.12 0.48 0.63
CA VAL A 58 6.01 0.61 1.55
C VAL A 58 6.25 -0.28 2.76
N GLU A 59 5.32 -0.20 3.71
CA GLU A 59 5.42 -0.99 4.92
C GLU A 59 4.02 -1.36 5.43
N GLU A 60 3.81 -2.65 5.61
CA GLU A 60 2.52 -3.14 6.10
C GLU A 60 2.70 -3.86 7.44
N ASP A 61 1.58 -4.30 7.98
CA ASP A 61 1.60 -5.00 9.26
C ASP A 61 2.50 -4.26 10.23
N TYR A 62 2.41 -2.94 10.19
CA TYR A 62 3.22 -2.10 11.06
C TYR A 62 2.42 -1.68 12.30
N SER A 63 1.15 -1.40 12.08
CA SER A 63 0.27 -0.99 13.17
C SER A 63 -1.18 -1.32 12.83
N GLU A 64 -2.05 -1.09 13.80
CA GLU A 64 -3.46 -1.36 13.62
C GLU A 64 -4.28 -0.09 13.83
N TYR A 65 -5.57 -0.18 13.53
CA TYR A 65 -6.46 0.95 13.68
C TYR A 65 -7.75 0.54 14.38
N LEU A 66 -7.61 -0.35 15.36
CA LEU A 66 -8.75 -0.83 16.11
C LEU A 66 -9.28 0.31 16.99
N PRO A 67 -10.59 0.18 17.35
CA PRO A 67 -11.24 1.18 18.19
C PRO A 67 -10.79 1.05 19.65
N GLU A 68 -10.26 2.14 20.17
CA GLU A 68 -9.79 2.16 21.55
C GLU A 68 -10.96 1.93 22.51
N THR A 69 -10.66 1.23 23.59
CA THR A 69 -11.67 0.94 24.59
C THR A 69 -12.26 2.24 25.15
N GLY A 1 -12.95 -14.74 -0.52
CA GLY A 1 -12.19 -13.83 0.32
C GLY A 1 -13.04 -12.62 0.73
N PRO A 2 -13.75 -12.78 1.89
CA PRO A 2 -14.59 -11.71 2.39
C PRO A 2 -13.75 -10.59 3.01
N GLY A 3 -12.65 -10.99 3.64
CA GLY A 3 -11.76 -10.03 4.27
C GLY A 3 -10.57 -9.71 3.37
N THR A 4 -9.59 -9.03 3.95
CA THR A 4 -8.40 -8.65 3.20
C THR A 4 -7.15 -8.95 4.02
N PHE A 5 -6.02 -8.53 3.47
CA PHE A 5 -4.74 -8.74 4.14
C PHE A 5 -4.56 -7.78 5.31
N GLY A 6 -4.27 -6.54 4.96
CA GLY A 6 -4.07 -5.51 5.97
C GLY A 6 -3.78 -4.15 5.33
N THR A 7 -2.58 -3.64 5.58
CA THR A 7 -2.18 -2.37 5.03
C THR A 7 -0.65 -2.25 5.03
N ALA A 8 -0.18 -1.20 4.35
CA ALA A 8 1.26 -0.97 4.26
C ALA A 8 1.51 0.53 4.20
N LYS A 9 2.03 1.06 5.31
CA LYS A 9 2.33 2.48 5.38
C LYS A 9 3.45 2.82 4.39
N ALA A 10 3.22 3.89 3.64
CA ALA A 10 4.18 4.33 2.66
C ALA A 10 5.32 5.07 3.37
N ARG A 11 6.54 4.66 3.07
CA ARG A 11 7.72 5.27 3.66
C ARG A 11 8.34 6.29 2.70
N TYR A 12 7.75 6.36 1.51
CA TYR A 12 8.23 7.28 0.49
C TYR A 12 7.13 7.60 -0.52
N ASP A 13 6.93 8.89 -0.73
CA ASP A 13 5.90 9.35 -1.66
C ASP A 13 6.31 8.94 -3.08
N PHE A 14 5.46 8.11 -3.68
CA PHE A 14 5.71 7.63 -5.03
C PHE A 14 4.79 8.32 -6.04
N CYS A 15 5.41 8.86 -7.08
CA CYS A 15 4.66 9.55 -8.11
C CYS A 15 4.32 8.54 -9.21
N ALA A 16 3.06 8.14 -9.23
CA ALA A 16 2.59 7.18 -10.22
C ALA A 16 2.64 7.82 -11.60
N ARG A 17 3.55 7.31 -12.42
CA ARG A 17 3.72 7.82 -13.77
C ARG A 17 2.49 7.48 -14.62
N ASP A 18 1.75 6.49 -14.16
CA ASP A 18 0.56 6.05 -14.86
C ASP A 18 -0.31 5.22 -13.92
N ARG A 19 -1.42 4.73 -14.46
CA ARG A 19 -2.34 3.91 -13.68
C ARG A 19 -1.69 2.58 -13.31
N SER A 20 -0.55 2.32 -13.95
CA SER A 20 0.18 1.08 -13.70
C SER A 20 0.86 1.14 -12.33
N GLU A 21 0.85 2.34 -11.76
CA GLU A 21 1.45 2.54 -10.45
C GLU A 21 0.44 3.16 -9.49
N LEU A 22 0.74 3.01 -8.19
CA LEU A 22 -0.13 3.54 -7.17
C LEU A 22 0.46 4.84 -6.62
N SER A 23 -0.42 5.80 -6.37
CA SER A 23 0.00 7.08 -5.84
C SER A 23 0.26 6.98 -4.34
N LEU A 24 1.54 6.84 -4.00
CA LEU A 24 1.94 6.73 -2.61
C LEU A 24 2.22 8.12 -2.05
N LYS A 25 2.12 8.22 -0.72
CA LYS A 25 2.36 9.48 -0.05
C LYS A 25 2.76 9.21 1.40
N GLU A 26 4.02 9.49 1.70
CA GLU A 26 4.53 9.29 3.04
C GLU A 26 3.48 9.69 4.08
N GLY A 27 3.31 8.82 5.08
CA GLY A 27 2.35 9.07 6.13
C GLY A 27 0.99 8.47 5.79
N ASP A 28 0.89 7.97 4.56
CA ASP A 28 -0.35 7.36 4.10
C ASP A 28 -0.24 5.84 4.25
N ILE A 29 -1.39 5.19 4.15
CA ILE A 29 -1.45 3.75 4.28
C ILE A 29 -1.91 3.14 2.95
N ILE A 30 -1.25 2.07 2.56
CA ILE A 30 -1.58 1.39 1.32
C ILE A 30 -2.29 0.07 1.64
N LYS A 31 -3.54 0.01 1.23
CA LYS A 31 -4.34 -1.19 1.47
C LYS A 31 -3.81 -2.34 0.60
N ILE A 32 -3.27 -3.34 1.27
CA ILE A 32 -2.72 -4.50 0.58
C ILE A 32 -3.88 -5.37 0.06
N LEU A 33 -3.91 -5.53 -1.25
CA LEU A 33 -4.93 -6.34 -1.88
C LEU A 33 -4.32 -7.63 -2.42
N ASN A 34 -3.26 -7.45 -3.20
CA ASN A 34 -2.56 -8.59 -3.78
C ASN A 34 -1.10 -8.56 -3.35
N LYS A 35 -0.44 -9.70 -3.54
CA LYS A 35 0.96 -9.82 -3.18
C LYS A 35 1.72 -10.51 -4.31
N LYS A 36 2.11 -9.71 -5.29
CA LYS A 36 2.84 -10.22 -6.44
C LYS A 36 4.32 -10.35 -6.08
N GLY A 37 4.91 -11.45 -6.51
CA GLY A 37 6.33 -11.71 -6.25
C GLY A 37 6.63 -11.52 -4.76
N GLN A 38 7.90 -11.77 -4.42
CA GLN A 38 8.33 -11.64 -3.04
C GLN A 38 9.01 -10.29 -2.82
N GLN A 39 9.73 -9.85 -3.85
CA GLN A 39 10.43 -8.59 -3.79
C GLN A 39 9.95 -7.65 -4.89
N GLY A 40 9.07 -8.19 -5.74
CA GLY A 40 8.52 -7.41 -6.84
C GLY A 40 7.75 -6.20 -6.32
N TRP A 41 6.44 -6.27 -6.44
CA TRP A 41 5.58 -5.19 -5.99
C TRP A 41 4.33 -5.81 -5.38
N TRP A 42 3.51 -4.94 -4.78
CA TRP A 42 2.28 -5.39 -4.15
C TRP A 42 1.14 -4.51 -4.66
N ARG A 43 0.02 -5.16 -4.94
CA ARG A 43 -1.15 -4.45 -5.44
C ARG A 43 -1.99 -3.91 -4.28
N GLY A 44 -2.26 -2.62 -4.33
CA GLY A 44 -3.05 -1.97 -3.30
C GLY A 44 -3.92 -0.87 -3.88
N GLU A 45 -4.34 0.03 -3.01
CA GLU A 45 -5.18 1.14 -3.42
C GLU A 45 -5.28 2.18 -2.30
N ILE A 46 -5.42 3.44 -2.71
CA ILE A 46 -5.53 4.53 -1.76
C ILE A 46 -6.61 5.50 -2.22
N TYR A 47 -7.56 5.75 -1.32
CA TYR A 47 -8.65 6.66 -1.63
C TYR A 47 -9.48 6.15 -2.81
N GLY A 48 -9.34 4.86 -3.07
CA GLY A 48 -10.06 4.23 -4.17
C GLY A 48 -9.18 4.12 -5.41
N ARG A 49 -8.03 4.76 -5.34
CA ARG A 49 -7.09 4.75 -6.46
C ARG A 49 -6.25 3.46 -6.43
N ILE A 50 -6.43 2.67 -7.47
CA ILE A 50 -5.70 1.41 -7.59
C ILE A 50 -4.36 1.67 -8.26
N GLY A 51 -3.42 0.77 -8.00
CA GLY A 51 -2.09 0.88 -8.58
C GLY A 51 -1.17 -0.20 -8.02
N TRP A 52 0.13 0.00 -8.24
CA TRP A 52 1.13 -0.95 -7.78
C TRP A 52 2.22 -0.16 -7.06
N PHE A 53 3.10 -0.90 -6.39
CA PHE A 53 4.20 -0.29 -5.65
C PHE A 53 5.12 -1.35 -5.06
N PRO A 54 6.41 -0.95 -4.88
CA PRO A 54 7.39 -1.86 -4.32
C PRO A 54 7.20 -2.03 -2.82
N SER A 55 7.51 -3.23 -2.33
CA SER A 55 7.37 -3.52 -0.92
C SER A 55 8.59 -3.01 -0.16
N ASN A 56 9.47 -2.34 -0.90
CA ASN A 56 10.68 -1.80 -0.30
C ASN A 56 10.46 -0.32 0.02
N TYR A 57 9.34 0.19 -0.45
CA TYR A 57 9.00 1.60 -0.22
C TYR A 57 7.83 1.73 0.75
N VAL A 58 7.21 0.58 1.04
CA VAL A 58 6.09 0.56 1.96
C VAL A 58 6.45 -0.31 3.18
N GLU A 59 5.58 -0.26 4.17
CA GLU A 59 5.79 -1.02 5.38
C GLU A 59 4.45 -1.52 5.95
N GLU A 60 4.37 -2.82 6.13
CA GLU A 60 3.16 -3.43 6.67
C GLU A 60 3.42 -4.02 8.05
N ASP A 61 2.35 -4.47 8.68
CA ASP A 61 2.44 -5.06 10.00
C ASP A 61 3.44 -4.25 10.84
N TYR A 62 3.34 -2.94 10.72
CA TYR A 62 4.21 -2.05 11.46
C TYR A 62 3.55 -1.57 12.75
N SER A 63 2.26 -1.32 12.66
CA SER A 63 1.49 -0.86 13.80
C SER A 63 0.01 -1.19 13.61
N GLU A 64 -0.76 -0.90 14.65
CA GLU A 64 -2.19 -1.15 14.62
C GLU A 64 -2.94 0.11 14.18
N TYR A 65 -4.26 -0.02 14.10
CA TYR A 65 -5.09 1.10 13.70
C TYR A 65 -6.23 1.31 14.71
N LEU A 66 -5.84 1.44 15.97
CA LEU A 66 -6.80 1.64 17.03
C LEU A 66 -7.77 2.77 16.62
N PRO A 67 -8.95 2.79 17.30
CA PRO A 67 -9.96 3.80 17.03
C PRO A 67 -9.55 5.15 17.62
N GLU A 68 -9.80 6.20 16.84
CA GLU A 68 -9.47 7.54 17.27
C GLU A 68 -10.23 7.89 18.56
N THR A 69 -9.51 7.83 19.67
CA THR A 69 -10.10 8.14 20.96
C THR A 69 -10.62 9.58 20.99
N GLY A 1 -9.67 -20.44 2.81
CA GLY A 1 -8.34 -19.86 2.90
C GLY A 1 -8.41 -18.42 3.39
N PRO A 2 -7.21 -17.89 3.77
CA PRO A 2 -7.12 -16.52 4.26
C PRO A 2 -7.25 -15.52 3.11
N GLY A 3 -8.13 -14.55 3.32
CA GLY A 3 -8.35 -13.52 2.31
C GLY A 3 -8.45 -12.13 2.95
N THR A 4 -7.79 -12.00 4.09
CA THR A 4 -7.80 -10.74 4.81
C THR A 4 -6.66 -9.84 4.33
N PHE A 5 -6.78 -8.56 4.64
CA PHE A 5 -5.77 -7.59 4.26
C PHE A 5 -5.80 -6.37 5.16
N GLY A 6 -4.63 -5.76 5.35
CA GLY A 6 -4.51 -4.58 6.18
C GLY A 6 -4.24 -3.34 5.34
N THR A 7 -3.09 -2.74 5.59
CA THR A 7 -2.70 -1.54 4.87
C THR A 7 -1.17 -1.44 4.78
N ALA A 8 -0.71 -0.44 4.04
CA ALA A 8 0.71 -0.23 3.88
C ALA A 8 1.01 1.26 3.91
N LYS A 9 1.62 1.70 5.00
CA LYS A 9 1.96 3.10 5.18
C LYS A 9 3.16 3.44 4.28
N ALA A 10 2.92 4.31 3.32
CA ALA A 10 3.97 4.71 2.40
C ALA A 10 5.10 5.38 3.18
N ARG A 11 6.31 4.95 2.89
CA ARG A 11 7.48 5.50 3.55
C ARG A 11 8.22 6.46 2.63
N TYR A 12 7.75 6.54 1.39
CA TYR A 12 8.36 7.41 0.40
C TYR A 12 7.37 7.73 -0.72
N ASP A 13 7.24 9.02 -0.98
CA ASP A 13 6.33 9.48 -2.03
C ASP A 13 6.74 8.86 -3.36
N PHE A 14 5.78 8.19 -3.98
CA PHE A 14 6.03 7.55 -5.26
C PHE A 14 5.22 8.22 -6.38
N CYS A 15 5.94 8.82 -7.31
CA CYS A 15 5.31 9.49 -8.43
C CYS A 15 5.01 8.46 -9.51
N ALA A 16 3.73 8.18 -9.68
CA ALA A 16 3.29 7.21 -10.68
C ALA A 16 3.65 7.72 -12.07
N ARG A 17 4.77 7.22 -12.58
CA ARG A 17 5.23 7.60 -13.90
C ARG A 17 4.22 7.19 -14.96
N ASP A 18 3.49 6.12 -14.65
CA ASP A 18 2.49 5.61 -15.58
C ASP A 18 1.21 5.28 -14.80
N ARG A 19 0.19 4.90 -15.55
CA ARG A 19 -1.09 4.56 -14.95
C ARG A 19 -1.04 3.15 -14.34
N SER A 20 0.09 2.49 -14.57
CA SER A 20 0.28 1.15 -14.06
C SER A 20 0.85 1.20 -12.63
N GLU A 21 1.22 2.41 -12.23
CA GLU A 21 1.79 2.61 -10.91
C GLU A 21 0.76 3.29 -10.00
N LEU A 22 0.99 3.15 -8.70
CA LEU A 22 0.09 3.73 -7.71
C LEU A 22 0.73 4.99 -7.12
N SER A 23 -0.10 6.02 -6.96
CA SER A 23 0.37 7.28 -6.41
C SER A 23 0.48 7.18 -4.89
N LEU A 24 1.73 7.14 -4.42
CA LEU A 24 1.99 7.04 -2.99
C LEU A 24 2.34 8.44 -2.45
N LYS A 25 2.18 8.58 -1.14
CA LYS A 25 2.47 9.84 -0.49
C LYS A 25 2.81 9.59 0.99
N GLU A 26 4.07 9.82 1.32
CA GLU A 26 4.53 9.62 2.68
C GLU A 26 3.46 10.08 3.67
N GLY A 27 3.27 9.26 4.71
CA GLY A 27 2.29 9.57 5.73
C GLY A 27 0.90 9.09 5.32
N ASP A 28 0.86 8.36 4.21
CA ASP A 28 -0.38 7.83 3.70
C ASP A 28 -0.41 6.31 3.88
N ILE A 29 -1.61 5.76 3.82
CA ILE A 29 -1.78 4.33 3.98
C ILE A 29 -2.26 3.73 2.66
N ILE A 30 -1.75 2.54 2.37
CA ILE A 30 -2.10 1.85 1.14
C ILE A 30 -2.96 0.62 1.48
N LYS A 31 -4.20 0.67 1.04
CA LYS A 31 -5.12 -0.44 1.29
C LYS A 31 -4.70 -1.65 0.46
N ILE A 32 -4.28 -2.69 1.17
CA ILE A 32 -3.86 -3.91 0.52
C ILE A 32 -5.08 -4.66 -0.01
N LEU A 33 -5.02 -4.99 -1.30
CA LEU A 33 -6.11 -5.71 -1.94
C LEU A 33 -5.60 -7.06 -2.44
N ASN A 34 -4.39 -7.04 -2.98
CA ASN A 34 -3.79 -8.25 -3.49
C ASN A 34 -2.31 -8.29 -3.08
N LYS A 35 -1.83 -9.50 -2.82
CA LYS A 35 -0.45 -9.69 -2.41
C LYS A 35 0.15 -10.85 -3.21
N LYS A 36 0.75 -10.49 -4.34
CA LYS A 36 1.36 -11.48 -5.21
C LYS A 36 2.11 -12.52 -4.35
N GLY A 37 2.57 -12.06 -3.19
CA GLY A 37 3.28 -12.92 -2.27
C GLY A 37 4.79 -12.72 -2.39
N GLN A 38 5.38 -13.39 -3.35
CA GLN A 38 6.81 -13.30 -3.57
C GLN A 38 7.21 -11.84 -3.82
N GLN A 39 8.50 -11.57 -3.66
CA GLN A 39 9.02 -10.23 -3.86
C GLN A 39 8.47 -9.63 -5.16
N GLY A 40 8.48 -8.31 -5.21
CA GLY A 40 7.98 -7.61 -6.38
C GLY A 40 7.24 -6.33 -5.98
N TRP A 41 5.93 -6.38 -6.12
CA TRP A 41 5.10 -5.24 -5.79
C TRP A 41 3.81 -5.77 -5.14
N TRP A 42 3.01 -4.83 -4.64
CA TRP A 42 1.76 -5.20 -4.01
C TRP A 42 0.66 -4.28 -4.56
N ARG A 43 -0.54 -4.82 -4.65
CA ARG A 43 -1.67 -4.08 -5.16
C ARG A 43 -2.37 -3.33 -4.01
N GLY A 44 -3.02 -2.23 -4.37
CA GLY A 44 -3.74 -1.43 -3.40
C GLY A 44 -4.38 -0.21 -4.06
N GLU A 45 -4.87 0.69 -3.21
CA GLU A 45 -5.52 1.90 -3.71
C GLU A 45 -5.40 3.02 -2.66
N ILE A 46 -5.55 4.24 -3.14
CA ILE A 46 -5.47 5.40 -2.26
C ILE A 46 -6.33 6.53 -2.83
N TYR A 47 -7.10 7.15 -1.95
CA TYR A 47 -7.96 8.25 -2.36
C TYR A 47 -8.90 7.81 -3.49
N GLY A 48 -9.02 6.50 -3.64
CA GLY A 48 -9.88 5.95 -4.68
C GLY A 48 -9.10 5.73 -5.98
N ARG A 49 -7.80 5.63 -5.84
CA ARG A 49 -6.93 5.42 -6.99
C ARG A 49 -6.25 4.05 -6.90
N ILE A 50 -6.57 3.21 -7.88
CA ILE A 50 -6.00 1.88 -7.93
C ILE A 50 -4.67 1.92 -8.67
N GLY A 51 -3.80 0.99 -8.33
CA GLY A 51 -2.49 0.90 -8.96
C GLY A 51 -1.61 -0.13 -8.26
N TRP A 52 -0.32 -0.07 -8.55
CA TRP A 52 0.64 -0.99 -7.97
C TRP A 52 1.74 -0.17 -7.31
N PHE A 53 2.53 -0.84 -6.48
CA PHE A 53 3.62 -0.19 -5.78
C PHE A 53 4.57 -1.22 -5.16
N PRO A 54 5.84 -0.80 -4.97
CA PRO A 54 6.85 -1.67 -4.39
C PRO A 54 6.64 -1.79 -2.87
N SER A 55 7.00 -2.96 -2.36
CA SER A 55 6.86 -3.24 -0.94
C SER A 55 8.13 -2.79 -0.20
N ASN A 56 9.04 -2.20 -0.96
CA ASN A 56 10.29 -1.73 -0.39
C ASN A 56 10.15 -0.24 -0.04
N TYR A 57 9.10 0.36 -0.56
CA TYR A 57 8.84 1.77 -0.31
C TYR A 57 7.62 1.96 0.61
N VAL A 58 6.94 0.86 0.85
CA VAL A 58 5.76 0.89 1.69
C VAL A 58 6.01 0.01 2.94
N GLU A 59 5.11 0.15 3.90
CA GLU A 59 5.21 -0.62 5.13
C GLU A 59 4.09 -1.65 5.21
N GLU A 60 4.18 -2.50 6.22
CA GLU A 60 3.19 -3.53 6.42
C GLU A 60 3.12 -3.92 7.90
N ASP A 61 1.89 -4.14 8.36
CA ASP A 61 1.66 -4.51 9.75
C ASP A 61 2.60 -3.70 10.65
N TYR A 62 2.92 -2.50 10.19
CA TYR A 62 3.80 -1.62 10.93
C TYR A 62 3.21 -1.29 12.31
N SER A 63 1.89 -1.31 12.37
CA SER A 63 1.19 -1.01 13.61
C SER A 63 -0.14 -1.77 13.66
N GLU A 64 -0.83 -1.63 14.78
CA GLU A 64 -2.10 -2.29 14.96
C GLU A 64 -2.80 -1.76 16.22
N TYR A 65 -4.13 -1.87 16.22
CA TYR A 65 -4.91 -1.42 17.35
C TYR A 65 -4.85 0.10 17.48
N LEU A 66 -4.93 0.77 16.33
CA LEU A 66 -4.88 2.22 16.31
C LEU A 66 -5.86 2.77 17.35
N PRO A 67 -5.68 4.09 17.67
CA PRO A 67 -6.55 4.74 18.64
C PRO A 67 -7.91 5.05 18.04
N GLU A 68 -8.83 5.45 18.90
CA GLU A 68 -10.18 5.77 18.47
C GLU A 68 -10.16 6.98 17.52
N THR A 69 -10.91 6.84 16.43
CA THR A 69 -10.98 7.91 15.44
C THR A 69 -12.34 7.89 14.74
N GLY A 1 0.85 -17.66 10.73
CA GLY A 1 -0.49 -17.62 11.33
C GLY A 1 -1.49 -16.99 10.36
N PRO A 2 -2.74 -16.80 10.86
CA PRO A 2 -3.80 -16.21 10.06
C PRO A 2 -3.59 -14.70 9.90
N GLY A 3 -2.96 -14.34 8.78
CA GLY A 3 -2.70 -12.94 8.50
C GLY A 3 -3.60 -12.44 7.37
N THR A 4 -4.12 -11.24 7.56
CA THR A 4 -4.99 -10.63 6.58
C THR A 4 -4.48 -9.23 6.20
N PHE A 5 -4.65 -8.90 4.94
CA PHE A 5 -4.21 -7.61 4.43
C PHE A 5 -4.68 -6.48 5.35
N GLY A 6 -4.28 -5.27 5.00
CA GLY A 6 -4.66 -4.09 5.78
C GLY A 6 -4.27 -2.81 5.05
N THR A 7 -3.14 -2.25 5.47
CA THR A 7 -2.65 -1.02 4.86
C THR A 7 -1.12 -0.99 4.87
N ALA A 8 -0.58 -0.07 4.10
CA ALA A 8 0.87 0.08 4.02
C ALA A 8 1.22 1.55 3.86
N LYS A 9 2.00 2.04 4.81
CA LYS A 9 2.42 3.44 4.78
C LYS A 9 3.50 3.63 3.73
N ALA A 10 3.63 4.86 3.27
CA ALA A 10 4.63 5.19 2.26
C ALA A 10 5.89 5.71 2.93
N ARG A 11 7.01 5.08 2.58
CA ARG A 11 8.29 5.46 3.15
C ARG A 11 9.11 6.25 2.13
N TYR A 12 8.50 6.48 0.97
CA TYR A 12 9.16 7.21 -0.10
C TYR A 12 8.13 7.90 -1.00
N ASP A 13 8.38 9.18 -1.24
CA ASP A 13 7.49 9.97 -2.07
C ASP A 13 7.58 9.46 -3.52
N PHE A 14 6.64 8.60 -3.87
CA PHE A 14 6.59 8.05 -5.21
C PHE A 14 5.88 8.98 -6.18
N CYS A 15 5.86 8.58 -7.44
CA CYS A 15 5.21 9.37 -8.47
C CYS A 15 4.75 8.44 -9.58
N ALA A 16 3.44 8.20 -9.62
CA ALA A 16 2.86 7.33 -10.62
C ALA A 16 2.96 8.00 -12.00
N ARG A 17 3.46 7.23 -12.96
CA ARG A 17 3.61 7.74 -14.31
C ARG A 17 2.50 7.21 -15.20
N ASP A 18 1.86 6.14 -14.74
CA ASP A 18 0.77 5.53 -15.48
C ASP A 18 -0.29 5.02 -14.50
N ARG A 19 -1.41 4.58 -15.06
CA ARG A 19 -2.50 4.07 -14.25
C ARG A 19 -2.13 2.69 -13.69
N SER A 20 -1.05 2.14 -14.21
CA SER A 20 -0.59 0.83 -13.76
C SER A 20 0.29 0.98 -12.52
N GLU A 21 0.31 2.20 -12.00
CA GLU A 21 1.11 2.49 -10.81
C GLU A 21 0.26 3.25 -9.79
N LEU A 22 0.60 3.05 -8.53
CA LEU A 22 -0.11 3.70 -7.44
C LEU A 22 0.65 4.97 -7.02
N SER A 23 -0.11 6.01 -6.72
CA SER A 23 0.47 7.27 -6.31
C SER A 23 0.82 7.23 -4.83
N LEU A 24 2.08 6.90 -4.56
CA LEU A 24 2.55 6.82 -3.19
C LEU A 24 3.06 8.19 -2.75
N LYS A 25 3.00 8.43 -1.44
CA LYS A 25 3.44 9.69 -0.88
C LYS A 25 3.71 9.51 0.61
N GLU A 26 4.97 9.69 0.97
CA GLU A 26 5.39 9.55 2.36
C GLU A 26 4.32 10.17 3.29
N GLY A 27 4.05 9.45 4.37
CA GLY A 27 3.06 9.91 5.34
C GLY A 27 1.65 9.51 4.90
N ASP A 28 1.58 8.71 3.84
CA ASP A 28 0.31 8.26 3.32
C ASP A 28 0.19 6.75 3.52
N ILE A 29 -1.05 6.27 3.51
CA ILE A 29 -1.31 4.85 3.68
C ILE A 29 -1.76 4.26 2.34
N ILE A 30 -1.47 2.97 2.18
CA ILE A 30 -1.84 2.28 0.97
C ILE A 30 -2.74 1.09 1.32
N LYS A 31 -3.98 1.15 0.84
CA LYS A 31 -4.94 0.09 1.11
C LYS A 31 -4.58 -1.13 0.25
N ILE A 32 -4.17 -2.19 0.93
CA ILE A 32 -3.81 -3.42 0.25
C ILE A 32 -5.06 -4.08 -0.32
N LEU A 33 -5.04 -4.30 -1.63
CA LEU A 33 -6.17 -4.91 -2.30
C LEU A 33 -5.73 -6.25 -2.89
N ASN A 34 -4.58 -6.22 -3.55
CA ASN A 34 -4.03 -7.42 -4.16
C ASN A 34 -2.64 -7.70 -3.59
N LYS A 35 -2.29 -8.97 -3.57
CA LYS A 35 -0.99 -9.38 -3.06
C LYS A 35 -0.36 -10.39 -4.02
N LYS A 36 0.02 -9.88 -5.19
CA LYS A 36 0.63 -10.72 -6.20
C LYS A 36 1.83 -11.45 -5.60
N GLY A 37 1.66 -12.76 -5.46
CA GLY A 37 2.71 -13.59 -4.90
C GLY A 37 2.90 -13.30 -3.41
N GLN A 38 4.04 -13.75 -2.89
CA GLN A 38 4.35 -13.55 -1.49
C GLN A 38 5.04 -12.19 -1.30
N GLN A 39 5.98 -11.91 -2.18
CA GLN A 39 6.72 -10.66 -2.12
C GLN A 39 7.07 -10.18 -3.52
N GLY A 40 6.94 -8.87 -3.72
CA GLY A 40 7.24 -8.27 -5.01
C GLY A 40 6.62 -6.88 -5.13
N TRP A 41 5.40 -6.86 -5.65
CA TRP A 41 4.68 -5.60 -5.82
C TRP A 41 3.21 -5.86 -5.52
N TRP A 42 2.72 -5.17 -4.50
CA TRP A 42 1.33 -5.31 -4.11
C TRP A 42 0.51 -4.25 -4.84
N ARG A 43 -0.79 -4.44 -4.84
CA ARG A 43 -1.70 -3.52 -5.50
C ARG A 43 -2.71 -2.95 -4.50
N GLY A 44 -2.70 -1.62 -4.39
CA GLY A 44 -3.60 -0.94 -3.48
C GLY A 44 -4.27 0.25 -4.16
N GLU A 45 -4.58 1.26 -3.36
CA GLU A 45 -5.22 2.45 -3.87
C GLU A 45 -5.11 3.59 -2.85
N ILE A 46 -5.14 4.81 -3.36
CA ILE A 46 -5.05 5.99 -2.51
C ILE A 46 -5.91 7.10 -3.09
N TYR A 47 -6.82 7.60 -2.27
CA TYR A 47 -7.70 8.67 -2.70
C TYR A 47 -8.55 8.24 -3.89
N GLY A 48 -8.76 6.94 -4.00
CA GLY A 48 -9.54 6.38 -5.08
C GLY A 48 -8.65 6.03 -6.28
N ARG A 49 -7.38 6.38 -6.15
CA ARG A 49 -6.42 6.11 -7.21
C ARG A 49 -5.86 4.70 -7.07
N ILE A 50 -6.17 3.86 -8.04
CA ILE A 50 -5.71 2.49 -8.04
C ILE A 50 -4.33 2.42 -8.70
N GLY A 51 -3.59 1.39 -8.34
CA GLY A 51 -2.26 1.20 -8.89
C GLY A 51 -1.50 0.12 -8.11
N TRP A 52 -0.19 0.08 -8.34
CA TRP A 52 0.66 -0.89 -7.68
C TRP A 52 1.84 -0.13 -7.05
N PHE A 53 2.73 -0.90 -6.43
CA PHE A 53 3.89 -0.31 -5.79
C PHE A 53 4.79 -1.39 -5.18
N PRO A 54 6.10 -1.05 -5.05
CA PRO A 54 7.06 -1.98 -4.49
C PRO A 54 6.90 -2.10 -2.98
N SER A 55 7.20 -3.29 -2.47
CA SER A 55 7.10 -3.55 -1.05
C SER A 55 8.35 -3.03 -0.33
N ASN A 56 9.21 -2.39 -1.10
CA ASN A 56 10.44 -1.84 -0.56
C ASN A 56 10.31 -0.32 -0.45
N TYR A 57 9.15 0.17 -0.86
CA TYR A 57 8.89 1.61 -0.82
C TYR A 57 7.74 1.93 0.14
N VAL A 58 7.22 0.88 0.76
CA VAL A 58 6.13 1.03 1.70
C VAL A 58 6.36 0.11 2.89
N GLU A 59 5.54 0.31 3.92
CA GLU A 59 5.63 -0.49 5.12
C GLU A 59 4.43 -1.43 5.24
N GLU A 60 4.48 -2.29 6.25
CA GLU A 60 3.40 -3.24 6.48
C GLU A 60 3.27 -3.54 7.97
N ASP A 61 2.03 -3.60 8.43
CA ASP A 61 1.76 -3.88 9.83
C ASP A 61 2.77 -3.13 10.70
N TYR A 62 3.21 -1.99 10.19
CA TYR A 62 4.18 -1.18 10.91
C TYR A 62 3.63 -0.76 12.28
N SER A 63 2.33 -0.54 12.31
CA SER A 63 1.67 -0.14 13.54
C SER A 63 0.22 -0.62 13.54
N GLU A 64 -0.44 -0.40 14.68
CA GLU A 64 -1.84 -0.80 14.82
C GLU A 64 -2.72 0.43 14.99
N TYR A 65 -3.75 0.50 14.14
CA TYR A 65 -4.68 1.61 14.19
C TYR A 65 -6.13 1.12 14.11
N LEU A 66 -6.38 0.02 14.79
CA LEU A 66 -7.72 -0.56 14.80
C LEU A 66 -8.66 0.36 15.57
N PRO A 67 -9.99 0.16 15.32
CA PRO A 67 -11.00 0.96 15.98
C PRO A 67 -11.18 0.53 17.43
N GLU A 68 -11.62 1.48 18.25
CA GLU A 68 -11.83 1.21 19.66
C GLU A 68 -12.57 -0.12 19.85
N THR A 69 -12.42 -0.67 21.04
CA THR A 69 -13.06 -1.94 21.35
C THR A 69 -14.34 -1.70 22.17
N GLY A 1 -14.18 -13.67 1.34
CA GLY A 1 -13.07 -12.84 0.89
C GLY A 1 -11.90 -13.71 0.44
N PRO A 2 -10.93 -13.05 -0.23
CA PRO A 2 -9.74 -13.73 -0.73
C PRO A 2 -8.79 -14.07 0.42
N GLY A 3 -8.95 -13.36 1.52
CA GLY A 3 -8.11 -13.57 2.68
C GLY A 3 -8.26 -12.42 3.68
N THR A 4 -7.13 -11.90 4.12
CA THR A 4 -7.11 -10.81 5.08
C THR A 4 -5.94 -9.87 4.80
N PHE A 5 -6.23 -8.58 4.79
CA PHE A 5 -5.21 -7.58 4.54
C PHE A 5 -5.40 -6.37 5.46
N GLY A 6 -4.55 -5.37 5.26
CA GLY A 6 -4.60 -4.17 6.06
C GLY A 6 -4.29 -2.94 5.21
N THR A 7 -3.09 -2.41 5.41
CA THR A 7 -2.64 -1.24 4.68
C THR A 7 -1.12 -1.19 4.61
N ALA A 8 -0.62 -0.22 3.87
CA ALA A 8 0.82 -0.05 3.71
C ALA A 8 1.15 1.43 3.62
N LYS A 9 1.65 1.96 4.73
CA LYS A 9 2.02 3.37 4.80
C LYS A 9 3.20 3.63 3.86
N ALA A 10 3.03 4.62 3.00
CA ALA A 10 4.07 4.98 2.05
C ALA A 10 5.19 5.72 2.78
N ARG A 11 6.39 5.20 2.62
CA ARG A 11 7.55 5.80 3.26
C ARG A 11 8.31 6.68 2.26
N TYR A 12 7.77 6.75 1.06
CA TYR A 12 8.38 7.55 0.01
C TYR A 12 7.37 7.89 -1.09
N ASP A 13 7.29 9.17 -1.40
CA ASP A 13 6.37 9.64 -2.43
C ASP A 13 6.79 9.06 -3.78
N PHE A 14 5.98 8.15 -4.28
CA PHE A 14 6.25 7.52 -5.56
C PHE A 14 5.42 8.16 -6.67
N CYS A 15 6.13 8.60 -7.71
CA CYS A 15 5.48 9.25 -8.84
C CYS A 15 5.18 8.17 -9.88
N ALA A 16 3.90 7.92 -10.09
CA ALA A 16 3.47 6.93 -11.06
C ALA A 16 3.69 7.47 -12.47
N ARG A 17 4.74 6.96 -13.11
CA ARG A 17 5.07 7.37 -14.45
C ARG A 17 4.11 6.75 -15.46
N ASP A 18 3.54 5.61 -15.06
CA ASP A 18 2.60 4.90 -15.92
C ASP A 18 1.36 4.54 -15.11
N ARG A 19 0.34 4.08 -15.82
CA ARG A 19 -0.90 3.70 -15.18
C ARG A 19 -0.75 2.34 -14.48
N SER A 20 0.43 1.76 -14.66
CA SER A 20 0.72 0.47 -14.06
C SER A 20 1.29 0.67 -12.65
N GLU A 21 1.64 1.91 -12.36
CA GLU A 21 2.20 2.25 -11.06
C GLU A 21 1.14 2.93 -10.19
N LEU A 22 1.36 2.85 -8.89
CA LEU A 22 0.43 3.46 -7.94
C LEU A 22 1.03 4.76 -7.39
N SER A 23 0.17 5.75 -7.25
CA SER A 23 0.60 7.04 -6.74
C SER A 23 0.74 7.00 -5.22
N LEU A 24 1.98 7.10 -4.77
CA LEU A 24 2.25 7.07 -3.35
C LEU A 24 2.63 8.48 -2.88
N LYS A 25 2.49 8.69 -1.57
CA LYS A 25 2.80 9.98 -0.99
C LYS A 25 3.06 9.81 0.51
N GLU A 26 4.31 10.02 0.90
CA GLU A 26 4.70 9.90 2.29
C GLU A 26 3.60 10.43 3.21
N GLY A 27 3.28 9.65 4.22
CA GLY A 27 2.25 10.04 5.17
C GLY A 27 0.89 9.43 4.78
N ASP A 28 0.83 8.94 3.55
CA ASP A 28 -0.39 8.34 3.05
C ASP A 28 -0.35 6.83 3.30
N ILE A 29 -1.52 6.22 3.24
CA ILE A 29 -1.63 4.79 3.46
C ILE A 29 -2.13 4.12 2.18
N ILE A 30 -1.50 3.00 1.86
CA ILE A 30 -1.86 2.25 0.66
C ILE A 30 -2.70 1.04 1.06
N LYS A 31 -3.97 1.07 0.64
CA LYS A 31 -4.88 0.00 0.94
C LYS A 31 -4.47 -1.26 0.17
N ILE A 32 -4.09 -2.28 0.94
CA ILE A 32 -3.66 -3.53 0.35
C ILE A 32 -4.89 -4.33 -0.08
N LEU A 33 -4.79 -4.90 -1.28
CA LEU A 33 -5.87 -5.70 -1.83
C LEU A 33 -5.35 -7.06 -2.25
N ASN A 34 -4.23 -7.04 -2.95
CA ASN A 34 -3.61 -8.28 -3.41
C ASN A 34 -2.10 -8.20 -3.17
N LYS A 35 -1.54 -9.34 -2.77
CA LYS A 35 -0.12 -9.42 -2.50
C LYS A 35 0.49 -10.56 -3.33
N LYS A 36 0.91 -10.21 -4.54
CA LYS A 36 1.50 -11.19 -5.43
C LYS A 36 2.53 -12.03 -4.66
N GLY A 37 3.07 -11.41 -3.61
CA GLY A 37 4.06 -12.08 -2.79
C GLY A 37 4.86 -11.07 -1.96
N GLN A 38 5.60 -11.60 -0.99
CA GLN A 38 6.42 -10.75 -0.13
C GLN A 38 7.57 -10.15 -0.93
N GLN A 39 7.71 -10.61 -2.16
CA GLN A 39 8.78 -10.13 -3.03
C GLN A 39 8.19 -9.59 -4.33
N GLY A 40 8.65 -8.41 -4.72
CA GLY A 40 8.18 -7.78 -5.94
C GLY A 40 7.44 -6.48 -5.63
N TRP A 41 6.12 -6.53 -5.83
CA TRP A 41 5.29 -5.36 -5.58
C TRP A 41 3.97 -5.84 -4.98
N TRP A 42 3.15 -4.89 -4.56
CA TRP A 42 1.87 -5.20 -3.97
C TRP A 42 0.79 -4.38 -4.69
N ARG A 43 -0.37 -4.98 -4.82
CA ARG A 43 -1.48 -4.30 -5.49
C ARG A 43 -2.44 -3.70 -4.46
N GLY A 44 -2.45 -2.38 -4.42
CA GLY A 44 -3.32 -1.67 -3.49
C GLY A 44 -4.11 -0.57 -4.20
N GLU A 45 -4.49 0.43 -3.42
CA GLU A 45 -5.24 1.55 -3.97
C GLU A 45 -5.31 2.69 -2.95
N ILE A 46 -5.37 3.90 -3.48
CA ILE A 46 -5.44 5.09 -2.63
C ILE A 46 -6.42 6.09 -3.24
N TYR A 47 -7.36 6.53 -2.41
CA TYR A 47 -8.35 7.49 -2.85
C TYR A 47 -9.19 6.92 -4.00
N GLY A 48 -9.20 5.60 -4.08
CA GLY A 48 -9.96 4.92 -5.11
C GLY A 48 -9.11 4.71 -6.36
N ARG A 49 -7.84 5.05 -6.23
CA ARG A 49 -6.91 4.91 -7.35
C ARG A 49 -6.12 3.61 -7.20
N ILE A 50 -6.29 2.73 -8.18
CA ILE A 50 -5.59 1.46 -8.18
C ILE A 50 -4.22 1.63 -8.85
N GLY A 51 -3.34 0.69 -8.54
CA GLY A 51 -1.99 0.72 -9.10
C GLY A 51 -1.09 -0.30 -8.41
N TRP A 52 0.15 -0.33 -8.86
CA TRP A 52 1.13 -1.25 -8.29
C TRP A 52 2.25 -0.42 -7.65
N PHE A 53 2.85 -1.00 -6.62
CA PHE A 53 3.92 -0.32 -5.91
C PHE A 53 4.80 -1.34 -5.18
N PRO A 54 6.09 -0.94 -4.98
CA PRO A 54 7.04 -1.79 -4.28
C PRO A 54 6.77 -1.81 -2.78
N SER A 55 7.07 -2.95 -2.17
CA SER A 55 6.87 -3.12 -0.74
C SER A 55 8.10 -2.61 0.01
N ASN A 56 9.04 -2.08 -0.73
CA ASN A 56 10.26 -1.56 -0.14
C ASN A 56 10.13 -0.05 0.07
N TYR A 57 9.07 0.51 -0.52
CA TYR A 57 8.82 1.93 -0.41
C TYR A 57 7.62 2.21 0.51
N VAL A 58 6.99 1.11 0.94
CA VAL A 58 5.83 1.22 1.81
C VAL A 58 6.11 0.45 3.10
N GLU A 59 5.10 0.42 3.96
CA GLU A 59 5.22 -0.27 5.23
C GLU A 59 4.13 -1.35 5.35
N GLU A 60 4.19 -2.09 6.44
CA GLU A 60 3.22 -3.15 6.68
C GLU A 60 3.03 -3.36 8.19
N ASP A 61 1.78 -3.53 8.57
CA ASP A 61 1.45 -3.76 9.97
C ASP A 61 2.31 -2.82 10.83
N TYR A 62 2.65 -1.68 10.26
CA TYR A 62 3.46 -0.70 10.97
C TYR A 62 2.78 -0.26 12.27
N SER A 63 1.47 -0.13 12.19
CA SER A 63 0.69 0.28 13.36
C SER A 63 -0.75 -0.20 13.22
N GLU A 64 -1.26 -0.73 14.32
CA GLU A 64 -2.63 -1.23 14.33
C GLU A 64 -3.59 -0.16 14.87
N TYR A 65 -4.85 -0.32 14.53
CA TYR A 65 -5.87 0.62 14.95
C TYR A 65 -6.43 0.24 16.33
N LEU A 66 -5.51 -0.16 17.21
CA LEU A 66 -5.90 -0.56 18.55
C LEU A 66 -7.01 0.37 19.05
N PRO A 67 -7.83 -0.17 20.00
CA PRO A 67 -8.92 0.60 20.57
C PRO A 67 -8.40 1.64 21.56
N GLU A 68 -9.16 2.71 21.71
CA GLU A 68 -8.79 3.78 22.62
C GLU A 68 -9.22 3.42 24.04
N THR A 69 -8.43 3.88 25.00
CA THR A 69 -8.73 3.63 26.40
C THR A 69 -10.13 4.13 26.75
N GLY A 1 -13.78 -3.61 0.35
CA GLY A 1 -13.68 -4.77 1.23
C GLY A 1 -12.55 -4.60 2.24
N PRO A 2 -12.45 -5.58 3.17
CA PRO A 2 -11.42 -5.55 4.19
C PRO A 2 -10.05 -5.92 3.60
N GLY A 3 -9.02 -5.73 4.41
CA GLY A 3 -7.67 -6.04 3.99
C GLY A 3 -7.15 -7.30 4.68
N THR A 4 -6.92 -8.33 3.88
CA THR A 4 -6.42 -9.59 4.40
C THR A 4 -5.26 -9.35 5.37
N PHE A 5 -4.53 -8.28 5.11
CA PHE A 5 -3.40 -7.93 5.95
C PHE A 5 -3.68 -6.65 6.76
N GLY A 6 -3.76 -5.54 6.03
CA GLY A 6 -4.03 -4.26 6.66
C GLY A 6 -3.78 -3.11 5.67
N THR A 7 -2.68 -2.40 5.91
CA THR A 7 -2.31 -1.28 5.06
C THR A 7 -0.80 -1.13 5.02
N ALA A 8 -0.36 -0.12 4.27
CA ALA A 8 1.06 0.15 4.14
C ALA A 8 1.28 1.66 4.03
N LYS A 9 1.94 2.21 5.04
CA LYS A 9 2.22 3.63 5.07
C LYS A 9 3.37 3.95 4.11
N ALA A 10 3.05 4.73 3.09
CA ALA A 10 4.04 5.10 2.10
C ALA A 10 5.23 5.78 2.80
N ARG A 11 6.41 5.21 2.57
CA ARG A 11 7.62 5.75 3.17
C ARG A 11 8.37 6.61 2.17
N TYR A 12 7.87 6.61 0.93
CA TYR A 12 8.49 7.39 -0.12
C TYR A 12 7.49 7.66 -1.25
N ASP A 13 7.39 8.94 -1.60
CA ASP A 13 6.49 9.35 -2.66
C ASP A 13 6.87 8.66 -3.97
N PHE A 14 5.93 7.90 -4.51
CA PHE A 14 6.16 7.19 -5.75
C PHE A 14 5.32 7.76 -6.89
N CYS A 15 6.02 8.36 -7.85
CA CYS A 15 5.34 8.95 -9.00
C CYS A 15 5.03 7.83 -10.01
N ALA A 16 3.75 7.46 -10.04
CA ALA A 16 3.31 6.42 -10.95
C ALA A 16 3.58 6.85 -12.39
N ARG A 17 4.67 6.36 -12.93
CA ARG A 17 5.05 6.69 -14.30
C ARG A 17 3.85 6.52 -15.23
N ASP A 18 2.92 5.69 -14.80
CA ASP A 18 1.72 5.43 -15.58
C ASP A 18 0.60 4.97 -14.65
N ARG A 19 -0.61 4.92 -15.21
CA ARG A 19 -1.77 4.50 -14.45
C ARG A 19 -1.59 3.05 -13.96
N SER A 20 -0.64 2.37 -14.58
CA SER A 20 -0.35 1.00 -14.21
C SER A 20 0.34 0.94 -12.84
N GLU A 21 0.80 2.10 -12.41
CA GLU A 21 1.47 2.20 -11.13
C GLU A 21 0.61 2.98 -10.13
N LEU A 22 0.77 2.62 -8.87
CA LEU A 22 0.01 3.28 -7.81
C LEU A 22 0.73 4.55 -7.39
N SER A 23 -0.06 5.59 -7.15
CA SER A 23 0.48 6.87 -6.73
C SER A 23 0.65 6.91 -5.21
N LEU A 24 1.90 6.80 -4.78
CA LEU A 24 2.20 6.82 -3.36
C LEU A 24 2.57 8.24 -2.94
N LYS A 25 2.40 8.50 -1.65
CA LYS A 25 2.71 9.81 -1.11
C LYS A 25 3.07 9.68 0.38
N GLU A 26 4.33 9.93 0.68
CA GLU A 26 4.80 9.83 2.05
C GLU A 26 3.74 10.39 3.01
N GLY A 27 3.57 9.69 4.12
CA GLY A 27 2.61 10.09 5.12
C GLY A 27 1.20 9.60 4.76
N ASP A 28 1.15 8.77 3.73
CA ASP A 28 -0.12 8.23 3.27
C ASP A 28 -0.15 6.72 3.56
N ILE A 29 -1.36 6.17 3.53
CA ILE A 29 -1.54 4.76 3.76
C ILE A 29 -1.95 4.07 2.46
N ILE A 30 -1.50 2.82 2.32
CA ILE A 30 -1.82 2.05 1.14
C ILE A 30 -2.61 0.80 1.54
N LYS A 31 -3.84 0.75 1.04
CA LYS A 31 -4.70 -0.38 1.35
C LYS A 31 -4.27 -1.59 0.51
N ILE A 32 -3.80 -2.61 1.21
CA ILE A 32 -3.36 -3.83 0.55
C ILE A 32 -4.56 -4.58 0.01
N LEU A 33 -4.49 -4.93 -1.27
CA LEU A 33 -5.57 -5.65 -1.92
C LEU A 33 -5.04 -7.00 -2.43
N ASN A 34 -3.95 -6.91 -3.18
CA ASN A 34 -3.34 -8.10 -3.73
C ASN A 34 -1.89 -8.20 -3.26
N LYS A 35 -1.37 -9.42 -3.28
CA LYS A 35 0.00 -9.66 -2.85
C LYS A 35 0.69 -10.58 -3.86
N LYS A 36 0.80 -10.07 -5.09
CA LYS A 36 1.43 -10.83 -6.15
C LYS A 36 2.81 -11.30 -5.68
N GLY A 37 2.92 -12.61 -5.48
CA GLY A 37 4.17 -13.19 -5.03
C GLY A 37 4.81 -12.36 -3.92
N GLN A 38 6.06 -12.68 -3.62
CA GLN A 38 6.78 -11.96 -2.58
C GLN A 38 7.94 -11.17 -3.19
N GLN A 39 8.57 -10.37 -2.35
CA GLN A 39 9.68 -9.55 -2.79
C GLN A 39 9.39 -8.93 -4.15
N GLY A 40 8.12 -8.62 -4.36
CA GLY A 40 7.69 -8.02 -5.61
C GLY A 40 7.00 -6.67 -5.38
N TRP A 41 5.69 -6.68 -5.54
CA TRP A 41 4.91 -5.47 -5.35
C TRP A 41 3.58 -5.86 -4.70
N TRP A 42 2.82 -4.84 -4.32
CA TRP A 42 1.53 -5.07 -3.69
C TRP A 42 0.49 -4.20 -4.41
N ARG A 43 -0.62 -4.83 -4.76
CA ARG A 43 -1.69 -4.13 -5.44
C ARG A 43 -2.64 -3.48 -4.43
N GLY A 44 -2.45 -2.19 -4.22
CA GLY A 44 -3.28 -1.46 -3.28
C GLY A 44 -4.04 -0.34 -3.98
N GLU A 45 -4.47 0.64 -3.19
CA GLU A 45 -5.21 1.77 -3.73
C GLU A 45 -5.18 2.94 -2.73
N ILE A 46 -5.43 4.12 -3.27
CA ILE A 46 -5.42 5.33 -2.44
C ILE A 46 -6.37 6.36 -3.06
N TYR A 47 -7.26 6.87 -2.23
CA TYR A 47 -8.22 7.87 -2.68
C TYR A 47 -9.08 7.33 -3.83
N GLY A 48 -9.17 6.00 -3.88
CA GLY A 48 -9.96 5.35 -4.92
C GLY A 48 -9.12 5.14 -6.18
N ARG A 49 -7.81 5.24 -6.01
CA ARG A 49 -6.90 5.07 -7.13
C ARG A 49 -6.13 3.76 -6.99
N ILE A 50 -6.38 2.85 -7.94
CA ILE A 50 -5.74 1.56 -7.93
C ILE A 50 -4.40 1.66 -8.68
N GLY A 51 -3.51 0.73 -8.37
CA GLY A 51 -2.21 0.71 -9.00
C GLY A 51 -1.31 -0.37 -8.37
N TRP A 52 -0.04 -0.32 -8.73
CA TRP A 52 0.92 -1.27 -8.21
C TRP A 52 2.09 -0.49 -7.62
N PHE A 53 2.61 -1.01 -6.51
CA PHE A 53 3.72 -0.36 -5.82
C PHE A 53 4.60 -1.40 -5.13
N PRO A 54 5.91 -1.05 -5.01
CA PRO A 54 6.87 -1.94 -4.38
C PRO A 54 6.70 -1.93 -2.85
N SER A 55 6.97 -3.08 -2.26
CA SER A 55 6.85 -3.22 -0.81
C SER A 55 8.13 -2.73 -0.13
N ASN A 56 9.04 -2.22 -0.95
CA ASN A 56 10.30 -1.71 -0.44
C ASN A 56 10.20 -0.20 -0.27
N TYR A 57 9.12 0.36 -0.79
CA TYR A 57 8.90 1.80 -0.70
C TYR A 57 7.75 2.12 0.26
N VAL A 58 7.17 1.06 0.82
CA VAL A 58 6.07 1.22 1.76
C VAL A 58 6.40 0.47 3.05
N GLU A 59 5.43 0.48 3.95
CA GLU A 59 5.60 -0.19 5.23
C GLU A 59 4.45 -1.19 5.47
N GLU A 60 4.62 -1.97 6.53
CA GLU A 60 3.61 -2.97 6.87
C GLU A 60 3.55 -3.16 8.38
N ASP A 61 2.34 -3.31 8.90
CA ASP A 61 2.15 -3.50 10.32
C ASP A 61 3.10 -2.59 11.09
N TYR A 62 3.41 -1.46 10.48
CA TYR A 62 4.31 -0.50 11.10
C TYR A 62 3.76 -0.01 12.44
N SER A 63 2.45 0.15 12.47
CA SER A 63 1.77 0.61 13.68
C SER A 63 0.35 0.08 13.72
N GLU A 64 -0.11 -0.21 14.93
CA GLU A 64 -1.46 -0.73 15.13
C GLU A 64 -2.44 0.43 15.34
N TYR A 65 -3.56 0.35 14.64
CA TYR A 65 -4.59 1.38 14.75
C TYR A 65 -5.93 0.77 15.15
N LEU A 66 -5.86 -0.34 15.87
CA LEU A 66 -7.06 -1.02 16.32
C LEU A 66 -8.05 0.00 16.86
N PRO A 67 -9.35 -0.41 16.89
CA PRO A 67 -10.40 0.45 17.38
C PRO A 67 -10.36 0.55 18.91
N GLU A 68 -10.55 1.77 19.39
CA GLU A 68 -10.54 2.03 20.83
C GLU A 68 -11.51 1.08 21.53
N THR A 69 -11.13 0.69 22.74
CA THR A 69 -11.96 -0.20 23.53
C THR A 69 -13.13 0.55 24.14
N GLY A 1 -8.50 -3.31 7.87
CA GLY A 1 -7.74 -4.53 8.04
C GLY A 1 -8.66 -5.70 8.41
N PRO A 2 -9.19 -6.38 7.36
CA PRO A 2 -10.09 -7.51 7.58
C PRO A 2 -9.30 -8.74 8.03
N GLY A 3 -8.56 -9.31 7.08
CA GLY A 3 -7.77 -10.49 7.36
C GLY A 3 -6.39 -10.11 7.92
N THR A 4 -5.38 -10.79 7.41
CA THR A 4 -4.01 -10.53 7.84
C THR A 4 -3.47 -9.26 7.19
N PHE A 5 -4.31 -8.65 6.36
CA PHE A 5 -3.94 -7.43 5.66
C PHE A 5 -4.36 -6.19 6.46
N GLY A 6 -3.91 -5.05 5.98
CA GLY A 6 -4.23 -3.78 6.63
C GLY A 6 -3.96 -2.60 5.70
N THR A 7 -2.72 -2.12 5.76
CA THR A 7 -2.31 -1.00 4.93
C THR A 7 -0.80 -0.97 4.79
N ALA A 8 -0.32 0.01 4.02
CA ALA A 8 1.11 0.17 3.80
C ALA A 8 1.46 1.65 3.77
N LYS A 9 2.18 2.09 4.78
CA LYS A 9 2.59 3.48 4.88
C LYS A 9 3.79 3.72 3.96
N ALA A 10 3.57 4.60 2.99
CA ALA A 10 4.62 4.93 2.04
C ALA A 10 5.81 5.53 2.79
N ARG A 11 7.00 5.13 2.36
CA ARG A 11 8.23 5.61 2.98
C ARG A 11 9.07 6.37 1.96
N TYR A 12 8.57 6.40 0.73
CA TYR A 12 9.28 7.09 -0.34
C TYR A 12 8.29 7.75 -1.30
N ASP A 13 8.52 9.03 -1.57
CA ASP A 13 7.67 9.78 -2.45
C ASP A 13 7.78 9.20 -3.87
N PHE A 14 6.83 8.34 -4.20
CA PHE A 14 6.80 7.71 -5.51
C PHE A 14 6.14 8.63 -6.54
N CYS A 15 6.17 8.18 -7.79
CA CYS A 15 5.59 8.95 -8.87
C CYS A 15 5.14 7.97 -9.97
N ALA A 16 3.83 7.77 -10.05
CA ALA A 16 3.27 6.87 -11.03
C ALA A 16 3.44 7.47 -12.43
N ARG A 17 3.92 6.65 -13.35
CA ARG A 17 4.13 7.09 -14.72
C ARG A 17 3.01 6.57 -15.63
N ASP A 18 2.32 5.55 -15.13
CA ASP A 18 1.24 4.94 -15.89
C ASP A 18 0.15 4.50 -14.92
N ARG A 19 -0.95 4.04 -15.50
CA ARG A 19 -2.09 3.58 -14.70
C ARG A 19 -1.76 2.24 -14.03
N SER A 20 -0.68 1.62 -14.51
CA SER A 20 -0.25 0.34 -13.98
C SER A 20 0.61 0.56 -12.73
N GLU A 21 0.66 1.81 -12.29
CA GLU A 21 1.44 2.17 -11.12
C GLU A 21 0.59 2.97 -10.14
N LEU A 22 0.80 2.69 -8.86
CA LEU A 22 0.06 3.38 -7.82
C LEU A 22 0.82 4.63 -7.39
N SER A 23 0.07 5.71 -7.17
CA SER A 23 0.67 6.96 -6.77
C SER A 23 0.95 6.95 -5.26
N LEU A 24 2.22 6.81 -4.93
CA LEU A 24 2.63 6.77 -3.54
C LEU A 24 3.18 8.15 -3.14
N LYS A 25 3.10 8.43 -1.85
CA LYS A 25 3.57 9.70 -1.33
C LYS A 25 3.87 9.56 0.16
N GLU A 26 5.15 9.71 0.49
CA GLU A 26 5.58 9.60 1.88
C GLU A 26 4.56 10.24 2.81
N GLY A 27 4.37 9.60 3.96
CA GLY A 27 3.43 10.11 4.94
C GLY A 27 1.98 9.74 4.56
N ASP A 28 1.88 8.82 3.61
CA ASP A 28 0.57 8.36 3.16
C ASP A 28 0.45 6.86 3.40
N ILE A 29 -0.80 6.41 3.44
CA ILE A 29 -1.07 5.00 3.66
C ILE A 29 -1.58 4.37 2.36
N ILE A 30 -1.25 3.10 2.19
CA ILE A 30 -1.67 2.37 1.01
C ILE A 30 -2.54 1.18 1.42
N LYS A 31 -3.78 1.22 0.97
CA LYS A 31 -4.73 0.16 1.29
C LYS A 31 -4.37 -1.08 0.48
N ILE A 32 -3.95 -2.12 1.18
CA ILE A 32 -3.58 -3.37 0.53
C ILE A 32 -4.84 -4.06 0.01
N LEU A 33 -4.79 -4.42 -1.27
CA LEU A 33 -5.91 -5.09 -1.89
C LEU A 33 -5.47 -6.45 -2.41
N ASN A 34 -4.35 -6.45 -3.11
CA ASN A 34 -3.81 -7.69 -3.65
C ASN A 34 -2.40 -7.92 -3.08
N LYS A 35 -2.06 -9.20 -2.96
CA LYS A 35 -0.76 -9.56 -2.43
C LYS A 35 -0.17 -10.70 -3.27
N LYS A 36 0.34 -10.32 -4.44
CA LYS A 36 0.93 -11.30 -5.35
C LYS A 36 1.77 -12.29 -4.54
N GLY A 37 2.94 -11.84 -4.14
CA GLY A 37 3.84 -12.66 -3.37
C GLY A 37 4.67 -11.83 -2.39
N GLN A 38 5.50 -12.51 -1.61
CA GLN A 38 6.34 -11.84 -0.64
C GLN A 38 7.59 -11.29 -1.32
N GLN A 39 7.85 -10.02 -1.07
CA GLN A 39 9.02 -9.36 -1.64
C GLN A 39 8.81 -9.14 -3.14
N GLY A 40 7.57 -8.81 -3.49
CA GLY A 40 7.23 -8.57 -4.89
C GLY A 40 6.62 -7.18 -5.06
N TRP A 41 5.36 -7.16 -5.48
CA TRP A 41 4.66 -5.91 -5.69
C TRP A 41 3.21 -6.10 -5.23
N TRP A 42 2.81 -5.29 -4.26
CA TRP A 42 1.46 -5.36 -3.73
C TRP A 42 0.59 -4.37 -4.52
N ARG A 43 -0.71 -4.61 -4.47
CA ARG A 43 -1.66 -3.77 -5.18
C ARG A 43 -2.60 -3.10 -4.18
N GLY A 44 -2.57 -1.77 -4.18
CA GLY A 44 -3.41 -1.00 -3.29
C GLY A 44 -4.04 0.20 -4.03
N GLU A 45 -4.49 1.16 -3.24
CA GLU A 45 -5.11 2.35 -3.80
C GLU A 45 -4.93 3.53 -2.85
N ILE A 46 -5.04 4.72 -3.41
CA ILE A 46 -4.89 5.95 -2.63
C ILE A 46 -5.72 7.06 -3.26
N TYR A 47 -6.62 7.61 -2.45
CA TYR A 47 -7.49 8.69 -2.91
C TYR A 47 -8.35 8.22 -4.08
N GLY A 48 -8.60 6.92 -4.12
CA GLY A 48 -9.41 6.33 -5.18
C GLY A 48 -8.54 5.91 -6.36
N ARG A 49 -7.25 6.20 -6.24
CA ARG A 49 -6.30 5.86 -7.29
C ARG A 49 -5.79 4.43 -7.10
N ILE A 50 -6.18 3.56 -8.02
CA ILE A 50 -5.77 2.17 -7.96
C ILE A 50 -4.43 2.01 -8.67
N GLY A 51 -3.71 0.97 -8.29
CA GLY A 51 -2.41 0.69 -8.89
C GLY A 51 -1.61 -0.29 -8.03
N TRP A 52 -0.34 -0.45 -8.40
CA TRP A 52 0.53 -1.36 -7.67
C TRP A 52 1.75 -0.55 -7.20
N PHE A 53 2.68 -1.26 -6.59
CA PHE A 53 3.90 -0.64 -6.10
C PHE A 53 4.83 -1.67 -5.47
N PRO A 54 6.13 -1.28 -5.35
CA PRO A 54 7.13 -2.16 -4.77
C PRO A 54 6.98 -2.25 -3.25
N SER A 55 7.33 -3.41 -2.71
CA SER A 55 7.23 -3.63 -1.29
C SER A 55 8.45 -3.04 -0.59
N ASN A 56 9.29 -2.38 -1.37
CA ASN A 56 10.50 -1.76 -0.84
C ASN A 56 10.29 -0.24 -0.77
N TYR A 57 9.12 0.18 -1.20
CA TYR A 57 8.80 1.60 -1.20
C TYR A 57 7.63 1.89 -0.25
N VAL A 58 7.26 0.87 0.51
CA VAL A 58 6.16 1.01 1.46
C VAL A 58 6.38 0.04 2.62
N GLU A 59 5.65 0.29 3.70
CA GLU A 59 5.76 -0.55 4.88
C GLU A 59 4.36 -0.86 5.44
N GLU A 60 4.13 -2.15 5.68
CA GLU A 60 2.85 -2.58 6.20
C GLU A 60 3.05 -3.29 7.54
N ASP A 61 1.93 -3.53 8.22
CA ASP A 61 1.97 -4.21 9.51
C ASP A 61 2.91 -3.45 10.45
N TYR A 62 3.01 -2.14 10.21
CA TYR A 62 3.87 -1.30 11.01
C TYR A 62 3.14 -0.83 12.27
N SER A 63 1.84 -0.64 12.12
CA SER A 63 1.02 -0.19 13.24
C SER A 63 -0.43 -0.60 13.02
N GLU A 64 -1.16 -0.73 14.12
CA GLU A 64 -2.56 -1.11 14.06
C GLU A 64 -3.37 -0.33 15.09
N TYR A 65 -4.42 0.31 14.60
CA TYR A 65 -5.28 1.11 15.46
C TYR A 65 -6.71 0.56 15.46
N LEU A 66 -6.80 -0.75 15.62
CA LEU A 66 -8.10 -1.42 15.64
C LEU A 66 -8.99 -0.75 16.69
N PRO A 67 -10.32 -0.95 16.52
CA PRO A 67 -11.29 -0.38 17.44
C PRO A 67 -11.31 -1.15 18.76
N GLU A 68 -11.87 -0.52 19.78
CA GLU A 68 -11.96 -1.13 21.09
C GLU A 68 -13.04 -2.21 21.10
N THR A 69 -13.20 -2.82 22.26
CA THR A 69 -14.20 -3.87 22.42
C THR A 69 -15.60 -3.35 22.06
N GLY A 1 -5.26 -15.07 -2.88
CA GLY A 1 -6.36 -15.92 -2.45
C GLY A 1 -7.03 -15.36 -1.19
N PRO A 2 -6.42 -15.69 -0.03
CA PRO A 2 -6.94 -15.23 1.25
C PRO A 2 -6.62 -13.76 1.48
N GLY A 3 -7.41 -13.13 2.35
CA GLY A 3 -7.22 -11.72 2.65
C GLY A 3 -6.25 -11.55 3.82
N THR A 4 -6.78 -11.01 4.91
CA THR A 4 -5.99 -10.79 6.11
C THR A 4 -4.99 -9.64 5.87
N PHE A 5 -5.44 -8.66 5.10
CA PHE A 5 -4.62 -7.50 4.79
C PHE A 5 -5.01 -6.31 5.67
N GLY A 6 -4.22 -5.25 5.54
CA GLY A 6 -4.46 -4.03 6.30
C GLY A 6 -4.11 -2.79 5.49
N THR A 7 -2.89 -2.33 5.69
CA THR A 7 -2.41 -1.15 4.98
C THR A 7 -0.88 -1.18 4.87
N ALA A 8 -0.36 -0.22 4.12
CA ALA A 8 1.07 -0.12 3.93
C ALA A 8 1.48 1.35 3.80
N LYS A 9 2.05 1.88 4.87
CA LYS A 9 2.47 3.27 4.89
C LYS A 9 3.60 3.46 3.87
N ALA A 10 3.45 4.51 3.07
CA ALA A 10 4.45 4.82 2.06
C ALA A 10 5.66 5.48 2.72
N ARG A 11 6.83 4.91 2.44
CA ARG A 11 8.06 5.42 2.98
C ARG A 11 8.78 6.30 1.97
N TYR A 12 8.18 6.39 0.79
CA TYR A 12 8.75 7.20 -0.29
C TYR A 12 7.69 7.56 -1.33
N ASP A 13 7.61 8.84 -1.62
CA ASP A 13 6.66 9.34 -2.60
C ASP A 13 6.99 8.76 -3.97
N PHE A 14 6.07 7.96 -4.49
CA PHE A 14 6.25 7.34 -5.79
C PHE A 14 5.39 8.02 -6.84
N CYS A 15 6.03 8.46 -7.91
CA CYS A 15 5.34 9.13 -8.99
C CYS A 15 4.96 8.08 -10.05
N ALA A 16 3.69 7.72 -10.04
CA ALA A 16 3.19 6.73 -10.97
C ALA A 16 3.39 7.24 -12.40
N ARG A 17 4.37 6.68 -13.07
CA ARG A 17 4.67 7.06 -14.44
C ARG A 17 3.43 6.90 -15.33
N ASP A 18 2.52 6.07 -14.85
CA ASP A 18 1.29 5.83 -15.60
C ASP A 18 0.21 5.33 -14.63
N ARG A 19 -0.95 5.04 -15.18
CA ARG A 19 -2.07 4.56 -14.39
C ARG A 19 -1.82 3.12 -13.94
N SER A 20 -0.73 2.56 -14.45
CA SER A 20 -0.37 1.18 -14.12
C SER A 20 0.33 1.15 -12.76
N GLU A 21 0.68 2.33 -12.28
CA GLU A 21 1.35 2.45 -11.00
C GLU A 21 0.49 3.25 -10.01
N LEU A 22 0.64 2.93 -8.74
CA LEU A 22 -0.11 3.61 -7.69
C LEU A 22 0.67 4.85 -7.24
N SER A 23 -0.07 5.93 -7.02
CA SER A 23 0.54 7.17 -6.58
C SER A 23 0.78 7.14 -5.07
N LEU A 24 2.04 7.02 -4.70
CA LEU A 24 2.41 6.98 -3.30
C LEU A 24 2.83 8.38 -2.84
N LYS A 25 2.75 8.59 -1.54
CA LYS A 25 3.11 9.87 -0.96
C LYS A 25 3.48 9.68 0.52
N GLU A 26 4.76 9.85 0.80
CA GLU A 26 5.25 9.70 2.16
C GLU A 26 4.24 10.26 3.16
N GLY A 27 4.00 9.51 4.21
CA GLY A 27 3.05 9.92 5.24
C GLY A 27 1.65 9.40 4.94
N ASP A 28 1.49 8.85 3.75
CA ASP A 28 0.21 8.32 3.33
C ASP A 28 0.19 6.80 3.57
N ILE A 29 -1.01 6.26 3.55
CA ILE A 29 -1.18 4.82 3.77
C ILE A 29 -1.75 4.18 2.51
N ILE A 30 -1.18 3.05 2.14
CA ILE A 30 -1.62 2.33 0.96
C ILE A 30 -2.50 1.15 1.38
N LYS A 31 -3.77 1.23 1.02
CA LYS A 31 -4.72 0.18 1.36
C LYS A 31 -4.35 -1.10 0.60
N ILE A 32 -3.96 -2.11 1.36
CA ILE A 32 -3.58 -3.38 0.78
C ILE A 32 -4.84 -4.17 0.39
N LEU A 33 -4.83 -4.67 -0.83
CA LEU A 33 -5.95 -5.44 -1.34
C LEU A 33 -5.48 -6.84 -1.72
N ASN A 34 -4.35 -6.88 -2.39
CA ASN A 34 -3.78 -8.15 -2.82
C ASN A 34 -2.29 -8.18 -2.47
N LYS A 35 -1.81 -9.37 -2.13
CA LYS A 35 -0.42 -9.56 -1.78
C LYS A 35 0.13 -10.81 -2.47
N LYS A 36 0.65 -10.59 -3.67
CA LYS A 36 1.21 -11.69 -4.44
C LYS A 36 1.98 -12.63 -3.52
N GLY A 37 2.61 -12.03 -2.52
CA GLY A 37 3.39 -12.80 -1.56
C GLY A 37 4.88 -12.68 -1.83
N GLN A 38 5.22 -12.65 -3.12
CA GLN A 38 6.61 -12.55 -3.53
C GLN A 38 7.14 -11.16 -3.20
N GLN A 39 8.40 -10.94 -3.59
CA GLN A 39 9.04 -9.66 -3.34
C GLN A 39 8.88 -8.74 -4.56
N GLY A 40 7.77 -8.92 -5.25
CA GLY A 40 7.49 -8.11 -6.44
C GLY A 40 6.84 -6.79 -6.05
N TRP A 41 5.52 -6.76 -6.12
CA TRP A 41 4.77 -5.56 -5.79
C TRP A 41 3.48 -5.99 -5.07
N TRP A 42 2.76 -5.00 -4.57
CA TRP A 42 1.51 -5.26 -3.87
C TRP A 42 0.44 -4.35 -4.45
N ARG A 43 -0.76 -4.89 -4.59
CA ARG A 43 -1.87 -4.15 -5.13
C ARG A 43 -2.62 -3.43 -4.01
N GLY A 44 -2.80 -2.12 -4.20
CA GLY A 44 -3.49 -1.32 -3.21
C GLY A 44 -4.17 -0.11 -3.87
N GLU A 45 -4.58 0.83 -3.03
CA GLU A 45 -5.24 2.03 -3.52
C GLU A 45 -5.12 3.16 -2.49
N ILE A 46 -5.29 4.37 -2.98
CA ILE A 46 -5.21 5.54 -2.13
C ILE A 46 -6.08 6.66 -2.69
N TYR A 47 -6.86 7.27 -1.81
CA TYR A 47 -7.74 8.35 -2.20
C TYR A 47 -8.71 7.89 -3.30
N GLY A 48 -8.81 6.57 -3.44
CA GLY A 48 -9.68 5.99 -4.45
C GLY A 48 -8.93 5.76 -5.76
N ARG A 49 -7.62 5.71 -5.65
CA ARG A 49 -6.77 5.49 -6.81
C ARG A 49 -6.08 4.14 -6.72
N ILE A 50 -6.41 3.27 -7.68
CA ILE A 50 -5.83 1.94 -7.73
C ILE A 50 -4.52 1.99 -8.50
N GLY A 51 -3.63 1.07 -8.16
CA GLY A 51 -2.33 0.99 -8.81
C GLY A 51 -1.48 -0.13 -8.20
N TRP A 52 -0.18 -0.06 -8.49
CA TRP A 52 0.75 -1.06 -7.99
C TRP A 52 1.92 -0.32 -7.34
N PHE A 53 2.70 -1.08 -6.58
CA PHE A 53 3.85 -0.51 -5.90
C PHE A 53 4.67 -1.60 -5.21
N PRO A 54 5.98 -1.31 -5.03
CA PRO A 54 6.88 -2.25 -4.39
C PRO A 54 6.65 -2.29 -2.88
N SER A 55 6.86 -3.46 -2.31
CA SER A 55 6.68 -3.65 -0.88
C SER A 55 7.93 -3.17 -0.13
N ASN A 56 8.88 -2.64 -0.89
CA ASN A 56 10.12 -2.15 -0.32
C ASN A 56 10.05 -0.63 -0.18
N TYR A 57 8.97 -0.07 -0.71
CA TYR A 57 8.77 1.37 -0.66
C TYR A 57 7.65 1.73 0.32
N VAL A 58 7.00 0.69 0.83
CA VAL A 58 5.91 0.89 1.77
C VAL A 58 6.22 0.14 3.06
N GLU A 59 5.33 0.29 4.02
CA GLU A 59 5.49 -0.37 5.31
C GLU A 59 4.43 -1.46 5.49
N GLU A 60 4.51 -2.14 6.63
CA GLU A 60 3.58 -3.20 6.93
C GLU A 60 3.40 -3.33 8.44
N ASP A 61 2.14 -3.38 8.86
CA ASP A 61 1.83 -3.52 10.28
C ASP A 61 2.78 -2.63 11.08
N TYR A 62 3.21 -1.54 10.46
CA TYR A 62 4.11 -0.61 11.11
C TYR A 62 3.58 -0.19 12.48
N SER A 63 2.27 -0.03 12.54
CA SER A 63 1.62 0.36 13.78
C SER A 63 0.15 -0.10 13.78
N GLU A 64 -0.41 -0.16 14.97
CA GLU A 64 -1.79 -0.58 15.13
C GLU A 64 -2.70 0.64 15.32
N TYR A 65 -3.84 0.59 14.65
CA TYR A 65 -4.80 1.68 14.75
C TYR A 65 -6.17 1.17 15.21
N LEU A 66 -6.14 0.44 16.31
CA LEU A 66 -7.37 -0.11 16.88
C LEU A 66 -8.27 1.03 17.34
N PRO A 67 -9.58 0.71 17.46
CA PRO A 67 -10.56 1.70 17.89
C PRO A 67 -10.45 1.95 19.40
N GLU A 68 -11.03 3.08 19.82
CA GLU A 68 -11.00 3.44 21.22
C GLU A 68 -11.87 2.49 22.04
N THR A 69 -12.76 1.80 21.34
CA THR A 69 -13.65 0.85 21.99
C THR A 69 -13.29 -0.57 21.59
N GLY A 1 -9.04 -15.35 5.23
CA GLY A 1 -8.48 -15.64 6.54
C GLY A 1 -7.04 -15.15 6.64
N PRO A 2 -6.11 -15.94 6.03
CA PRO A 2 -4.71 -15.60 6.06
C PRO A 2 -4.40 -14.45 5.09
N GLY A 3 -4.41 -13.25 5.64
CA GLY A 3 -4.15 -12.06 4.84
C GLY A 3 -4.71 -10.81 5.51
N THR A 4 -3.82 -9.90 5.85
CA THR A 4 -4.22 -8.66 6.48
C THR A 4 -4.90 -7.73 5.48
N PHE A 5 -4.14 -7.37 4.45
CA PHE A 5 -4.66 -6.49 3.41
C PHE A 5 -5.25 -5.22 4.02
N GLY A 6 -4.68 -4.82 5.15
CA GLY A 6 -5.14 -3.61 5.84
C GLY A 6 -4.68 -2.35 5.11
N THR A 7 -3.45 -1.97 5.38
CA THR A 7 -2.87 -0.79 4.76
C THR A 7 -1.35 -0.88 4.74
N ALA A 8 -0.74 0.05 4.02
CA ALA A 8 0.71 0.08 3.91
C ALA A 8 1.18 1.54 3.83
N LYS A 9 1.73 2.01 4.94
CA LYS A 9 2.22 3.37 5.00
C LYS A 9 3.45 3.52 4.09
N ALA A 10 3.35 4.45 3.16
CA ALA A 10 4.42 4.70 2.22
C ALA A 10 5.58 5.38 2.95
N ARG A 11 6.79 4.95 2.64
CA ARG A 11 7.98 5.51 3.26
C ARG A 11 8.74 6.37 2.25
N TYR A 12 8.22 6.41 1.03
CA TYR A 12 8.84 7.18 -0.02
C TYR A 12 7.82 7.54 -1.12
N ASP A 13 7.76 8.82 -1.43
CA ASP A 13 6.85 9.30 -2.45
C ASP A 13 7.23 8.69 -3.81
N PHE A 14 6.27 8.01 -4.41
CA PHE A 14 6.49 7.38 -5.69
C PHE A 14 5.70 8.08 -6.79
N CYS A 15 6.42 8.71 -7.70
CA CYS A 15 5.78 9.42 -8.81
C CYS A 15 5.44 8.41 -9.89
N ALA A 16 4.15 8.12 -10.01
CA ALA A 16 3.68 7.17 -11.01
C ALA A 16 3.88 7.76 -12.41
N ARG A 17 4.32 6.92 -13.31
CA ARG A 17 4.54 7.34 -14.69
C ARG A 17 3.56 6.65 -15.63
N ASP A 18 2.89 5.64 -15.10
CA ASP A 18 1.92 4.89 -15.88
C ASP A 18 0.71 4.57 -15.00
N ARG A 19 -0.41 4.35 -15.66
CA ARG A 19 -1.65 4.05 -14.96
C ARG A 19 -1.52 2.71 -14.22
N SER A 20 -0.45 1.99 -14.55
CA SER A 20 -0.20 0.70 -13.92
C SER A 20 0.59 0.89 -12.63
N GLU A 21 0.73 2.15 -12.24
CA GLU A 21 1.46 2.49 -11.03
C GLU A 21 0.57 3.29 -10.08
N LEU A 22 0.86 3.16 -8.80
CA LEU A 22 0.09 3.87 -7.79
C LEU A 22 0.89 5.08 -7.31
N SER A 23 0.18 6.19 -7.13
CA SER A 23 0.81 7.42 -6.68
C SER A 23 1.00 7.38 -5.16
N LEU A 24 2.25 7.20 -4.76
CA LEU A 24 2.58 7.15 -3.35
C LEU A 24 3.02 8.53 -2.88
N LYS A 25 2.89 8.75 -1.58
CA LYS A 25 3.28 10.02 -1.00
C LYS A 25 3.61 9.82 0.49
N GLU A 26 4.89 9.97 0.80
CA GLU A 26 5.36 9.81 2.17
C GLU A 26 4.33 10.39 3.14
N GLY A 27 4.08 9.65 4.21
CA GLY A 27 3.14 10.09 5.22
C GLY A 27 1.72 9.67 4.85
N ASP A 28 1.61 8.92 3.77
CA ASP A 28 0.32 8.47 3.30
C ASP A 28 0.19 6.96 3.55
N ILE A 29 -1.04 6.48 3.45
CA ILE A 29 -1.30 5.05 3.67
C ILE A 29 -1.82 4.43 2.37
N ILE A 30 -1.33 3.24 2.08
CA ILE A 30 -1.74 2.54 0.88
C ILE A 30 -2.64 1.36 1.26
N LYS A 31 -3.90 1.46 0.83
CA LYS A 31 -4.86 0.42 1.13
C LYS A 31 -4.50 -0.85 0.35
N ILE A 32 -4.12 -1.88 1.09
CA ILE A 32 -3.74 -3.14 0.50
C ILE A 32 -4.99 -3.85 -0.03
N LEU A 33 -4.98 -4.12 -1.32
CA LEU A 33 -6.11 -4.79 -1.96
C LEU A 33 -5.68 -6.19 -2.41
N ASN A 34 -4.55 -6.22 -3.10
CA ASN A 34 -4.02 -7.49 -3.60
C ASN A 34 -2.62 -7.70 -3.03
N LYS A 35 -2.25 -8.97 -2.90
CA LYS A 35 -0.94 -9.32 -2.37
C LYS A 35 -0.34 -10.45 -3.22
N LYS A 36 0.22 -10.07 -4.36
CA LYS A 36 0.82 -11.04 -5.25
C LYS A 36 1.57 -12.10 -4.42
N GLY A 37 2.06 -11.66 -3.27
CA GLY A 37 2.81 -12.54 -2.39
C GLY A 37 4.32 -12.35 -2.55
N GLN A 38 4.80 -12.73 -3.72
CA GLN A 38 6.22 -12.60 -4.02
C GLN A 38 6.72 -11.22 -3.60
N GLN A 39 8.04 -11.06 -3.69
CA GLN A 39 8.66 -9.80 -3.32
C GLN A 39 8.67 -8.84 -4.51
N GLY A 40 7.53 -8.77 -5.19
CA GLY A 40 7.40 -7.91 -6.35
C GLY A 40 6.75 -6.58 -5.97
N TRP A 41 5.44 -6.54 -6.10
CA TRP A 41 4.68 -5.34 -5.77
C TRP A 41 3.36 -5.77 -5.12
N TRP A 42 2.63 -4.78 -4.63
CA TRP A 42 1.36 -5.05 -3.98
C TRP A 42 0.34 -4.06 -4.54
N ARG A 43 -0.87 -4.57 -4.78
CA ARG A 43 -1.94 -3.75 -5.30
C ARG A 43 -2.61 -2.96 -4.18
N GLY A 44 -2.96 -1.72 -4.50
CA GLY A 44 -3.61 -0.85 -3.53
C GLY A 44 -4.22 0.37 -4.21
N GLU A 45 -4.54 1.36 -3.41
CA GLU A 45 -5.13 2.59 -3.92
C GLU A 45 -4.98 3.72 -2.90
N ILE A 46 -5.07 4.94 -3.40
CA ILE A 46 -4.94 6.11 -2.54
C ILE A 46 -5.75 7.27 -3.15
N TYR A 47 -6.49 7.95 -2.29
CA TYR A 47 -7.30 9.08 -2.72
C TYR A 47 -8.26 8.66 -3.83
N GLY A 48 -8.44 7.35 -3.95
CA GLY A 48 -9.34 6.81 -4.96
C GLY A 48 -8.58 6.52 -6.26
N ARG A 49 -7.27 6.37 -6.13
CA ARG A 49 -6.43 6.09 -7.28
C ARG A 49 -5.81 4.70 -7.16
N ILE A 50 -6.14 3.85 -8.11
CA ILE A 50 -5.64 2.49 -8.13
C ILE A 50 -4.29 2.47 -8.86
N GLY A 51 -3.47 1.51 -8.49
CA GLY A 51 -2.16 1.37 -9.10
C GLY A 51 -1.37 0.23 -8.45
N TRP A 52 -0.07 0.23 -8.71
CA TRP A 52 0.81 -0.79 -8.16
C TRP A 52 2.00 -0.08 -7.50
N PHE A 53 2.62 -0.79 -6.57
CA PHE A 53 3.77 -0.24 -5.86
C PHE A 53 4.57 -1.36 -5.18
N PRO A 54 5.88 -1.08 -5.00
CA PRO A 54 6.77 -2.05 -4.37
C PRO A 54 6.53 -2.11 -2.86
N SER A 55 6.74 -3.30 -2.31
CA SER A 55 6.55 -3.50 -0.88
C SER A 55 7.83 -3.12 -0.12
N ASN A 56 8.79 -2.62 -0.88
CA ASN A 56 10.07 -2.21 -0.29
C ASN A 56 10.05 -0.71 -0.05
N TYR A 57 9.00 -0.07 -0.55
CA TYR A 57 8.85 1.37 -0.38
C TYR A 57 7.67 1.70 0.53
N VAL A 58 6.91 0.66 0.86
CA VAL A 58 5.76 0.84 1.73
C VAL A 58 5.90 -0.09 2.95
N GLU A 59 5.15 0.23 3.98
CA GLU A 59 5.18 -0.56 5.21
C GLU A 59 3.76 -0.85 5.69
N GLU A 60 3.48 -2.13 5.85
CA GLU A 60 2.17 -2.56 6.31
C GLU A 60 2.28 -3.20 7.69
N ASP A 61 1.12 -3.63 8.20
CA ASP A 61 1.07 -4.27 9.51
C ASP A 61 1.99 -3.51 10.47
N TYR A 62 1.79 -2.20 10.52
CA TYR A 62 2.58 -1.35 11.38
C TYR A 62 1.77 -0.89 12.60
N SER A 63 0.49 -0.67 12.35
CA SER A 63 -0.42 -0.23 13.41
C SER A 63 -1.85 -0.65 13.10
N GLU A 64 -2.52 -1.13 14.13
CA GLU A 64 -3.90 -1.57 13.98
C GLU A 64 -4.87 -0.56 14.60
N TYR A 65 -6.14 -0.90 14.56
CA TYR A 65 -7.17 -0.03 15.11
C TYR A 65 -7.67 -0.58 16.45
N LEU A 66 -6.73 -0.97 17.30
CA LEU A 66 -7.08 -1.50 18.60
C LEU A 66 -8.22 -0.68 19.20
N PRO A 67 -8.96 -1.32 20.13
CA PRO A 67 -10.08 -0.67 20.79
C PRO A 67 -9.59 0.33 21.84
N GLU A 68 -10.23 1.49 21.86
CA GLU A 68 -9.86 2.53 22.80
C GLU A 68 -10.45 2.22 24.18
N THR A 69 -10.01 3.01 25.15
CA THR A 69 -10.48 2.83 26.52
C THR A 69 -11.92 3.33 26.66
N GLY A 1 -16.70 -7.76 7.07
CA GLY A 1 -16.30 -7.57 8.45
C GLY A 1 -14.86 -8.02 8.68
N PRO A 2 -14.66 -9.36 8.64
CA PRO A 2 -13.35 -9.94 8.84
C PRO A 2 -12.47 -9.74 7.60
N GLY A 3 -11.17 -9.65 7.85
CA GLY A 3 -10.21 -9.47 6.76
C GLY A 3 -8.87 -10.11 7.09
N THR A 4 -7.93 -9.95 6.18
CA THR A 4 -6.60 -10.51 6.36
C THR A 4 -5.54 -9.41 6.30
N PHE A 5 -5.38 -8.85 5.11
CA PHE A 5 -4.40 -7.78 4.91
C PHE A 5 -4.93 -6.45 5.44
N GLY A 6 -4.04 -5.48 5.48
CA GLY A 6 -4.40 -4.16 5.97
C GLY A 6 -3.98 -3.07 4.97
N THR A 7 -3.05 -2.24 5.41
CA THR A 7 -2.57 -1.17 4.56
C THR A 7 -1.03 -1.11 4.59
N ALA A 8 -0.48 -0.26 3.74
CA ALA A 8 0.97 -0.11 3.67
C ALA A 8 1.31 1.38 3.62
N LYS A 9 1.82 1.88 4.74
CA LYS A 9 2.20 3.27 4.83
C LYS A 9 3.41 3.53 3.92
N ALA A 10 3.23 4.46 3.00
CA ALA A 10 4.29 4.82 2.07
C ALA A 10 5.36 5.60 2.81
N ARG A 11 6.60 5.15 2.65
CA ARG A 11 7.72 5.79 3.30
C ARG A 11 8.43 6.74 2.33
N TYR A 12 7.96 6.72 1.08
CA TYR A 12 8.52 7.56 0.06
C TYR A 12 7.51 7.84 -1.05
N ASP A 13 7.35 9.12 -1.36
CA ASP A 13 6.41 9.53 -2.39
C ASP A 13 6.87 8.97 -3.74
N PHE A 14 5.96 8.22 -4.36
CA PHE A 14 6.25 7.61 -5.66
C PHE A 14 5.41 8.25 -6.76
N CYS A 15 6.10 8.94 -7.67
CA CYS A 15 5.42 9.59 -8.77
C CYS A 15 5.12 8.55 -9.84
N ALA A 16 3.85 8.47 -10.21
CA ALA A 16 3.41 7.52 -11.21
C ALA A 16 3.58 8.14 -12.60
N ARG A 17 4.03 7.31 -13.53
CA ARG A 17 4.23 7.77 -14.91
C ARG A 17 3.31 7.01 -15.86
N ASP A 18 2.67 5.99 -15.32
CA ASP A 18 1.75 5.18 -16.11
C ASP A 18 0.73 4.52 -15.19
N ARG A 19 -0.32 3.99 -15.80
CA ARG A 19 -1.37 3.34 -15.04
C ARG A 19 -0.83 2.07 -14.36
N SER A 20 0.36 1.67 -14.80
CA SER A 20 0.99 0.49 -14.25
C SER A 20 1.73 0.84 -12.96
N GLU A 21 1.52 2.08 -12.52
CA GLU A 21 2.17 2.54 -11.31
C GLU A 21 1.12 3.14 -10.35
N LEU A 22 1.44 3.09 -9.07
CA LEU A 22 0.56 3.62 -8.05
C LEU A 22 1.14 4.92 -7.49
N SER A 23 0.27 5.91 -7.36
CA SER A 23 0.68 7.20 -6.84
C SER A 23 0.79 7.14 -5.31
N LEU A 24 2.03 7.12 -4.84
CA LEU A 24 2.28 7.06 -3.41
C LEU A 24 2.57 8.47 -2.90
N LYS A 25 2.45 8.61 -1.58
CA LYS A 25 2.69 9.90 -0.95
C LYS A 25 3.02 9.69 0.52
N GLU A 26 4.27 9.95 0.87
CA GLU A 26 4.72 9.78 2.24
C GLU A 26 3.64 10.25 3.22
N GLY A 27 3.41 9.43 4.22
CA GLY A 27 2.40 9.73 5.23
C GLY A 27 1.04 9.17 4.83
N ASP A 28 1.01 8.55 3.66
CA ASP A 28 -0.22 7.95 3.16
C ASP A 28 -0.19 6.45 3.41
N ILE A 29 -1.36 5.84 3.27
CA ILE A 29 -1.49 4.41 3.48
C ILE A 29 -1.93 3.74 2.18
N ILE A 30 -1.35 2.57 1.92
CA ILE A 30 -1.69 1.83 0.71
C ILE A 30 -2.57 0.64 1.08
N LYS A 31 -3.79 0.68 0.59
CA LYS A 31 -4.74 -0.40 0.86
C LYS A 31 -4.38 -1.61 0.00
N ILE A 32 -4.00 -2.69 0.68
CA ILE A 32 -3.62 -3.92 0.00
C ILE A 32 -4.88 -4.58 -0.56
N LEU A 33 -4.74 -5.09 -1.78
CA LEU A 33 -5.86 -5.76 -2.44
C LEU A 33 -5.38 -7.09 -3.01
N ASN A 34 -4.35 -7.01 -3.84
CA ASN A 34 -3.79 -8.20 -4.45
C ASN A 34 -2.81 -8.87 -3.48
N LYS A 35 -1.63 -8.26 -3.38
CA LYS A 35 -0.60 -8.79 -2.49
C LYS A 35 -0.08 -10.11 -3.05
N LYS A 36 0.56 -10.02 -4.21
CA LYS A 36 1.11 -11.21 -4.86
C LYS A 36 1.97 -11.98 -3.85
N GLY A 37 2.43 -11.25 -2.84
CA GLY A 37 3.26 -11.86 -1.81
C GLY A 37 4.74 -11.80 -2.20
N GLN A 38 5.02 -12.28 -3.40
CA GLN A 38 6.38 -12.29 -3.91
C GLN A 38 7.08 -10.97 -3.59
N GLN A 39 8.39 -11.04 -3.51
CA GLN A 39 9.19 -9.86 -3.20
C GLN A 39 9.30 -8.96 -4.44
N GLY A 40 8.14 -8.58 -4.95
CA GLY A 40 8.08 -7.72 -6.13
C GLY A 40 7.37 -6.40 -5.81
N TRP A 41 6.07 -6.39 -6.05
CA TRP A 41 5.27 -5.21 -5.79
C TRP A 41 3.91 -5.66 -5.25
N TRP A 42 3.12 -4.68 -4.83
CA TRP A 42 1.81 -4.97 -4.29
C TRP A 42 0.79 -4.12 -5.06
N ARG A 43 -0.34 -4.74 -5.37
CA ARG A 43 -1.40 -4.05 -6.09
C ARG A 43 -2.47 -3.54 -5.11
N GLY A 44 -2.30 -2.29 -4.71
CA GLY A 44 -3.23 -1.67 -3.79
C GLY A 44 -3.95 -0.49 -4.44
N GLU A 45 -4.43 0.41 -3.60
CA GLU A 45 -5.14 1.58 -4.07
C GLU A 45 -5.16 2.67 -3.00
N ILE A 46 -5.21 3.91 -3.46
CA ILE A 46 -5.23 5.05 -2.54
C ILE A 46 -6.20 6.11 -3.08
N TYR A 47 -7.09 6.53 -2.21
CA TYR A 47 -8.07 7.54 -2.57
C TYR A 47 -8.92 7.06 -3.76
N GLY A 48 -8.97 5.75 -3.92
CA GLY A 48 -9.74 5.17 -5.00
C GLY A 48 -8.90 5.05 -6.27
N ARG A 49 -7.61 5.24 -6.11
CA ARG A 49 -6.68 5.16 -7.22
C ARG A 49 -5.90 3.84 -7.19
N ILE A 50 -6.11 3.04 -8.21
CA ILE A 50 -5.45 1.75 -8.31
C ILE A 50 -4.09 1.94 -8.99
N GLY A 51 -3.20 1.00 -8.73
CA GLY A 51 -1.86 1.05 -9.31
C GLY A 51 -0.94 0.00 -8.66
N TRP A 52 0.31 0.02 -9.09
CA TRP A 52 1.29 -0.91 -8.56
C TRP A 52 2.35 -0.11 -7.79
N PHE A 53 2.87 -0.72 -6.75
CA PHE A 53 3.88 -0.07 -5.93
C PHE A 53 4.79 -1.11 -5.27
N PRO A 54 6.06 -0.68 -5.01
CA PRO A 54 7.04 -1.55 -4.38
C PRO A 54 6.75 -1.71 -2.89
N SER A 55 7.07 -2.88 -2.38
CA SER A 55 6.85 -3.17 -0.96
C SER A 55 8.07 -2.73 -0.15
N ASN A 56 9.09 -2.28 -0.86
CA ASN A 56 10.31 -1.82 -0.22
C ASN A 56 10.25 -0.31 -0.03
N TYR A 57 9.12 0.26 -0.45
CA TYR A 57 8.92 1.69 -0.33
C TYR A 57 7.72 2.01 0.57
N VAL A 58 7.01 0.96 0.93
CA VAL A 58 5.83 1.11 1.79
C VAL A 58 6.07 0.35 3.10
N GLU A 59 5.12 0.50 4.01
CA GLU A 59 5.20 -0.16 5.30
C GLU A 59 4.16 -1.28 5.39
N GLU A 60 4.19 -1.97 6.52
CA GLU A 60 3.26 -3.06 6.76
C GLU A 60 2.98 -3.22 8.25
N ASP A 61 1.71 -3.24 8.59
CA ASP A 61 1.30 -3.39 9.97
C ASP A 61 2.19 -2.52 10.86
N TYR A 62 2.68 -1.44 10.27
CA TYR A 62 3.55 -0.53 10.99
C TYR A 62 3.01 -0.23 12.38
N SER A 63 1.68 -0.13 12.46
CA SER A 63 1.02 0.14 13.73
C SER A 63 -0.37 -0.48 13.74
N GLU A 64 -0.84 -0.81 14.93
CA GLU A 64 -2.14 -1.41 15.10
C GLU A 64 -3.18 -0.35 15.46
N TYR A 65 -4.15 -0.20 14.58
CA TYR A 65 -5.21 0.79 14.79
C TYR A 65 -6.37 0.17 15.57
N LEU A 66 -6.02 -0.69 16.52
CA LEU A 66 -7.03 -1.35 17.33
C LEU A 66 -8.00 -0.30 17.88
N PRO A 67 -9.17 -0.80 18.36
CA PRO A 67 -10.19 0.07 18.91
C PRO A 67 -9.79 0.58 20.30
N GLU A 68 -10.19 1.80 20.59
CA GLU A 68 -9.89 2.40 21.88
C GLU A 68 -10.59 1.65 23.01
N THR A 69 -10.07 1.83 24.21
CA THR A 69 -10.64 1.15 25.37
C THR A 69 -10.26 1.90 26.65
N GLY A 1 1.86 -18.80 11.22
CA GLY A 1 1.09 -17.82 11.96
C GLY A 1 1.05 -16.48 11.23
N PRO A 2 0.34 -16.48 10.06
CA PRO A 2 0.22 -15.28 9.25
C PRO A 2 -0.76 -14.30 9.88
N GLY A 3 -0.96 -13.18 9.18
CA GLY A 3 -1.87 -12.15 9.66
C GLY A 3 -2.62 -11.50 8.50
N THR A 4 -3.94 -11.54 8.60
CA THR A 4 -4.78 -10.96 7.56
C THR A 4 -4.34 -9.52 7.27
N PHE A 5 -4.11 -9.27 5.98
CA PHE A 5 -3.68 -7.95 5.55
C PHE A 5 -4.84 -6.95 5.60
N GLY A 6 -4.49 -5.68 5.51
CA GLY A 6 -5.48 -4.62 5.55
C GLY A 6 -5.03 -3.41 4.75
N THR A 7 -3.92 -2.82 5.19
CA THR A 7 -3.37 -1.65 4.53
C THR A 7 -1.85 -1.61 4.70
N ALA A 8 -1.22 -0.74 3.92
CA ALA A 8 0.22 -0.59 3.97
C ALA A 8 0.58 0.90 3.96
N LYS A 9 1.23 1.32 5.03
CA LYS A 9 1.63 2.72 5.16
C LYS A 9 2.88 2.96 4.32
N ALA A 10 2.75 3.87 3.36
CA ALA A 10 3.86 4.20 2.48
C ALA A 10 4.98 4.85 3.30
N ARG A 11 6.20 4.42 3.02
CA ARG A 11 7.36 4.96 3.72
C ARG A 11 8.29 5.67 2.75
N TYR A 12 7.81 5.81 1.52
CA TYR A 12 8.59 6.48 0.48
C TYR A 12 7.67 7.13 -0.55
N ASP A 13 8.05 8.33 -0.96
CA ASP A 13 7.27 9.07 -1.94
C ASP A 13 7.49 8.45 -3.32
N PHE A 14 6.41 7.95 -3.88
CA PHE A 14 6.46 7.33 -5.20
C PHE A 14 5.43 7.95 -6.14
N CYS A 15 5.93 8.63 -7.16
CA CYS A 15 5.07 9.27 -8.14
C CYS A 15 4.69 8.23 -9.19
N ALA A 16 3.44 8.33 -9.64
CA ALA A 16 2.93 7.41 -10.65
C ALA A 16 3.00 8.08 -12.02
N ARG A 17 4.01 7.69 -12.79
CA ARG A 17 4.19 8.24 -14.12
C ARG A 17 2.90 8.15 -14.92
N ASP A 18 2.09 7.16 -14.57
CA ASP A 18 0.82 6.94 -15.24
C ASP A 18 -0.12 6.16 -14.31
N ARG A 19 -1.29 5.85 -14.84
CA ARG A 19 -2.29 5.10 -14.08
C ARG A 19 -1.81 3.67 -13.86
N SER A 20 -0.71 3.33 -14.51
CA SER A 20 -0.15 1.99 -14.40
C SER A 20 0.53 1.83 -13.03
N GLU A 21 0.82 2.97 -12.42
CA GLU A 21 1.47 2.96 -11.11
C GLU A 21 0.53 3.56 -10.05
N LEU A 22 0.69 3.07 -8.83
CA LEU A 22 -0.13 3.53 -7.72
C LEU A 22 0.49 4.81 -7.15
N SER A 23 -0.37 5.80 -6.94
CA SER A 23 0.08 7.07 -6.40
C SER A 23 0.44 6.91 -4.92
N LEU A 24 1.73 6.79 -4.67
CA LEU A 24 2.23 6.63 -3.31
C LEU A 24 2.65 7.99 -2.77
N LYS A 25 2.46 8.15 -1.46
CA LYS A 25 2.81 9.40 -0.81
C LYS A 25 2.99 9.15 0.69
N GLU A 26 4.24 9.23 1.12
CA GLU A 26 4.56 9.01 2.53
C GLU A 26 3.49 9.64 3.43
N GLY A 27 3.24 8.98 4.54
CA GLY A 27 2.24 9.47 5.49
C GLY A 27 0.83 9.07 5.05
N ASP A 28 0.77 8.10 4.16
CA ASP A 28 -0.50 7.62 3.65
C ASP A 28 -0.56 6.10 3.76
N ILE A 29 -1.76 5.57 3.62
CA ILE A 29 -1.97 4.13 3.71
C ILE A 29 -2.29 3.59 2.31
N ILE A 30 -1.96 2.32 2.11
CA ILE A 30 -2.21 1.67 0.84
C ILE A 30 -3.16 0.50 1.05
N LYS A 31 -4.34 0.62 0.46
CA LYS A 31 -5.35 -0.43 0.58
C LYS A 31 -4.95 -1.60 -0.32
N ILE A 32 -4.63 -2.72 0.33
CA ILE A 32 -4.24 -3.92 -0.39
C ILE A 32 -5.47 -4.52 -1.07
N LEU A 33 -5.40 -4.60 -2.39
CA LEU A 33 -6.50 -5.15 -3.17
C LEU A 33 -6.06 -6.48 -3.79
N ASN A 34 -4.92 -6.43 -4.46
CA ASN A 34 -4.38 -7.61 -5.11
C ASN A 34 -2.99 -7.90 -4.56
N LYS A 35 -2.71 -9.19 -4.37
CA LYS A 35 -1.42 -9.61 -3.85
C LYS A 35 -0.76 -10.58 -4.83
N LYS A 36 -0.23 -10.00 -5.90
CA LYS A 36 0.43 -10.80 -6.92
C LYS A 36 1.58 -11.59 -6.28
N GLY A 37 2.66 -10.87 -6.01
CA GLY A 37 3.83 -11.49 -5.40
C GLY A 37 4.13 -10.87 -4.04
N GLN A 38 4.78 -11.66 -3.19
CA GLN A 38 5.14 -11.20 -1.87
C GLN A 38 6.46 -10.41 -1.90
N GLN A 39 7.19 -10.61 -2.99
CA GLN A 39 8.46 -9.93 -3.16
C GLN A 39 8.38 -8.94 -4.34
N GLY A 40 7.34 -9.12 -5.14
CA GLY A 40 7.14 -8.25 -6.30
C GLY A 40 6.48 -6.94 -5.89
N TRP A 41 5.19 -6.83 -6.19
CA TRP A 41 4.44 -5.64 -5.86
C TRP A 41 3.03 -6.07 -5.44
N TRP A 42 2.27 -5.09 -4.95
CA TRP A 42 0.92 -5.36 -4.50
C TRP A 42 0.00 -4.29 -5.12
N ARG A 43 -1.14 -4.74 -5.61
CA ARG A 43 -2.11 -3.85 -6.22
C ARG A 43 -3.00 -3.22 -5.15
N GLY A 44 -2.93 -1.90 -5.07
CA GLY A 44 -3.72 -1.17 -4.10
C GLY A 44 -4.27 0.13 -4.69
N GLU A 45 -4.62 1.05 -3.81
CA GLU A 45 -5.16 2.33 -4.24
C GLU A 45 -4.99 3.38 -3.14
N ILE A 46 -5.04 4.64 -3.55
CA ILE A 46 -4.90 5.73 -2.60
C ILE A 46 -5.64 6.96 -3.14
N TYR A 47 -6.45 7.54 -2.26
CA TYR A 47 -7.23 8.71 -2.62
C TYR A 47 -8.09 8.43 -3.87
N GLY A 48 -8.42 7.17 -4.05
CA GLY A 48 -9.23 6.77 -5.18
C GLY A 48 -8.37 6.57 -6.44
N ARG A 49 -7.08 6.42 -6.20
CA ARG A 49 -6.14 6.21 -7.29
C ARG A 49 -5.61 4.78 -7.29
N ILE A 50 -5.99 4.05 -8.32
CA ILE A 50 -5.56 2.66 -8.46
C ILE A 50 -4.20 2.62 -9.17
N GLY A 51 -3.51 1.51 -8.96
CA GLY A 51 -2.20 1.33 -9.58
C GLY A 51 -1.44 0.18 -8.92
N TRP A 52 -0.13 0.19 -9.11
CA TRP A 52 0.72 -0.84 -8.53
C TRP A 52 1.85 -0.16 -7.77
N PHE A 53 2.23 -0.78 -6.67
CA PHE A 53 3.30 -0.24 -5.84
C PHE A 53 4.16 -1.36 -5.25
N PRO A 54 5.47 -1.04 -5.05
CA PRO A 54 6.40 -2.01 -4.50
C PRO A 54 6.18 -2.18 -3.00
N SER A 55 6.44 -3.40 -2.54
CA SER A 55 6.27 -3.71 -1.13
C SER A 55 7.52 -3.28 -0.35
N ASN A 56 8.44 -2.65 -1.07
CA ASN A 56 9.67 -2.18 -0.46
C ASN A 56 9.52 -0.71 -0.07
N TYR A 57 8.48 -0.09 -0.62
CA TYR A 57 8.22 1.31 -0.34
C TYR A 57 6.90 1.47 0.42
N VAL A 58 6.58 0.46 1.21
CA VAL A 58 5.35 0.48 2.00
C VAL A 58 5.53 -0.43 3.22
N GLU A 59 4.67 -0.22 4.20
CA GLU A 59 4.71 -1.00 5.42
C GLU A 59 3.62 -2.08 5.38
N GLU A 60 3.59 -2.87 6.45
CA GLU A 60 2.61 -3.94 6.56
C GLU A 60 2.34 -4.27 8.03
N ASP A 61 1.07 -4.32 8.37
CA ASP A 61 0.66 -4.62 9.74
C ASP A 61 1.59 -3.89 10.70
N TYR A 62 2.09 -2.75 10.25
CA TYR A 62 2.98 -1.94 11.07
C TYR A 62 2.40 -1.71 12.47
N SER A 63 1.06 -1.61 12.50
CA SER A 63 0.38 -1.39 13.76
C SER A 63 -1.06 -1.94 13.67
N GLU A 64 -1.34 -2.89 14.54
CA GLU A 64 -2.65 -3.51 14.57
C GLU A 64 -3.55 -2.80 15.58
N TYR A 65 -4.84 -2.82 15.29
CA TYR A 65 -5.81 -2.18 16.16
C TYR A 65 -5.63 -0.65 16.17
N LEU A 66 -5.58 -0.10 14.97
CA LEU A 66 -5.40 1.35 14.82
C LEU A 66 -6.41 2.08 15.72
N PRO A 67 -6.09 3.36 15.99
CA PRO A 67 -6.96 4.18 16.84
C PRO A 67 -8.22 4.60 16.08
N GLU A 68 -9.33 4.59 16.80
CA GLU A 68 -10.61 4.96 16.21
C GLU A 68 -10.69 6.49 16.04
N THR A 69 -9.79 7.17 16.74
CA THR A 69 -9.76 8.63 16.67
C THR A 69 -8.80 9.08 15.56
N GLY A 1 -9.59 -10.68 -3.20
CA GLY A 1 -9.79 -12.03 -2.69
C GLY A 1 -10.39 -12.00 -1.29
N PRO A 2 -10.94 -13.18 -0.88
CA PRO A 2 -11.55 -13.30 0.44
C PRO A 2 -10.48 -13.37 1.54
N GLY A 3 -9.24 -13.47 1.10
CA GLY A 3 -8.13 -13.55 2.03
C GLY A 3 -7.37 -12.22 2.08
N THR A 4 -8.10 -11.14 1.90
CA THR A 4 -7.51 -9.82 1.93
C THR A 4 -6.44 -9.73 3.02
N PHE A 5 -5.28 -9.23 2.63
CA PHE A 5 -4.17 -9.09 3.56
C PHE A 5 -4.49 -8.04 4.62
N GLY A 6 -4.61 -6.80 4.17
CA GLY A 6 -4.91 -5.70 5.07
C GLY A 6 -4.64 -4.36 4.40
N THR A 7 -3.51 -3.76 4.76
CA THR A 7 -3.12 -2.48 4.20
C THR A 7 -1.60 -2.31 4.25
N ALA A 8 -1.14 -1.23 3.65
CA ALA A 8 0.29 -0.94 3.61
C ALA A 8 0.50 0.57 3.71
N LYS A 9 0.94 0.99 4.89
CA LYS A 9 1.19 2.41 5.13
C LYS A 9 2.40 2.85 4.32
N ALA A 10 2.15 3.78 3.40
CA ALA A 10 3.22 4.29 2.56
C ALA A 10 4.25 5.02 3.42
N ARG A 11 5.51 4.72 3.17
CA ARG A 11 6.60 5.32 3.91
C ARG A 11 7.33 6.34 3.04
N TYR A 12 6.88 6.46 1.80
CA TYR A 12 7.47 7.39 0.86
C TYR A 12 6.51 7.71 -0.28
N ASP A 13 6.33 9.01 -0.51
CA ASP A 13 5.44 9.45 -1.56
C ASP A 13 5.96 8.97 -2.91
N PHE A 14 5.17 8.11 -3.55
CA PHE A 14 5.55 7.57 -4.84
C PHE A 14 4.70 8.18 -5.96
N CYS A 15 5.37 8.93 -6.83
CA CYS A 15 4.69 9.57 -7.94
C CYS A 15 4.52 8.54 -9.06
N ALA A 16 3.28 8.12 -9.25
CA ALA A 16 2.97 7.13 -10.28
C ALA A 16 3.14 7.78 -11.66
N ARG A 17 4.25 7.43 -12.31
CA ARG A 17 4.54 7.96 -13.63
C ARG A 17 3.39 7.65 -14.59
N ASP A 18 2.58 6.67 -14.21
CA ASP A 18 1.45 6.28 -15.03
C ASP A 18 0.49 5.44 -14.19
N ARG A 19 -0.66 5.15 -14.77
CA ARG A 19 -1.67 4.35 -14.09
C ARG A 19 -1.10 2.98 -13.72
N SER A 20 0.01 2.64 -14.35
CA SER A 20 0.66 1.37 -14.11
C SER A 20 1.28 1.35 -12.72
N GLU A 21 1.25 2.52 -12.08
CA GLU A 21 1.80 2.66 -10.74
C GLU A 21 0.76 3.24 -9.79
N LEU A 22 0.88 2.86 -8.53
CA LEU A 22 -0.05 3.34 -7.52
C LEU A 22 0.47 4.65 -6.92
N SER A 23 -0.45 5.58 -6.73
CA SER A 23 -0.10 6.88 -6.18
C SER A 23 0.02 6.78 -4.66
N LEU A 24 1.25 6.70 -4.18
CA LEU A 24 1.50 6.61 -2.76
C LEU A 24 1.72 8.01 -2.19
N LYS A 25 1.49 8.14 -0.89
CA LYS A 25 1.66 9.42 -0.22
C LYS A 25 1.90 9.18 1.27
N GLU A 26 3.12 9.47 1.70
CA GLU A 26 3.50 9.30 3.08
C GLU A 26 2.34 9.69 4.01
N GLY A 27 2.07 8.83 4.97
CA GLY A 27 1.00 9.08 5.92
C GLY A 27 -0.32 8.48 5.43
N ASP A 28 -0.26 7.92 4.23
CA ASP A 28 -1.44 7.31 3.64
C ASP A 28 -1.32 5.78 3.72
N ILE A 29 -2.47 5.13 3.61
CA ILE A 29 -2.51 3.67 3.68
C ILE A 29 -2.85 3.11 2.30
N ILE A 30 -2.18 2.03 1.95
CA ILE A 30 -2.42 1.39 0.67
C ILE A 30 -3.21 0.10 0.88
N LYS A 31 -4.44 0.11 0.37
CA LYS A 31 -5.32 -1.04 0.50
C LYS A 31 -4.76 -2.19 -0.35
N ILE A 32 -4.36 -3.25 0.35
CA ILE A 32 -3.80 -4.42 -0.31
C ILE A 32 -4.94 -5.22 -0.95
N LEU A 33 -4.69 -5.69 -2.16
CA LEU A 33 -5.68 -6.47 -2.89
C LEU A 33 -5.04 -7.76 -3.39
N ASN A 34 -3.87 -7.61 -4.00
CA ASN A 34 -3.15 -8.75 -4.52
C ASN A 34 -1.67 -8.65 -4.12
N LYS A 35 -1.10 -9.79 -3.78
CA LYS A 35 0.30 -9.85 -3.38
C LYS A 35 1.05 -10.80 -4.30
N LYS A 36 1.56 -10.24 -5.39
CA LYS A 36 2.30 -11.03 -6.35
C LYS A 36 3.21 -12.02 -5.61
N GLY A 37 3.66 -11.59 -4.43
CA GLY A 37 4.53 -12.42 -3.62
C GLY A 37 5.21 -11.59 -2.53
N GLN A 38 6.29 -12.14 -1.99
CA GLN A 38 7.03 -11.47 -0.94
C GLN A 38 8.26 -10.76 -1.52
N GLN A 39 8.33 -10.78 -2.85
CA GLN A 39 9.45 -10.15 -3.53
C GLN A 39 8.98 -9.52 -4.86
N GLY A 40 8.95 -8.20 -4.88
CA GLY A 40 8.52 -7.48 -6.05
C GLY A 40 7.73 -6.23 -5.68
N TRP A 41 6.44 -6.28 -5.95
CA TRP A 41 5.57 -5.16 -5.64
C TRP A 41 4.23 -5.71 -5.15
N TRP A 42 3.37 -4.82 -4.69
CA TRP A 42 2.06 -5.21 -4.20
C TRP A 42 1.01 -4.38 -4.94
N ARG A 43 -0.07 -5.06 -5.31
CA ARG A 43 -1.15 -4.40 -6.02
C ARG A 43 -2.24 -3.97 -5.04
N GLY A 44 -2.29 -2.67 -4.78
CA GLY A 44 -3.27 -2.12 -3.87
C GLY A 44 -4.06 -0.99 -4.54
N GLU A 45 -4.57 -0.10 -3.69
CA GLU A 45 -5.35 1.02 -4.18
C GLU A 45 -5.50 2.08 -3.09
N ILE A 46 -5.78 3.30 -3.52
CA ILE A 46 -5.94 4.41 -2.60
C ILE A 46 -6.92 5.43 -3.19
N TYR A 47 -7.90 5.80 -2.39
CA TYR A 47 -8.90 6.77 -2.81
C TYR A 47 -9.62 6.29 -4.07
N GLY A 48 -9.56 4.98 -4.28
CA GLY A 48 -10.22 4.37 -5.43
C GLY A 48 -9.26 4.35 -6.63
N ARG A 49 -7.99 4.56 -6.35
CA ARG A 49 -6.97 4.55 -7.39
C ARG A 49 -6.13 3.28 -7.31
N ILE A 50 -6.24 2.48 -8.35
CA ILE A 50 -5.49 1.23 -8.41
C ILE A 50 -4.11 1.50 -9.02
N GLY A 51 -3.17 0.62 -8.70
CA GLY A 51 -1.82 0.75 -9.19
C GLY A 51 -0.89 -0.30 -8.56
N TRP A 52 0.40 -0.13 -8.80
CA TRP A 52 1.39 -1.04 -8.26
C TRP A 52 2.44 -0.22 -7.50
N PHE A 53 2.95 -0.81 -6.44
CA PHE A 53 3.96 -0.14 -5.62
C PHE A 53 4.88 -1.17 -4.97
N PRO A 54 6.14 -0.72 -4.72
CA PRO A 54 7.14 -1.58 -4.10
C PRO A 54 6.86 -1.73 -2.60
N SER A 55 7.20 -2.90 -2.08
CA SER A 55 7.00 -3.19 -0.68
C SER A 55 8.18 -2.65 0.15
N ASN A 56 9.08 -1.98 -0.55
CA ASN A 56 10.26 -1.42 0.09
C ASN A 56 9.99 0.05 0.43
N TYR A 57 8.91 0.57 -0.13
CA TYR A 57 8.53 1.95 0.10
C TYR A 57 7.26 2.03 0.95
N VAL A 58 6.69 0.87 1.21
CA VAL A 58 5.47 0.81 2.01
C VAL A 58 5.72 -0.07 3.23
N GLU A 59 4.69 -0.21 4.05
CA GLU A 59 4.77 -1.02 5.25
C GLU A 59 3.40 -1.58 5.62
N GLU A 60 3.36 -2.90 5.77
CA GLU A 60 2.13 -3.58 6.12
C GLU A 60 2.26 -4.27 7.48
N ASP A 61 1.15 -4.83 7.93
CA ASP A 61 1.13 -5.52 9.20
C ASP A 61 1.95 -4.72 10.23
N TYR A 62 1.88 -3.41 10.11
CA TYR A 62 2.61 -2.53 11.00
C TYR A 62 1.77 -2.19 12.24
N SER A 63 2.47 -2.09 13.37
CA SER A 63 1.80 -1.78 14.63
C SER A 63 1.13 -0.41 14.52
N GLU A 64 -0.15 -0.39 14.88
CA GLU A 64 -0.93 0.84 14.84
C GLU A 64 -0.86 1.55 16.18
N TYR A 65 -1.31 2.80 16.18
CA TYR A 65 -1.30 3.61 17.39
C TYR A 65 -2.64 4.31 17.58
N LEU A 66 -3.68 3.51 17.67
CA LEU A 66 -5.03 4.05 17.86
C LEU A 66 -5.10 4.76 19.21
N PRO A 67 -6.08 5.71 19.30
CA PRO A 67 -6.27 6.46 20.53
C PRO A 67 -6.92 5.61 21.61
N GLU A 68 -6.78 6.06 22.85
CA GLU A 68 -7.35 5.34 23.97
C GLU A 68 -8.83 5.69 24.12
N THR A 69 -9.59 4.71 24.60
CA THR A 69 -11.02 4.90 24.80
C THR A 69 -11.38 4.78 26.29
N GLY A 1 -8.76 -11.25 -8.17
CA GLY A 1 -7.43 -11.57 -7.70
C GLY A 1 -7.44 -12.85 -6.85
N PRO A 2 -6.43 -12.95 -5.95
CA PRO A 2 -6.31 -14.12 -5.08
C PRO A 2 -7.34 -14.06 -3.95
N GLY A 3 -6.97 -13.36 -2.89
CA GLY A 3 -7.85 -13.22 -1.74
C GLY A 3 -7.67 -11.84 -1.08
N THR A 4 -7.47 -11.87 0.23
CA THR A 4 -7.29 -10.65 0.98
C THR A 4 -6.52 -10.92 2.28
N PHE A 5 -5.79 -9.91 2.72
CA PHE A 5 -5.00 -10.03 3.93
C PHE A 5 -5.38 -8.94 4.94
N GLY A 6 -5.11 -7.70 4.56
CA GLY A 6 -5.41 -6.57 5.41
C GLY A 6 -5.12 -5.24 4.70
N THR A 7 -4.06 -4.59 5.14
CA THR A 7 -3.67 -3.32 4.57
C THR A 7 -2.18 -3.04 4.86
N ALA A 8 -1.68 -2.01 4.19
CA ALA A 8 -0.28 -1.63 4.37
C ALA A 8 -0.17 -0.10 4.34
N LYS A 9 0.38 0.44 5.42
CA LYS A 9 0.54 1.87 5.53
C LYS A 9 1.65 2.33 4.56
N ALA A 10 1.70 3.64 4.35
CA ALA A 10 2.69 4.21 3.45
C ALA A 10 3.76 4.91 4.28
N ARG A 11 4.98 4.40 4.17
CA ARG A 11 6.10 4.97 4.89
C ARG A 11 6.89 5.94 4.00
N TYR A 12 6.40 6.07 2.77
CA TYR A 12 7.04 6.95 1.81
C TYR A 12 6.03 7.50 0.79
N ASP A 13 6.17 8.77 0.48
CA ASP A 13 5.29 9.41 -0.47
C ASP A 13 5.71 9.04 -1.90
N PHE A 14 4.84 8.29 -2.56
CA PHE A 14 5.11 7.85 -3.91
C PHE A 14 4.17 8.55 -4.91
N CYS A 15 4.76 9.38 -5.74
CA CYS A 15 3.98 10.11 -6.74
C CYS A 15 4.04 9.33 -8.06
N ALA A 16 3.02 8.52 -8.27
CA ALA A 16 2.94 7.72 -9.49
C ALA A 16 3.36 8.57 -10.69
N ARG A 17 4.20 7.99 -11.52
CA ARG A 17 4.68 8.69 -12.70
C ARG A 17 3.85 8.28 -13.93
N ASP A 18 3.11 7.20 -13.76
CA ASP A 18 2.28 6.69 -14.84
C ASP A 18 0.96 6.17 -14.26
N ARG A 19 0.06 5.79 -15.16
CA ARG A 19 -1.23 5.27 -14.74
C ARG A 19 -1.11 3.79 -14.37
N SER A 20 0.11 3.30 -14.43
CA SER A 20 0.38 1.91 -14.10
C SER A 20 0.97 1.80 -12.69
N GLU A 21 0.97 2.93 -12.00
CA GLU A 21 1.50 2.98 -10.65
C GLU A 21 0.42 3.44 -9.66
N LEU A 22 0.52 2.94 -8.44
CA LEU A 22 -0.43 3.28 -7.41
C LEU A 22 0.00 4.58 -6.72
N SER A 23 -0.97 5.44 -6.48
CA SER A 23 -0.69 6.72 -5.84
C SER A 23 -0.50 6.52 -4.34
N LEU A 24 0.75 6.44 -3.94
CA LEU A 24 1.10 6.26 -2.54
C LEU A 24 1.31 7.61 -1.88
N LYS A 25 1.08 7.65 -0.57
CA LYS A 25 1.24 8.88 0.18
C LYS A 25 1.31 8.56 1.68
N GLU A 26 2.43 8.93 2.27
CA GLU A 26 2.63 8.69 3.69
C GLU A 26 1.37 9.05 4.48
N GLY A 27 1.16 8.31 5.56
CA GLY A 27 -0.01 8.53 6.40
C GLY A 27 -1.27 7.98 5.75
N ASP A 28 -1.08 7.05 4.83
CA ASP A 28 -2.19 6.43 4.13
C ASP A 28 -2.05 4.91 4.21
N ILE A 29 -3.15 4.24 3.92
CA ILE A 29 -3.17 2.78 3.95
C ILE A 29 -3.31 2.26 2.52
N ILE A 30 -2.79 1.04 2.32
CA ILE A 30 -2.85 0.41 1.02
C ILE A 30 -3.54 -0.94 1.14
N LYS A 31 -4.67 -1.06 0.47
CA LYS A 31 -5.44 -2.30 0.50
C LYS A 31 -4.75 -3.33 -0.39
N ILE A 32 -4.29 -4.40 0.23
CA ILE A 32 -3.62 -5.47 -0.49
C ILE A 32 -4.65 -6.29 -1.25
N LEU A 33 -4.52 -6.24 -2.58
CA LEU A 33 -5.44 -6.97 -3.44
C LEU A 33 -4.71 -8.18 -4.04
N ASN A 34 -3.54 -7.90 -4.60
CA ASN A 34 -2.74 -8.94 -5.22
C ASN A 34 -1.31 -8.88 -4.66
N LYS A 35 -0.78 -10.06 -4.36
CA LYS A 35 0.56 -10.15 -3.82
C LYS A 35 1.45 -10.90 -4.81
N LYS A 36 1.93 -10.17 -5.79
CA LYS A 36 2.80 -10.75 -6.81
C LYS A 36 4.15 -11.11 -6.17
N GLY A 37 4.28 -12.39 -5.86
CA GLY A 37 5.52 -12.88 -5.25
C GLY A 37 5.85 -12.09 -3.97
N GLN A 38 6.91 -12.52 -3.31
CA GLN A 38 7.34 -11.88 -2.08
C GLN A 38 8.35 -10.77 -2.39
N GLN A 39 9.00 -10.90 -3.54
CA GLN A 39 9.98 -9.92 -3.97
C GLN A 39 9.53 -9.25 -5.26
N GLY A 40 9.00 -8.04 -5.11
CA GLY A 40 8.53 -7.29 -6.26
C GLY A 40 7.65 -6.11 -5.82
N TRP A 41 6.37 -6.23 -6.13
CA TRP A 41 5.41 -5.19 -5.79
C TRP A 41 4.10 -5.88 -5.40
N TRP A 42 3.17 -5.07 -4.89
CA TRP A 42 1.88 -5.58 -4.48
C TRP A 42 0.80 -4.75 -5.16
N ARG A 43 -0.22 -5.44 -5.67
CA ARG A 43 -1.32 -4.76 -6.34
C ARG A 43 -2.39 -4.37 -5.34
N GLY A 44 -2.39 -3.09 -4.99
CA GLY A 44 -3.36 -2.56 -4.06
C GLY A 44 -4.19 -1.43 -4.67
N GLU A 45 -4.75 -0.60 -3.81
CA GLU A 45 -5.57 0.51 -4.26
C GLU A 45 -5.80 1.49 -3.12
N ILE A 46 -5.94 2.76 -3.49
CA ILE A 46 -6.18 3.81 -2.50
C ILE A 46 -7.23 4.77 -3.04
N TYR A 47 -8.25 5.01 -2.23
CA TYR A 47 -9.32 5.92 -2.60
C TYR A 47 -10.04 5.42 -3.86
N GLY A 48 -9.82 4.15 -4.17
CA GLY A 48 -10.44 3.54 -5.33
C GLY A 48 -9.47 3.50 -6.51
N ARG A 49 -8.34 4.18 -6.33
CA ARG A 49 -7.33 4.23 -7.37
C ARG A 49 -6.44 2.98 -7.31
N ILE A 50 -6.47 2.22 -8.40
CA ILE A 50 -5.68 1.01 -8.48
C ILE A 50 -4.30 1.34 -9.04
N GLY A 51 -3.35 0.45 -8.75
CA GLY A 51 -1.99 0.64 -9.21
C GLY A 51 -1.05 -0.42 -8.61
N TRP A 52 0.23 -0.15 -8.72
CA TRP A 52 1.23 -1.06 -8.20
C TRP A 52 2.18 -0.27 -7.29
N PHE A 53 2.73 -0.96 -6.30
CA PHE A 53 3.65 -0.34 -5.37
C PHE A 53 4.57 -1.38 -4.74
N PRO A 54 5.77 -0.90 -4.32
CA PRO A 54 6.75 -1.77 -3.70
C PRO A 54 6.35 -2.09 -2.26
N SER A 55 6.70 -3.32 -1.84
CA SER A 55 6.39 -3.76 -0.51
C SER A 55 7.44 -3.25 0.48
N ASN A 56 8.35 -2.46 -0.05
CA ASN A 56 9.42 -1.89 0.77
C ASN A 56 9.11 -0.42 1.04
N TYR A 57 7.99 0.03 0.51
CA TYR A 57 7.58 1.41 0.69
C TYR A 57 6.26 1.50 1.46
N VAL A 58 5.93 0.40 2.12
CA VAL A 58 4.70 0.33 2.90
C VAL A 58 4.88 -0.64 4.08
N GLU A 59 4.06 -0.45 5.09
CA GLU A 59 4.12 -1.28 6.27
C GLU A 59 3.27 -2.53 6.08
N GLU A 60 3.26 -3.38 7.10
CA GLU A 60 2.48 -4.61 7.06
C GLU A 60 2.14 -5.06 8.48
N ASP A 61 0.86 -5.35 8.68
CA ASP A 61 0.38 -5.79 9.97
C ASP A 61 1.02 -4.93 11.07
N TYR A 62 1.28 -3.68 10.72
CA TYR A 62 1.88 -2.75 11.66
C TYR A 62 1.01 -2.58 12.91
N SER A 63 1.43 -1.66 13.76
CA SER A 63 0.69 -1.39 14.98
C SER A 63 0.01 -0.02 14.90
N GLU A 64 -0.85 0.23 15.87
CA GLU A 64 -1.57 1.49 15.92
C GLU A 64 -0.85 2.49 16.82
N TYR A 65 -0.65 3.68 16.30
CA TYR A 65 0.03 4.73 17.04
C TYR A 65 -0.81 6.00 17.09
N LEU A 66 -2.13 5.80 17.16
CA LEU A 66 -3.05 6.92 17.21
C LEU A 66 -2.59 7.90 18.29
N PRO A 67 -3.01 9.19 18.11
CA PRO A 67 -2.65 10.23 19.05
C PRO A 67 -3.46 10.10 20.34
N GLU A 68 -3.46 11.18 21.12
CA GLU A 68 -4.18 11.21 22.37
C GLU A 68 -5.63 11.65 22.14
N THR A 69 -6.54 10.73 22.39
CA THR A 69 -7.96 11.02 22.22
C THR A 69 -8.42 12.08 23.21
N GLY A 1 -12.95 -3.78 4.39
CA GLY A 1 -13.89 -4.89 4.28
C GLY A 1 -13.17 -6.23 4.41
N PRO A 2 -13.98 -7.32 4.34
CA PRO A 2 -13.44 -8.67 4.46
C PRO A 2 -12.71 -9.07 3.18
N GLY A 3 -12.48 -10.38 3.05
CA GLY A 3 -11.80 -10.91 1.88
C GLY A 3 -10.62 -11.79 2.28
N THR A 4 -9.67 -11.91 1.37
CA THR A 4 -8.49 -12.71 1.62
C THR A 4 -7.37 -11.86 2.18
N PHE A 5 -6.96 -10.87 1.39
CA PHE A 5 -5.90 -9.97 1.79
C PHE A 5 -6.44 -8.87 2.72
N GLY A 6 -5.55 -7.93 3.05
CA GLY A 6 -5.92 -6.83 3.92
C GLY A 6 -5.58 -5.49 3.29
N THR A 7 -4.74 -4.73 3.97
CA THR A 7 -4.32 -3.43 3.47
C THR A 7 -2.92 -3.10 3.97
N ALA A 8 -2.39 -2.00 3.45
CA ALA A 8 -1.05 -1.56 3.82
C ALA A 8 -1.02 -0.04 3.88
N LYS A 9 -0.75 0.48 5.07
CA LYS A 9 -0.69 1.92 5.27
C LYS A 9 0.64 2.45 4.71
N ALA A 10 0.52 3.37 3.77
CA ALA A 10 1.69 3.96 3.14
C ALA A 10 2.47 4.76 4.19
N ARG A 11 3.78 4.56 4.18
CA ARG A 11 4.64 5.24 5.12
C ARG A 11 5.61 6.18 4.39
N TYR A 12 5.48 6.18 3.07
CA TYR A 12 6.32 7.01 2.23
C TYR A 12 5.53 7.56 1.03
N ASP A 13 5.77 8.83 0.74
CA ASP A 13 5.09 9.48 -0.37
C ASP A 13 5.73 9.02 -1.68
N PHE A 14 4.90 8.39 -2.51
CA PHE A 14 5.37 7.90 -3.80
C PHE A 14 4.46 8.39 -4.94
N CYS A 15 5.04 9.22 -5.79
CA CYS A 15 4.29 9.76 -6.92
C CYS A 15 4.37 8.76 -8.06
N ALA A 16 3.25 8.60 -8.74
CA ALA A 16 3.18 7.68 -9.87
C ALA A 16 3.46 8.45 -11.16
N ARG A 17 4.70 8.34 -11.62
CA ARG A 17 5.11 9.00 -12.84
C ARG A 17 4.14 8.68 -13.97
N ASP A 18 3.48 7.54 -13.84
CA ASP A 18 2.53 7.09 -14.84
C ASP A 18 1.45 6.24 -14.17
N ARG A 19 0.50 5.80 -14.98
CA ARG A 19 -0.58 4.97 -14.49
C ARG A 19 -0.08 3.55 -14.19
N SER A 20 1.18 3.34 -14.50
CA SER A 20 1.81 2.04 -14.27
C SER A 20 2.20 1.91 -12.80
N GLU A 21 2.32 3.06 -12.15
CA GLU A 21 2.69 3.08 -10.74
C GLU A 21 1.47 3.41 -9.88
N LEU A 22 1.49 2.88 -8.66
CA LEU A 22 0.40 3.10 -7.73
C LEU A 22 0.61 4.42 -7.00
N SER A 23 -0.45 5.22 -6.95
CA SER A 23 -0.38 6.52 -6.29
C SER A 23 -0.31 6.32 -4.78
N LEU A 24 0.90 6.45 -4.26
CA LEU A 24 1.13 6.30 -2.82
C LEU A 24 1.17 7.68 -2.17
N LYS A 25 0.68 7.72 -0.94
CA LYS A 25 0.64 8.97 -0.19
C LYS A 25 0.55 8.66 1.31
N GLU A 26 1.62 8.96 2.01
CA GLU A 26 1.66 8.72 3.45
C GLU A 26 0.32 9.07 4.09
N GLY A 27 -0.02 8.31 5.12
CA GLY A 27 -1.27 8.52 5.83
C GLY A 27 -2.45 7.95 5.03
N ASP A 28 -2.12 7.04 4.12
CA ASP A 28 -3.14 6.41 3.29
C ASP A 28 -3.00 4.89 3.39
N ILE A 29 -4.05 4.21 2.98
CA ILE A 29 -4.06 2.75 3.01
C ILE A 29 -3.96 2.21 1.58
N ILE A 30 -3.32 1.06 1.47
CA ILE A 30 -3.15 0.43 0.17
C ILE A 30 -3.83 -0.94 0.18
N LYS A 31 -4.84 -1.07 -0.67
CA LYS A 31 -5.59 -2.31 -0.77
C LYS A 31 -4.76 -3.34 -1.53
N ILE A 32 -4.36 -4.38 -0.81
CA ILE A 32 -3.56 -5.44 -1.41
C ILE A 32 -4.43 -6.27 -2.34
N LEU A 33 -4.12 -6.20 -3.63
CA LEU A 33 -4.87 -6.94 -4.62
C LEU A 33 -4.05 -8.14 -5.09
N ASN A 34 -2.80 -7.87 -5.42
CA ASN A 34 -1.90 -8.90 -5.89
C ASN A 34 -0.58 -8.81 -5.11
N LYS A 35 -0.05 -9.98 -4.77
CA LYS A 35 1.21 -10.04 -4.04
C LYS A 35 2.24 -10.80 -4.87
N LYS A 36 2.87 -10.07 -5.78
CA LYS A 36 3.88 -10.66 -6.64
C LYS A 36 5.07 -11.11 -5.80
N GLY A 37 5.02 -12.37 -5.39
CA GLY A 37 6.08 -12.93 -4.56
C GLY A 37 6.20 -12.19 -3.23
N GLN A 38 7.03 -12.74 -2.36
CA GLN A 38 7.25 -12.14 -1.06
C GLN A 38 8.13 -10.89 -1.18
N GLN A 39 8.88 -10.85 -2.26
CA GLN A 39 9.77 -9.73 -2.51
C GLN A 39 9.45 -9.09 -3.87
N GLY A 40 9.64 -7.78 -3.92
CA GLY A 40 9.37 -7.03 -5.14
C GLY A 40 8.41 -5.86 -4.87
N TRP A 41 7.19 -6.02 -5.38
CA TRP A 41 6.17 -5.00 -5.19
C TRP A 41 4.83 -5.70 -4.98
N TRP A 42 3.83 -4.90 -4.65
CA TRP A 42 2.50 -5.43 -4.41
C TRP A 42 1.51 -4.62 -5.26
N ARG A 43 0.60 -5.34 -5.89
CA ARG A 43 -0.41 -4.70 -6.72
C ARG A 43 -1.62 -4.28 -5.88
N GLY A 44 -1.75 -2.98 -5.71
CA GLY A 44 -2.85 -2.42 -4.94
C GLY A 44 -3.45 -1.19 -5.61
N GLU A 45 -4.39 -0.58 -4.93
CA GLU A 45 -5.05 0.61 -5.46
C GLU A 45 -5.31 1.61 -4.32
N ILE A 46 -5.66 2.83 -4.73
CA ILE A 46 -5.93 3.89 -3.78
C ILE A 46 -6.83 4.94 -4.43
N TYR A 47 -7.98 5.16 -3.81
CA TYR A 47 -8.93 6.13 -4.30
C TYR A 47 -9.37 5.78 -5.73
N GLY A 48 -9.24 4.51 -6.06
CA GLY A 48 -9.61 4.04 -7.38
C GLY A 48 -8.42 4.10 -8.34
N ARG A 49 -7.25 4.36 -7.77
CA ARG A 49 -6.03 4.45 -8.56
C ARG A 49 -5.25 3.14 -8.47
N ILE A 50 -5.20 2.44 -9.60
CA ILE A 50 -4.48 1.17 -9.66
C ILE A 50 -3.04 1.44 -10.08
N GLY A 51 -2.17 0.52 -9.70
CA GLY A 51 -0.76 0.63 -10.03
C GLY A 51 0.08 -0.39 -9.25
N TRP A 52 1.37 -0.10 -9.16
CA TRP A 52 2.28 -0.98 -8.45
C TRP A 52 3.07 -0.14 -7.44
N PHE A 53 3.41 -0.77 -6.32
CA PHE A 53 4.16 -0.09 -5.29
C PHE A 53 5.03 -1.07 -4.51
N PRO A 54 6.17 -0.54 -3.97
CA PRO A 54 7.09 -1.36 -3.21
C PRO A 54 6.54 -1.65 -1.82
N SER A 55 6.89 -2.83 -1.31
CA SER A 55 6.45 -3.24 0.01
C SER A 55 7.36 -2.65 1.08
N ASN A 56 8.31 -1.85 0.63
CA ASN A 56 9.26 -1.21 1.53
C ASN A 56 8.77 0.19 1.88
N TYR A 57 7.78 0.64 1.13
CA TYR A 57 7.22 1.96 1.34
C TYR A 57 5.77 1.88 1.83
N VAL A 58 5.48 0.77 2.51
CA VAL A 58 4.15 0.55 3.03
C VAL A 58 4.22 -0.39 4.24
N GLU A 59 3.15 -0.40 5.01
CA GLU A 59 3.09 -1.25 6.18
C GLU A 59 1.73 -1.95 6.26
N GLU A 60 1.79 -3.28 6.33
CA GLU A 60 0.59 -4.08 6.41
C GLU A 60 0.48 -4.77 7.77
N ASP A 61 -0.74 -5.09 8.15
CA ASP A 61 -0.97 -5.75 9.42
C ASP A 61 -0.40 -4.90 10.55
N TYR A 62 -0.78 -3.63 10.55
CA TYR A 62 -0.30 -2.70 11.57
C TYR A 62 -1.40 -2.42 12.60
N SER A 63 -0.98 -2.37 13.86
CA SER A 63 -1.91 -2.10 14.94
C SER A 63 -2.64 -0.78 14.70
N GLU A 64 -3.45 -0.40 15.67
CA GLU A 64 -4.20 0.85 15.57
C GLU A 64 -4.04 1.67 16.85
N TYR A 65 -4.19 2.98 16.70
CA TYR A 65 -4.06 3.87 17.84
C TYR A 65 -2.63 3.90 18.36
N LEU A 66 -1.69 3.79 17.43
CA LEU A 66 -0.28 3.80 17.78
C LEU A 66 -0.04 4.87 18.85
N PRO A 67 1.14 4.76 19.53
CA PRO A 67 1.51 5.70 20.56
C PRO A 67 1.96 7.03 19.97
N GLU A 68 2.12 8.02 20.83
CA GLU A 68 2.54 9.33 20.40
C GLU A 68 3.31 10.04 21.52
N THR A 69 4.04 11.07 21.13
CA THR A 69 4.83 11.83 22.08
C THR A 69 3.96 12.83 22.83
N GLY A 1 -16.69 -7.19 3.32
CA GLY A 1 -15.80 -7.05 4.47
C GLY A 1 -14.35 -7.33 4.08
N PRO A 2 -13.44 -7.16 5.09
CA PRO A 2 -12.04 -7.40 4.87
C PRO A 2 -11.73 -8.90 4.80
N GLY A 3 -10.70 -9.22 4.02
CA GLY A 3 -10.30 -10.61 3.86
C GLY A 3 -9.06 -10.92 4.70
N THR A 4 -8.02 -11.39 4.02
CA THR A 4 -6.78 -11.73 4.70
C THR A 4 -5.83 -10.54 4.69
N PHE A 5 -5.83 -9.83 3.57
CA PHE A 5 -4.96 -8.66 3.42
C PHE A 5 -5.37 -7.56 4.39
N GLY A 6 -4.70 -6.42 4.25
CA GLY A 6 -4.98 -5.28 5.11
C GLY A 6 -4.60 -3.97 4.41
N THR A 7 -3.46 -3.43 4.82
CA THR A 7 -2.98 -2.18 4.25
C THR A 7 -1.45 -2.11 4.36
N ALA A 8 -0.89 -1.11 3.69
CA ALA A 8 0.55 -0.92 3.70
C ALA A 8 0.86 0.58 3.67
N LYS A 9 1.31 1.08 4.82
CA LYS A 9 1.65 2.48 4.94
C LYS A 9 2.86 2.79 4.05
N ALA A 10 2.73 3.86 3.27
CA ALA A 10 3.80 4.27 2.38
C ALA A 10 4.87 4.99 3.19
N ARG A 11 6.12 4.62 2.93
CA ARG A 11 7.24 5.22 3.61
C ARG A 11 7.96 6.21 2.69
N TYR A 12 7.44 6.32 1.48
CA TYR A 12 8.02 7.22 0.50
C TYR A 12 7.01 7.56 -0.60
N ASP A 13 6.86 8.87 -0.84
CA ASP A 13 5.93 9.33 -1.85
C ASP A 13 6.41 8.88 -3.23
N PHE A 14 5.68 7.93 -3.80
CA PHE A 14 6.02 7.41 -5.11
C PHE A 14 5.17 8.06 -6.20
N CYS A 15 5.87 8.66 -7.16
CA CYS A 15 5.19 9.33 -8.26
C CYS A 15 4.93 8.29 -9.35
N ALA A 16 3.67 8.18 -9.74
CA ALA A 16 3.28 7.24 -10.77
C ALA A 16 3.39 7.91 -12.13
N ARG A 17 4.14 7.27 -13.02
CA ARG A 17 4.34 7.79 -14.36
C ARG A 17 3.39 7.10 -15.34
N ASP A 18 2.98 5.90 -14.98
CA ASP A 18 2.08 5.13 -15.81
C ASP A 18 1.05 4.42 -14.93
N ARG A 19 0.07 3.81 -15.59
CA ARG A 19 -0.98 3.10 -14.87
C ARG A 19 -0.42 1.86 -14.19
N SER A 20 0.84 1.56 -14.51
CA SER A 20 1.50 0.40 -13.95
C SER A 20 2.19 0.79 -12.63
N GLU A 21 1.79 1.94 -12.11
CA GLU A 21 2.35 2.42 -10.86
C GLU A 21 1.26 3.04 -9.98
N LEU A 22 1.42 2.88 -8.68
CA LEU A 22 0.45 3.40 -7.73
C LEU A 22 1.01 4.69 -7.11
N SER A 23 0.13 5.68 -7.01
CA SER A 23 0.52 6.96 -6.44
C SER A 23 0.61 6.86 -4.93
N LEU A 24 1.84 6.74 -4.44
CA LEU A 24 2.07 6.63 -3.01
C LEU A 24 2.35 8.02 -2.44
N LYS A 25 2.13 8.14 -1.14
CA LYS A 25 2.35 9.41 -0.46
C LYS A 25 2.59 9.15 1.03
N GLU A 26 3.82 9.38 1.46
CA GLU A 26 4.18 9.18 2.86
C GLU A 26 3.03 9.63 3.76
N GLY A 27 2.74 8.79 4.75
CA GLY A 27 1.68 9.10 5.70
C GLY A 27 0.35 8.52 5.23
N ASP A 28 0.36 8.01 4.01
CA ASP A 28 -0.84 7.43 3.43
C ASP A 28 -0.78 5.90 3.56
N ILE A 29 -1.94 5.27 3.47
CA ILE A 29 -2.02 3.82 3.58
C ILE A 29 -2.40 3.24 2.22
N ILE A 30 -1.74 2.15 1.86
CA ILE A 30 -1.99 1.49 0.60
C ILE A 30 -2.76 0.19 0.86
N LYS A 31 -3.99 0.16 0.36
CA LYS A 31 -4.84 -1.02 0.53
C LYS A 31 -4.26 -2.17 -0.29
N ILE A 32 -3.80 -3.19 0.42
CA ILE A 32 -3.22 -4.36 -0.23
C ILE A 32 -4.35 -5.23 -0.80
N LEU A 33 -4.43 -5.25 -2.11
CA LEU A 33 -5.45 -6.03 -2.79
C LEU A 33 -4.85 -7.34 -3.29
N ASN A 34 -3.60 -7.24 -3.76
CA ASN A 34 -2.90 -8.40 -4.27
C ASN A 34 -1.43 -8.31 -3.86
N LYS A 35 -0.88 -9.46 -3.49
CA LYS A 35 0.52 -9.52 -3.07
C LYS A 35 1.24 -10.58 -3.92
N LYS A 36 1.60 -10.18 -5.12
CA LYS A 36 2.30 -11.07 -6.03
C LYS A 36 3.38 -11.83 -5.26
N GLY A 37 3.88 -11.20 -4.22
CA GLY A 37 4.90 -11.81 -3.39
C GLY A 37 5.81 -10.75 -2.77
N GLN A 38 6.48 -11.14 -1.70
CA GLN A 38 7.40 -10.24 -1.01
C GLN A 38 8.52 -9.80 -1.95
N GLN A 39 8.65 -10.53 -3.05
CA GLN A 39 9.68 -10.23 -4.02
C GLN A 39 9.04 -9.69 -5.31
N GLY A 40 8.88 -8.38 -5.36
CA GLY A 40 8.30 -7.74 -6.53
C GLY A 40 7.53 -6.48 -6.13
N TRP A 41 6.23 -6.50 -6.37
CA TRP A 41 5.38 -5.36 -6.05
C TRP A 41 4.05 -5.91 -5.53
N TRP A 42 3.24 -4.99 -5.02
CA TRP A 42 1.92 -5.37 -4.50
C TRP A 42 0.87 -4.52 -5.23
N ARG A 43 -0.27 -5.15 -5.48
CA ARG A 43 -1.36 -4.48 -6.16
C ARG A 43 -2.36 -3.92 -5.15
N GLY A 44 -2.27 -2.61 -4.94
CA GLY A 44 -3.16 -1.96 -4.00
C GLY A 44 -3.88 -0.77 -4.66
N GLU A 45 -4.47 0.06 -3.83
CA GLU A 45 -5.19 1.22 -4.31
C GLU A 45 -5.29 2.29 -3.22
N ILE A 46 -5.51 3.52 -3.66
CA ILE A 46 -5.62 4.64 -2.74
C ILE A 46 -6.60 5.67 -3.30
N TYR A 47 -7.56 6.04 -2.47
CA TYR A 47 -8.55 7.02 -2.88
C TYR A 47 -9.29 6.56 -4.14
N GLY A 48 -9.27 5.26 -4.35
CA GLY A 48 -9.93 4.68 -5.51
C GLY A 48 -8.98 4.64 -6.71
N ARG A 49 -7.70 4.83 -6.43
CA ARG A 49 -6.70 4.82 -7.47
C ARG A 49 -5.89 3.52 -7.42
N ILE A 50 -6.04 2.72 -8.47
CA ILE A 50 -5.34 1.45 -8.56
C ILE A 50 -3.97 1.67 -9.18
N GLY A 51 -3.04 0.79 -8.83
CA GLY A 51 -1.69 0.88 -9.35
C GLY A 51 -0.80 -0.20 -8.74
N TRP A 52 0.47 -0.17 -9.13
CA TRP A 52 1.44 -1.14 -8.64
C TRP A 52 2.53 -0.36 -7.89
N PHE A 53 3.02 -0.97 -6.82
CA PHE A 53 4.06 -0.36 -6.02
C PHE A 53 4.92 -1.43 -5.34
N PRO A 54 6.21 -1.05 -5.09
CA PRO A 54 7.14 -1.96 -4.44
C PRO A 54 6.84 -2.08 -2.95
N SER A 55 7.12 -3.26 -2.41
CA SER A 55 6.89 -3.52 -1.00
C SER A 55 8.08 -3.02 -0.18
N ASN A 56 9.02 -2.40 -0.87
CA ASN A 56 10.21 -1.88 -0.22
C ASN A 56 10.01 -0.39 0.07
N TYR A 57 8.94 0.16 -0.48
CA TYR A 57 8.62 1.55 -0.29
C TYR A 57 7.39 1.73 0.59
N VAL A 58 6.82 0.59 0.98
CA VAL A 58 5.64 0.60 1.82
C VAL A 58 5.88 -0.27 3.05
N GLU A 59 4.92 -0.24 3.97
CA GLU A 59 5.03 -1.01 5.19
C GLU A 59 3.65 -1.54 5.60
N GLU A 60 3.57 -2.85 5.75
CA GLU A 60 2.32 -3.49 6.14
C GLU A 60 2.45 -4.08 7.55
N ASP A 61 1.30 -4.47 8.10
CA ASP A 61 1.27 -5.05 9.42
C ASP A 61 2.24 -4.30 10.33
N TYR A 62 2.16 -2.98 10.26
CA TYR A 62 3.01 -2.13 11.07
C TYR A 62 2.29 -1.65 12.32
N SER A 63 0.99 -1.45 12.18
CA SER A 63 0.18 -0.99 13.29
C SER A 63 -1.29 -1.38 13.06
N GLU A 64 -2.00 -1.54 14.16
CA GLU A 64 -3.41 -1.91 14.09
C GLU A 64 -4.07 -1.73 15.45
N TYR A 65 -5.36 -1.38 15.42
CA TYR A 65 -6.11 -1.18 16.64
C TYR A 65 -5.49 -0.07 17.49
N LEU A 66 -5.30 1.08 16.87
CA LEU A 66 -4.71 2.21 17.55
C LEU A 66 -5.60 2.61 18.73
N PRO A 67 -4.98 3.28 19.74
CA PRO A 67 -5.70 3.71 20.92
C PRO A 67 -6.56 4.93 20.62
N GLU A 68 -7.75 4.94 21.21
CA GLU A 68 -8.68 6.03 21.01
C GLU A 68 -7.93 7.37 21.04
N THR A 69 -8.53 8.36 20.38
CA THR A 69 -7.93 9.68 20.32
C THR A 69 -8.28 10.48 21.58
N GLY A 1 -12.63 -7.25 -0.96
CA GLY A 1 -11.46 -7.57 -0.14
C GLY A 1 -11.44 -9.06 0.21
N PRO A 2 -10.87 -9.86 -0.72
CA PRO A 2 -10.77 -11.30 -0.52
C PRO A 2 -9.68 -11.64 0.49
N GLY A 3 -9.95 -11.31 1.74
CA GLY A 3 -9.01 -11.57 2.82
C GLY A 3 -9.10 -10.51 3.90
N THR A 4 -8.09 -10.50 4.78
CA THR A 4 -8.06 -9.54 5.86
C THR A 4 -6.84 -8.63 5.71
N PHE A 5 -6.72 -8.04 4.54
CA PHE A 5 -5.61 -7.14 4.25
C PHE A 5 -5.74 -5.85 5.06
N GLY A 6 -4.61 -5.15 5.19
CA GLY A 6 -4.59 -3.90 5.93
C GLY A 6 -4.25 -2.72 5.01
N THR A 7 -3.19 -2.02 5.36
CA THR A 7 -2.76 -0.88 4.57
C THR A 7 -1.23 -0.83 4.49
N ALA A 8 -0.74 0.21 3.83
CA ALA A 8 0.69 0.38 3.67
C ALA A 8 1.02 1.88 3.62
N LYS A 9 1.67 2.35 4.67
CA LYS A 9 2.04 3.75 4.76
C LYS A 9 3.30 3.99 3.92
N ALA A 10 3.17 4.87 2.94
CA ALA A 10 4.29 5.19 2.07
C ALA A 10 5.38 5.87 2.90
N ARG A 11 6.61 5.44 2.66
CA ARG A 11 7.75 6.00 3.36
C ARG A 11 8.58 6.88 2.43
N TYR A 12 8.20 6.85 1.16
CA TYR A 12 8.90 7.64 0.16
C TYR A 12 7.92 8.23 -0.86
N ASP A 13 8.12 9.50 -1.17
CA ASP A 13 7.27 10.19 -2.12
C ASP A 13 7.49 9.62 -3.52
N PHE A 14 6.60 8.71 -3.90
CA PHE A 14 6.68 8.07 -5.21
C PHE A 14 6.04 8.95 -6.29
N CYS A 15 6.12 8.45 -7.52
CA CYS A 15 5.55 9.17 -8.64
C CYS A 15 5.15 8.16 -9.72
N ALA A 16 3.85 8.02 -9.90
CA ALA A 16 3.34 7.09 -10.89
C ALA A 16 3.41 7.74 -12.29
N ARG A 17 3.80 6.92 -13.25
CA ARG A 17 3.92 7.39 -14.62
C ARG A 17 2.94 6.65 -15.53
N ASP A 18 2.30 5.64 -14.95
CA ASP A 18 1.33 4.85 -15.69
C ASP A 18 0.33 4.24 -14.72
N ARG A 19 -0.78 3.77 -15.27
CA ARG A 19 -1.83 3.17 -14.47
C ARG A 19 -1.32 1.88 -13.82
N SER A 20 -0.25 1.36 -14.39
CA SER A 20 0.35 0.13 -13.89
C SER A 20 1.09 0.41 -12.56
N GLU A 21 1.19 1.69 -12.25
CA GLU A 21 1.86 2.10 -11.02
C GLU A 21 0.87 2.84 -10.11
N LEU A 22 1.15 2.75 -8.81
CA LEU A 22 0.31 3.39 -7.82
C LEU A 22 0.97 4.69 -7.35
N SER A 23 0.16 5.71 -7.21
CA SER A 23 0.66 7.01 -6.77
C SER A 23 0.89 7.00 -5.26
N LEU A 24 2.16 6.91 -4.89
CA LEU A 24 2.52 6.89 -3.48
C LEU A 24 3.02 8.28 -3.07
N LYS A 25 2.82 8.57 -1.80
CA LYS A 25 3.25 9.86 -1.26
C LYS A 25 3.45 9.74 0.25
N GLU A 26 4.68 9.99 0.68
CA GLU A 26 5.01 9.91 2.09
C GLU A 26 3.88 10.49 2.93
N GLY A 27 3.55 9.76 4.00
CA GLY A 27 2.48 10.18 4.90
C GLY A 27 1.13 9.71 4.39
N ASP A 28 1.16 8.93 3.30
CA ASP A 28 -0.06 8.41 2.72
C ASP A 28 -0.16 6.91 3.01
N ILE A 29 -1.39 6.41 2.94
CA ILE A 29 -1.63 5.00 3.19
C ILE A 29 -2.01 4.31 1.88
N ILE A 30 -1.62 3.05 1.77
CA ILE A 30 -1.91 2.27 0.58
C ILE A 30 -2.78 1.07 0.96
N LYS A 31 -3.99 1.07 0.43
CA LYS A 31 -4.93 -0.01 0.71
C LYS A 31 -4.47 -1.27 -0.02
N ILE A 32 -4.05 -2.26 0.78
CA ILE A 32 -3.59 -3.51 0.21
C ILE A 32 -4.78 -4.28 -0.37
N LEU A 33 -4.68 -4.56 -1.66
CA LEU A 33 -5.73 -5.28 -2.35
C LEU A 33 -5.21 -6.65 -2.78
N ASN A 34 -4.03 -6.64 -3.39
CA ASN A 34 -3.41 -7.88 -3.84
C ASN A 34 -2.01 -8.00 -3.22
N LYS A 35 -1.60 -9.25 -3.05
CA LYS A 35 -0.29 -9.52 -2.48
C LYS A 35 0.46 -10.52 -3.36
N LYS A 36 1.06 -9.99 -4.41
CA LYS A 36 1.81 -10.81 -5.34
C LYS A 36 3.12 -11.27 -4.68
N GLY A 37 3.11 -12.52 -4.24
CA GLY A 37 4.27 -13.08 -3.58
C GLY A 37 4.75 -12.20 -2.44
N GLN A 38 5.72 -12.71 -1.70
CA GLN A 38 6.27 -11.97 -0.57
C GLN A 38 7.44 -11.09 -1.03
N GLN A 39 7.73 -11.18 -2.32
CA GLN A 39 8.82 -10.40 -2.90
C GLN A 39 8.37 -9.80 -4.24
N GLY A 40 8.66 -8.52 -4.40
CA GLY A 40 8.31 -7.81 -5.62
C GLY A 40 7.55 -6.52 -5.31
N TRP A 41 6.26 -6.54 -5.58
CA TRP A 41 5.42 -5.38 -5.34
C TRP A 41 4.06 -5.87 -4.82
N TRP A 42 3.24 -4.92 -4.40
CA TRP A 42 1.92 -5.25 -3.90
C TRP A 42 0.91 -4.33 -4.59
N ARG A 43 -0.27 -4.89 -4.84
CA ARG A 43 -1.33 -4.14 -5.50
C ARG A 43 -2.20 -3.43 -4.46
N GLY A 44 -2.44 -2.15 -4.72
CA GLY A 44 -3.26 -1.36 -3.81
C GLY A 44 -3.97 -0.22 -4.56
N GLU A 45 -4.30 0.83 -3.82
CA GLU A 45 -4.97 1.97 -4.40
C GLU A 45 -4.96 3.14 -3.43
N ILE A 46 -5.10 4.33 -3.98
CA ILE A 46 -5.11 5.55 -3.17
C ILE A 46 -6.02 6.58 -3.82
N TYR A 47 -6.99 7.04 -3.04
CA TYR A 47 -7.94 8.03 -3.52
C TYR A 47 -8.75 7.49 -4.71
N GLY A 48 -8.74 6.17 -4.82
CA GLY A 48 -9.47 5.52 -5.90
C GLY A 48 -8.53 5.18 -7.07
N ARG A 49 -7.29 5.60 -6.92
CA ARG A 49 -6.29 5.36 -7.94
C ARG A 49 -5.62 4.00 -7.72
N ILE A 50 -5.83 3.11 -8.67
CA ILE A 50 -5.26 1.78 -8.59
C ILE A 50 -3.86 1.80 -9.21
N GLY A 51 -3.03 0.85 -8.77
CA GLY A 51 -1.67 0.75 -9.28
C GLY A 51 -0.88 -0.29 -8.50
N TRP A 52 0.44 -0.22 -8.64
CA TRP A 52 1.32 -1.15 -7.95
C TRP A 52 2.39 -0.35 -7.22
N PHE A 53 3.16 -1.05 -6.40
CA PHE A 53 4.22 -0.40 -5.64
C PHE A 53 5.03 -1.43 -4.85
N PRO A 54 6.31 -1.08 -4.61
CA PRO A 54 7.20 -1.96 -3.87
C PRO A 54 6.88 -1.95 -2.38
N SER A 55 7.08 -3.10 -1.74
CA SER A 55 6.82 -3.23 -0.32
C SER A 55 8.03 -2.77 0.48
N ASN A 56 9.03 -2.27 -0.25
CA ASN A 56 10.24 -1.79 0.39
C ASN A 56 10.20 -0.26 0.48
N TYR A 57 9.14 0.29 -0.09
CA TYR A 57 8.97 1.74 -0.08
C TYR A 57 7.80 2.15 0.82
N VAL A 58 7.12 1.14 1.33
CA VAL A 58 5.98 1.39 2.21
C VAL A 58 6.15 0.56 3.49
N GLU A 59 5.34 0.90 4.48
CA GLU A 59 5.39 0.21 5.76
C GLU A 59 4.11 -0.61 5.97
N GLU A 60 4.31 -1.85 6.39
CA GLU A 60 3.19 -2.74 6.63
C GLU A 60 3.03 -3.00 8.13
N ASP A 61 1.78 -3.09 8.55
CA ASP A 61 1.47 -3.33 9.95
C ASP A 61 2.44 -2.52 10.81
N TYR A 62 2.86 -1.39 10.28
CA TYR A 62 3.79 -0.53 11.00
C TYR A 62 3.33 -0.31 12.44
N SER A 63 2.03 -0.45 12.65
CA SER A 63 1.45 -0.28 13.96
C SER A 63 0.08 -0.93 14.03
N GLU A 64 -0.31 -1.33 15.23
CA GLU A 64 -1.60 -1.96 15.44
C GLU A 64 -2.67 -0.90 15.72
N TYR A 65 -3.85 -1.14 15.15
CA TYR A 65 -4.96 -0.22 15.34
C TYR A 65 -6.03 -0.81 16.26
N LEU A 66 -5.57 -1.27 17.41
CA LEU A 66 -6.47 -1.87 18.38
C LEU A 66 -7.35 -0.78 19.00
N PRO A 67 -8.54 -1.21 19.52
CA PRO A 67 -9.47 -0.28 20.12
C PRO A 67 -8.98 0.14 21.52
N GLU A 68 -9.39 1.34 21.92
CA GLU A 68 -9.00 1.86 23.22
C GLU A 68 -9.87 1.24 24.32
N THR A 69 -9.31 1.18 25.51
CA THR A 69 -10.01 0.61 26.65
C THR A 69 -11.19 1.51 27.04
N GLY A 1 -9.69 -16.44 -2.06
CA GLY A 1 -8.76 -17.56 -2.09
C GLY A 1 -7.90 -17.61 -0.83
N PRO A 2 -7.01 -18.62 -0.78
CA PRO A 2 -6.13 -18.78 0.37
C PRO A 2 -5.00 -17.74 0.35
N GLY A 3 -5.12 -16.77 1.24
CA GLY A 3 -4.13 -15.72 1.33
C GLY A 3 -4.79 -14.37 1.63
N THR A 4 -5.57 -14.34 2.70
CA THR A 4 -6.27 -13.13 3.10
C THR A 4 -5.29 -11.95 3.13
N PHE A 5 -5.84 -10.77 2.87
CA PHE A 5 -5.04 -9.56 2.86
C PHE A 5 -5.62 -8.50 3.80
N GLY A 6 -4.98 -7.34 3.82
CA GLY A 6 -5.42 -6.25 4.66
C GLY A 6 -5.17 -4.90 3.99
N THR A 7 -4.26 -4.14 4.59
CA THR A 7 -3.91 -2.83 4.06
C THR A 7 -2.41 -2.61 4.14
N ALA A 8 -1.98 -1.44 3.69
CA ALA A 8 -0.58 -1.09 3.70
C ALA A 8 -0.42 0.42 3.86
N LYS A 9 -0.04 0.82 5.07
CA LYS A 9 0.14 2.23 5.37
C LYS A 9 1.43 2.72 4.72
N ALA A 10 1.27 3.62 3.75
CA ALA A 10 2.41 4.17 3.05
C ALA A 10 3.34 4.86 4.05
N ARG A 11 4.61 4.46 4.00
CA ARG A 11 5.60 5.04 4.89
C ARG A 11 6.53 5.97 4.12
N TYR A 12 6.30 6.04 2.81
CA TYR A 12 7.10 6.89 1.96
C TYR A 12 6.31 7.33 0.73
N ASP A 13 6.31 8.64 0.49
CA ASP A 13 5.60 9.19 -0.65
C ASP A 13 6.25 8.69 -1.94
N PHE A 14 5.54 7.83 -2.64
CA PHE A 14 6.05 7.28 -3.89
C PHE A 14 5.38 7.95 -5.09
N CYS A 15 6.21 8.35 -6.04
CA CYS A 15 5.72 9.00 -7.24
C CYS A 15 5.39 7.92 -8.27
N ALA A 16 4.17 8.00 -8.79
CA ALA A 16 3.72 7.04 -9.79
C ALA A 16 4.23 7.46 -11.17
N ARG A 17 5.26 6.76 -11.61
CA ARG A 17 5.85 7.06 -12.91
C ARG A 17 4.76 7.39 -13.93
N ASP A 18 3.63 6.72 -13.77
CA ASP A 18 2.50 6.94 -14.67
C ASP A 18 1.21 6.52 -13.97
N ARG A 19 0.09 6.78 -14.63
CA ARG A 19 -1.21 6.43 -14.10
C ARG A 19 -1.28 4.92 -13.83
N SER A 20 -0.49 4.18 -14.58
CA SER A 20 -0.46 2.73 -14.44
C SER A 20 0.17 2.35 -13.10
N GLU A 21 0.94 3.28 -12.55
CA GLU A 21 1.59 3.06 -11.28
C GLU A 21 0.78 3.68 -10.14
N LEU A 22 0.82 3.02 -8.99
CA LEU A 22 0.09 3.49 -7.83
C LEU A 22 0.93 4.54 -7.10
N SER A 23 0.28 5.65 -6.76
CA SER A 23 0.95 6.73 -6.06
C SER A 23 0.75 6.58 -4.55
N LEU A 24 1.85 6.50 -3.83
CA LEU A 24 1.81 6.37 -2.39
C LEU A 24 1.97 7.74 -1.75
N LYS A 25 1.54 7.83 -0.50
CA LYS A 25 1.63 9.08 0.25
C LYS A 25 1.62 8.78 1.74
N GLU A 26 2.76 9.01 2.36
CA GLU A 26 2.91 8.78 3.80
C GLU A 26 1.63 9.21 4.53
N GLY A 27 1.21 8.36 5.46
CA GLY A 27 0.01 8.64 6.23
C GLY A 27 -1.23 8.14 5.50
N ASP A 28 -1.00 7.44 4.40
CA ASP A 28 -2.10 6.91 3.61
C ASP A 28 -2.12 5.38 3.75
N ILE A 29 -3.29 4.82 3.49
CA ILE A 29 -3.46 3.38 3.59
C ILE A 29 -3.64 2.80 2.18
N ILE A 30 -2.99 1.67 1.96
CA ILE A 30 -3.07 1.01 0.67
C ILE A 30 -3.75 -0.35 0.84
N LYS A 31 -4.90 -0.50 0.19
CA LYS A 31 -5.65 -1.73 0.25
C LYS A 31 -4.99 -2.79 -0.63
N ILE A 32 -4.48 -3.82 0.02
CA ILE A 32 -3.82 -4.90 -0.69
C ILE A 32 -4.85 -5.71 -1.48
N LEU A 33 -4.60 -5.81 -2.77
CA LEU A 33 -5.51 -6.55 -3.64
C LEU A 33 -4.77 -7.75 -4.23
N ASN A 34 -3.53 -7.50 -4.65
CA ASN A 34 -2.72 -8.55 -5.23
C ASN A 34 -1.33 -8.51 -4.61
N LYS A 35 -0.65 -9.64 -4.68
CA LYS A 35 0.69 -9.76 -4.13
C LYS A 35 1.58 -10.53 -5.10
N LYS A 36 2.03 -9.83 -6.12
CA LYS A 36 2.90 -10.43 -7.13
C LYS A 36 4.14 -11.01 -6.45
N GLY A 37 5.07 -11.46 -7.28
CA GLY A 37 6.31 -12.03 -6.78
C GLY A 37 6.80 -11.27 -5.54
N GLN A 38 7.31 -12.03 -4.59
CA GLN A 38 7.81 -11.44 -3.36
C GLN A 38 8.94 -10.46 -3.66
N GLN A 39 9.30 -9.67 -2.66
CA GLN A 39 10.35 -8.69 -2.81
C GLN A 39 10.18 -7.92 -4.13
N GLY A 40 8.94 -7.86 -4.58
CA GLY A 40 8.62 -7.16 -5.81
C GLY A 40 7.75 -5.94 -5.54
N TRP A 41 6.47 -6.06 -5.88
CA TRP A 41 5.54 -4.98 -5.68
C TRP A 41 4.20 -5.59 -5.25
N TRP A 42 3.27 -4.71 -4.87
CA TRP A 42 1.96 -5.15 -4.43
C TRP A 42 0.91 -4.30 -5.17
N ARG A 43 -0.08 -4.99 -5.71
CA ARG A 43 -1.14 -4.33 -6.44
C ARG A 43 -2.28 -3.96 -5.49
N GLY A 44 -2.46 -2.65 -5.30
CA GLY A 44 -3.52 -2.17 -4.43
C GLY A 44 -4.31 -1.05 -5.10
N GLU A 45 -4.85 -0.16 -4.28
CA GLU A 45 -5.63 0.95 -4.77
C GLU A 45 -5.80 2.01 -3.69
N ILE A 46 -6.06 3.24 -4.13
CA ILE A 46 -6.24 4.34 -3.21
C ILE A 46 -7.14 5.40 -3.86
N TYR A 47 -8.17 5.77 -3.12
CA TYR A 47 -9.11 6.77 -3.61
C TYR A 47 -9.80 6.29 -4.89
N GLY A 48 -9.80 4.98 -5.07
CA GLY A 48 -10.41 4.38 -6.25
C GLY A 48 -9.41 4.26 -7.39
N ARG A 49 -8.17 4.62 -7.09
CA ARG A 49 -7.10 4.57 -8.08
C ARG A 49 -6.33 3.25 -7.94
N ILE A 50 -6.36 2.47 -9.02
CA ILE A 50 -5.68 1.20 -9.05
C ILE A 50 -4.27 1.38 -9.61
N GLY A 51 -3.41 0.42 -9.30
CA GLY A 51 -2.04 0.48 -9.78
C GLY A 51 -1.16 -0.50 -9.00
N TRP A 52 0.14 -0.23 -9.03
CA TRP A 52 1.10 -1.08 -8.34
C TRP A 52 2.01 -0.17 -7.50
N PHE A 53 2.87 -0.81 -6.73
CA PHE A 53 3.79 -0.07 -5.88
C PHE A 53 4.71 -1.04 -5.11
N PRO A 54 5.90 -0.50 -4.73
CA PRO A 54 6.87 -1.30 -3.99
C PRO A 54 6.45 -1.47 -2.53
N SER A 55 6.78 -2.63 -1.99
CA SER A 55 6.44 -2.93 -0.60
C SER A 55 7.50 -2.34 0.34
N ASN A 56 8.57 -1.85 -0.27
CA ASN A 56 9.65 -1.26 0.49
C ASN A 56 9.26 0.14 0.92
N TYR A 57 8.21 0.64 0.30
CA TYR A 57 7.71 1.98 0.61
C TYR A 57 6.32 1.93 1.24
N VAL A 58 6.03 0.79 1.87
CA VAL A 58 4.75 0.59 2.52
C VAL A 58 4.91 -0.43 3.65
N GLU A 59 3.87 -0.51 4.47
CA GLU A 59 3.88 -1.44 5.59
C GLU A 59 2.78 -2.48 5.42
N GLU A 60 2.81 -3.48 6.29
CA GLU A 60 1.83 -4.55 6.25
C GLU A 60 1.56 -5.08 7.66
N ASP A 61 0.29 -5.36 7.91
CA ASP A 61 -0.11 -5.88 9.21
C ASP A 61 0.56 -5.05 10.31
N TYR A 62 0.87 -3.81 9.96
CA TYR A 62 1.50 -2.90 10.91
C TYR A 62 0.63 -2.73 12.16
N SER A 63 1.10 -1.85 13.05
CA SER A 63 0.39 -1.58 14.29
C SER A 63 -0.26 -0.21 14.23
N GLU A 64 -1.01 0.11 15.28
CA GLU A 64 -1.69 1.38 15.36
C GLU A 64 -1.07 2.24 16.46
N TYR A 65 -1.07 3.55 16.22
CA TYR A 65 -0.52 4.49 17.17
C TYR A 65 -1.57 5.50 17.63
N LEU A 66 -2.70 4.97 18.06
CA LEU A 66 -3.80 5.80 18.53
C LEU A 66 -3.23 6.92 19.43
N PRO A 67 -4.01 8.03 19.51
CA PRO A 67 -3.60 9.16 20.33
C PRO A 67 -3.79 8.87 21.81
N GLU A 68 -3.34 9.81 22.63
CA GLU A 68 -3.45 9.67 24.07
C GLU A 68 -4.93 9.70 24.50
N THR A 69 -5.76 10.18 23.58
CA THR A 69 -7.19 10.27 23.84
C THR A 69 -7.76 8.89 24.19
#